data_7SD7
# 
_entry.id   7SD7 
# 
_audit_conform.dict_name       mmcif_pdbx.dic 
_audit_conform.dict_version    5.392 
_audit_conform.dict_location   http://mmcif.pdb.org/dictionaries/ascii/mmcif_pdbx.dic 
# 
loop_
_database_2.database_id 
_database_2.database_code 
_database_2.pdbx_database_accession 
_database_2.pdbx_DOI 
PDB   7SD7         pdb_00007sd7 10.2210/pdb7sd7/pdb 
WWPDB D_1000259455 ?            ?                   
# 
loop_
_pdbx_audit_revision_history.ordinal 
_pdbx_audit_revision_history.data_content_type 
_pdbx_audit_revision_history.major_revision 
_pdbx_audit_revision_history.minor_revision 
_pdbx_audit_revision_history.revision_date 
1 'Structure model' 1 0 2022-10-05 
2 'Structure model' 1 1 2023-04-05 
3 'Structure model' 1 2 2024-05-22 
# 
_pdbx_audit_revision_details.ordinal             1 
_pdbx_audit_revision_details.revision_ordinal    1 
_pdbx_audit_revision_details.data_content_type   'Structure model' 
_pdbx_audit_revision_details.provider            repository 
_pdbx_audit_revision_details.type                'Initial release' 
_pdbx_audit_revision_details.description         ? 
_pdbx_audit_revision_details.details             ? 
# 
loop_
_pdbx_audit_revision_group.ordinal 
_pdbx_audit_revision_group.revision_ordinal 
_pdbx_audit_revision_group.data_content_type 
_pdbx_audit_revision_group.group 
1 2 'Structure model' 'Database references' 
2 3 'Structure model' 'Data collection'     
# 
loop_
_pdbx_audit_revision_category.ordinal 
_pdbx_audit_revision_category.revision_ordinal 
_pdbx_audit_revision_category.data_content_type 
_pdbx_audit_revision_category.category 
1 2 'Structure model' citation        
2 2 'Structure model' citation_author 
3 3 'Structure model' chem_comp_atom  
4 3 'Structure model' chem_comp_bond  
# 
loop_
_pdbx_audit_revision_item.ordinal 
_pdbx_audit_revision_item.revision_ordinal 
_pdbx_audit_revision_item.data_content_type 
_pdbx_audit_revision_item.item 
1 2 'Structure model' '_citation.journal_abbrev'          
2 2 'Structure model' '_citation.journal_id_CSD'          
3 2 'Structure model' '_citation.journal_id_ISSN'         
4 2 'Structure model' '_citation.page_first'              
5 2 'Structure model' '_citation.page_last'               
6 2 'Structure model' '_citation.pdbx_database_id_DOI'    
7 2 'Structure model' '_citation.pdbx_database_id_PubMed' 
8 2 'Structure model' '_citation.title'                   
9 2 'Structure model' '_citation.year'                    
# 
_pdbx_database_status.status_code                     REL 
_pdbx_database_status.status_code_sf                  REL 
_pdbx_database_status.status_code_mr                  ? 
_pdbx_database_status.entry_id                        7SD7 
_pdbx_database_status.recvd_initial_deposition_date   2021-09-29 
_pdbx_database_status.SG_entry                        N 
_pdbx_database_status.deposit_site                    RCSB 
_pdbx_database_status.process_site                    RCSB 
_pdbx_database_status.status_code_cs                  ? 
_pdbx_database_status.status_code_nmr_data            ? 
_pdbx_database_status.methods_development_category    ? 
_pdbx_database_status.pdb_format_compatible           Y 
# 
_pdbx_database_related.db_name        PDB 
_pdbx_database_related.details        '7SD6 contains a different base pair in the same motif.' 
_pdbx_database_related.db_id          7SD6 
_pdbx_database_related.content_type   unspecified 
# 
_pdbx_contact_author.id                 3 
_pdbx_contact_author.email              ncs01@nyu.edu 
_pdbx_contact_author.name_first         Nadrian 
_pdbx_contact_author.name_last          Seeman 
_pdbx_contact_author.name_mi            ? 
_pdbx_contact_author.role               'principal investigator/group leader' 
_pdbx_contact_author.identifier_ORCID   0000-0002-9680-4649 
# 
loop_
_audit_author.name 
_audit_author.pdbx_ordinal 
_audit_author.identifier_ORCID 
'Vecchioni, S.' 1 0000-0001-8243-650X 
'Lu, B.'        2 0000-0001-6424-2197 
'Seeman, N.C.'  3 0000-0002-9680-4649 
'Sha, R.'       4 0000-0002-0807-734X 
'Ohayon, Y.P.'  5 0000-0001-7500-4282 
# 
_citation.abstract                  ? 
_citation.abstract_id_CAS           ? 
_citation.book_id_ISBN              ? 
_citation.book_publisher            ? 
_citation.book_publisher_city       ? 
_citation.book_title                ? 
_citation.coordinate_linkage        ? 
_citation.country                   ? 
_citation.database_id_Medline       ? 
_citation.details                   ? 
_citation.id                        primary 
_citation.journal_abbrev            'Adv Mater' 
_citation.journal_id_ASTM           ? 
_citation.journal_id_CSD            ? 
_citation.journal_id_ISSN           1521-4095 
_citation.journal_full              ? 
_citation.journal_issue             ? 
_citation.journal_volume            ? 
_citation.language                  ? 
_citation.page_first                e2201938 
_citation.page_last                 e2201938 
_citation.title                     'Metal-Mediated DNA Nanotechnology in 3D: Structural Library by Templated Diffraction.' 
_citation.year                      2023 
_citation.database_id_CSD           ? 
_citation.pdbx_database_id_DOI      10.1002/adma.202201938 
_citation.pdbx_database_id_PubMed   36939292 
_citation.pdbx_database_id_patent   ? 
_citation.unpublished_flag          ? 
# 
loop_
_citation_author.citation_id 
_citation_author.name 
_citation_author.ordinal 
_citation_author.identifier_ORCID 
primary 'Vecchioni, S.'     1  ? 
primary 'Lu, B.'            2  ? 
primary 'Livernois, W.'     3  ? 
primary 'Ohayon, Y.P.'      4  ? 
primary 'Yoder, J.B.'       5  ? 
primary 'Yang, C.F.'        6  ? 
primary 'Woloszyn, K.'      7  ? 
primary 'Bernfeld, W.'      8  ? 
primary 'Anantram, M.P.'    9  ? 
primary 'Canary, J.W.'      10 ? 
primary 'Hendrickson, W.A.' 11 ? 
primary 'Rothschild, L.J.'  12 ? 
primary 'Mao, C.'           13 ? 
primary 'Wind, S.J.'        14 ? 
primary 'Seeman, N.C.'      15 ? 
primary 'Sha, R.'           16 ? 
# 
loop_
_entity.id 
_entity.type 
_entity.src_method 
_entity.pdbx_description 
_entity.formula_weight 
_entity.pdbx_number_of_molecules 
_entity.pdbx_ec 
_entity.pdbx_mutation 
_entity.pdbx_fragment 
_entity.details 
1 polymer     syn 
;DNA (5'-D(*GP*AP*GP*CP*AP*GP*CP*CP*TP*GP*TP*CP*TP*GP*GP*AP*CP*AP*TP*CP*A)-3')
;
6448.173 1 ? ? ? ? 
2 polymer     syn 
;DNA (5'-D(P*CP*CP*AP*TP*AP*CP*A)-3')
;
2066.401 1 ? ? ? ? 
3 polymer     syn 
;DNA (5'-D(P*GP*GP*CP*TP*GP*C)-3')
;
1825.216 1 ? ? ? ? 
4 polymer     syn 
;DNA (5'-D(*TP*CP*TP*GP*AP*TP*GP*T)-3')
;
2432.614 1 ? ? ? ? 
5 non-polymer syn 'MERCURY (II) ION'                                                              200.590  1 ? ? ? ? 
# 
loop_
_entity_poly.entity_id 
_entity_poly.type 
_entity_poly.nstd_linkage 
_entity_poly.nstd_monomer 
_entity_poly.pdbx_seq_one_letter_code 
_entity_poly.pdbx_seq_one_letter_code_can 
_entity_poly.pdbx_strand_id 
_entity_poly.pdbx_target_identifier 
1 polydeoxyribonucleotide no no 
;(DG)(DA)(DG)(DC)(DA)(DG)(DC)(DC)(DT)(DG)(DT)(DC)(DT)(DG)(DG)(DA)(DC)(DA)(DT)(DC)
(DA)
;
GAGCAGCCTGTCTGGACATCA A ? 
2 polydeoxyribonucleotide no no '(DC)(DC)(DA)(DT)(DA)(DC)(DA)'                                                          CCATACA B 
? 
3 polydeoxyribonucleotide no no '(DG)(DG)(DC)(DT)(DG)(DC)'                                                              GGCTGC C ? 
4 polydeoxyribonucleotide no no '(DT)(DC)(DT)(DG)(DA)(DT)(DG)(DT)'                                                      TCTGATGT D 
? 
# 
_pdbx_entity_nonpoly.entity_id   5 
_pdbx_entity_nonpoly.name        'MERCURY (II) ION' 
_pdbx_entity_nonpoly.comp_id     HG 
# 
loop_
_entity_poly_seq.entity_id 
_entity_poly_seq.num 
_entity_poly_seq.mon_id 
_entity_poly_seq.hetero 
1 1  DG n 
1 2  DA n 
1 3  DG n 
1 4  DC n 
1 5  DA n 
1 6  DG n 
1 7  DC n 
1 8  DC n 
1 9  DT n 
1 10 DG n 
1 11 DT n 
1 12 DC n 
1 13 DT n 
1 14 DG n 
1 15 DG n 
1 16 DA n 
1 17 DC n 
1 18 DA n 
1 19 DT n 
1 20 DC n 
1 21 DA n 
2 1  DC n 
2 2  DC n 
2 3  DA n 
2 4  DT n 
2 5  DA n 
2 6  DC n 
2 7  DA n 
3 1  DG n 
3 2  DG n 
3 3  DC n 
3 4  DT n 
3 5  DG n 
3 6  DC n 
4 1  DT n 
4 2  DC n 
4 3  DT n 
4 4  DG n 
4 5  DA n 
4 6  DT n 
4 7  DG n 
4 8  DT n 
# 
loop_
_pdbx_entity_src_syn.entity_id 
_pdbx_entity_src_syn.pdbx_src_id 
_pdbx_entity_src_syn.pdbx_alt_source_flag 
_pdbx_entity_src_syn.pdbx_beg_seq_num 
_pdbx_entity_src_syn.pdbx_end_seq_num 
_pdbx_entity_src_syn.organism_scientific 
_pdbx_entity_src_syn.organism_common_name 
_pdbx_entity_src_syn.ncbi_taxonomy_id 
_pdbx_entity_src_syn.details 
1 1 sample 1 21 'synthetic construct' ? 32630 ? 
2 1 sample 1 7  'synthetic construct' ? 32630 ? 
3 1 sample 1 6  'synthetic construct' ? 32630 ? 
4 1 sample 1 8  'synthetic construct' ? 32630 ? 
# 
loop_
_chem_comp.id 
_chem_comp.type 
_chem_comp.mon_nstd_flag 
_chem_comp.name 
_chem_comp.pdbx_synonyms 
_chem_comp.formula 
_chem_comp.formula_weight 
DA 'DNA linking' y "2'-DEOXYADENOSINE-5'-MONOPHOSPHATE" ? 'C10 H14 N5 O6 P' 331.222 
DC 'DNA linking' y "2'-DEOXYCYTIDINE-5'-MONOPHOSPHATE"  ? 'C9 H14 N3 O7 P'  307.197 
DG 'DNA linking' y "2'-DEOXYGUANOSINE-5'-MONOPHOSPHATE" ? 'C10 H14 N5 O7 P' 347.221 
DT 'DNA linking' y "THYMIDINE-5'-MONOPHOSPHATE"         ? 'C10 H15 N2 O8 P' 322.208 
HG non-polymer   . 'MERCURY (II) ION'                   ? 'Hg 2'            200.590 
# 
loop_
_pdbx_poly_seq_scheme.asym_id 
_pdbx_poly_seq_scheme.entity_id 
_pdbx_poly_seq_scheme.seq_id 
_pdbx_poly_seq_scheme.mon_id 
_pdbx_poly_seq_scheme.ndb_seq_num 
_pdbx_poly_seq_scheme.pdb_seq_num 
_pdbx_poly_seq_scheme.auth_seq_num 
_pdbx_poly_seq_scheme.pdb_mon_id 
_pdbx_poly_seq_scheme.auth_mon_id 
_pdbx_poly_seq_scheme.pdb_strand_id 
_pdbx_poly_seq_scheme.pdb_ins_code 
_pdbx_poly_seq_scheme.hetero 
A 1 1  DG 1  101 101 DG DG A . n 
A 1 2  DA 2  102 102 DA DA A . n 
A 1 3  DG 3  103 103 DG DG A . n 
A 1 4  DC 4  104 104 DC DC A . n 
A 1 5  DA 5  105 105 DA DA A . n 
A 1 6  DG 6  106 106 DG DG A . n 
A 1 7  DC 7  107 107 DC DC A . n 
A 1 8  DC 8  108 108 DC DC A . n 
A 1 9  DT 9  109 109 DT DT A . n 
A 1 10 DG 10 110 110 DG DG A . n 
A 1 11 DT 11 111 111 DT DT A . n 
A 1 12 DC 12 112 112 DC DC A . n 
A 1 13 DT 13 113 113 DT DT A . n 
A 1 14 DG 14 114 114 DG DG A . n 
A 1 15 DG 15 115 115 DG DG A . n 
A 1 16 DA 16 116 116 DA DA A . n 
A 1 17 DC 17 117 117 DC DC A . n 
A 1 18 DA 18 118 118 DA DA A . n 
A 1 19 DT 19 119 119 DT DT A . n 
A 1 20 DC 20 120 120 DC DC A . n 
A 1 21 DA 21 121 121 DA DA A . n 
B 2 1  DC 1  119 119 DC DC B . n 
B 2 2  DC 2  120 120 DC DC B . n 
B 2 3  DA 3  121 121 DA DA B . n 
B 2 4  DT 4  122 122 DT DT B . n 
B 2 5  DA 5  123 123 DA DA B . n 
B 2 6  DC 6  124 124 DC DC B . n 
B 2 7  DA 7  125 125 DA DA B . n 
C 3 1  DG 1  209 209 DG DG C . n 
C 3 2  DG 2  210 210 DG DG C . n 
C 3 3  DC 3  211 211 DC DC C . n 
C 3 4  DT 4  212 212 DT DT C . n 
C 3 5  DG 5  213 213 DG DG C . n 
C 3 6  DC 6  214 214 DC DC C . n 
D 4 1  DT 1  101 101 DT DT D . n 
D 4 2  DC 2  102 102 DC DC D . n 
D 4 3  DT 3  103 103 DT DT D . n 
D 4 4  DG 4  104 104 DG DG D . n 
D 4 5  DA 5  105 105 DA DA D . n 
D 4 6  DT 6  106 106 DT DT D . n 
D 4 7  DG 7  107 107 DG DG D . n 
D 4 8  DT 8  108 108 DT DT D . n 
# 
_pdbx_nonpoly_scheme.asym_id         E 
_pdbx_nonpoly_scheme.entity_id       5 
_pdbx_nonpoly_scheme.mon_id          HG 
_pdbx_nonpoly_scheme.ndb_seq_num     1 
_pdbx_nonpoly_scheme.pdb_seq_num     201 
_pdbx_nonpoly_scheme.auth_seq_num    201 
_pdbx_nonpoly_scheme.pdb_mon_id      HG 
_pdbx_nonpoly_scheme.auth_mon_id     HG 
_pdbx_nonpoly_scheme.pdb_strand_id   B 
_pdbx_nonpoly_scheme.pdb_ins_code    . 
# 
loop_
_software.citation_id 
_software.classification 
_software.compiler_name 
_software.compiler_version 
_software.contact_author 
_software.contact_author_email 
_software.date 
_software.description 
_software.dependencies 
_software.hardware 
_software.language 
_software.location 
_software.mods 
_software.name 
_software.os 
_software.os_version 
_software.type 
_software.version 
_software.pdbx_ordinal 
? refinement       ? ? ? ? ? ? ? ? ? ? ? PHENIX    ? ? ? 1.18.2_3874 1 
? 'data reduction' ? ? ? ? ? ? ? ? ? ? ? autoPROC  ? ? ? .           2 
? 'data scaling'   ? ? ? ? ? ? ? ? ? ? ? STARANISO ? ? ? .           3 
? phasing          ? ? ? ? ? ? ? ? ? ? ? AutoSol   ? ? ? .           4 
# 
_cell.angle_alpha                  90.000 
_cell.angle_alpha_esd              ? 
_cell.angle_beta                   90.000 
_cell.angle_beta_esd               ? 
_cell.angle_gamma                  120.000 
_cell.angle_gamma_esd              ? 
_cell.entry_id                     7SD7 
_cell.details                      ? 
_cell.formula_units_Z              ? 
_cell.length_a                     105.587 
_cell.length_a_esd                 ? 
_cell.length_b                     105.587 
_cell.length_b_esd                 ? 
_cell.length_c                     89.084 
_cell.length_c_esd                 ? 
_cell.volume                       860104.544 
_cell.volume_esd                   ? 
_cell.Z_PDB                        9 
_cell.reciprocal_angle_alpha       ? 
_cell.reciprocal_angle_beta        ? 
_cell.reciprocal_angle_gamma       ? 
_cell.reciprocal_angle_alpha_esd   ? 
_cell.reciprocal_angle_beta_esd    ? 
_cell.reciprocal_angle_gamma_esd   ? 
_cell.reciprocal_length_a          ? 
_cell.reciprocal_length_b          ? 
_cell.reciprocal_length_c          ? 
_cell.reciprocal_length_a_esd      ? 
_cell.reciprocal_length_b_esd      ? 
_cell.reciprocal_length_c_esd      ? 
_cell.pdbx_unique_axis             ? 
# 
_symmetry.entry_id                         7SD7 
_symmetry.cell_setting                     ? 
_symmetry.Int_Tables_number                146 
_symmetry.space_group_name_Hall            'R 3' 
_symmetry.space_group_name_H-M             'H 3' 
_symmetry.pdbx_full_space_group_name_H-M   ? 
# 
_exptl.absorpt_coefficient_mu     ? 
_exptl.absorpt_correction_T_max   ? 
_exptl.absorpt_correction_T_min   ? 
_exptl.absorpt_correction_type    ? 
_exptl.absorpt_process_details    ? 
_exptl.entry_id                   7SD7 
_exptl.crystals_number            1 
_exptl.details                    ? 
_exptl.method                     'X-RAY DIFFRACTION' 
_exptl.method_details             ? 
# 
_exptl_crystal.colour                      ? 
_exptl_crystal.density_diffrn              ? 
_exptl_crystal.density_Matthews            7.48 
_exptl_crystal.density_method              ? 
_exptl_crystal.density_percent_sol         ? 
_exptl_crystal.description                 Rhombohedral 
_exptl_crystal.F_000                       ? 
_exptl_crystal.id                          1 
_exptl_crystal.preparation                 ? 
_exptl_crystal.size_max                    ? 
_exptl_crystal.size_mid                    ? 
_exptl_crystal.size_min                    ? 
_exptl_crystal.size_rad                    ? 
_exptl_crystal.colour_lustre               ? 
_exptl_crystal.colour_modifier             ? 
_exptl_crystal.colour_primary              ? 
_exptl_crystal.density_meas                ? 
_exptl_crystal.density_meas_esd            ? 
_exptl_crystal.density_meas_gt             ? 
_exptl_crystal.density_meas_lt             ? 
_exptl_crystal.density_meas_temp           ? 
_exptl_crystal.density_meas_temp_esd       ? 
_exptl_crystal.density_meas_temp_gt        ? 
_exptl_crystal.density_meas_temp_lt        ? 
_exptl_crystal.pdbx_crystal_image_url      ? 
_exptl_crystal.pdbx_crystal_image_format   ? 
_exptl_crystal.pdbx_mosaicity              ? 
_exptl_crystal.pdbx_mosaicity_esd          ? 
# 
_exptl_crystal_grow.apparatus       ? 
_exptl_crystal_grow.atmosphere      ? 
_exptl_crystal_grow.crystal_id      1 
_exptl_crystal_grow.details         ? 
_exptl_crystal_grow.method          'VAPOR DIFFUSION, HANGING DROP' 
_exptl_crystal_grow.method_ref      ? 
_exptl_crystal_grow.pH              7.8 
_exptl_crystal_grow.pressure        ? 
_exptl_crystal_grow.pressure_esd    ? 
_exptl_crystal_grow.seeding         ? 
_exptl_crystal_grow.seeding_ref     ? 
_exptl_crystal_grow.temp            293 
_exptl_crystal_grow.temp_details    '338-293 at 0.4/hr' 
_exptl_crystal_grow.temp_esd        ? 
_exptl_crystal_grow.time            ? 
_exptl_crystal_grow.pdbx_details    'MOPS, Magnesium sulfate, Mercury chloride' 
_exptl_crystal_grow.pdbx_pH_range   ? 
# 
_diffrn.ambient_environment              ? 
_diffrn.ambient_temp                     100 
_diffrn.ambient_temp_details             ? 
_diffrn.ambient_temp_esd                 ? 
_diffrn.crystal_id                       1 
_diffrn.crystal_support                  ? 
_diffrn.crystal_treatment                ? 
_diffrn.details                          ? 
_diffrn.id                               1 
_diffrn.ambient_pressure                 ? 
_diffrn.ambient_pressure_esd             ? 
_diffrn.ambient_pressure_gt              ? 
_diffrn.ambient_pressure_lt              ? 
_diffrn.ambient_temp_gt                  ? 
_diffrn.ambient_temp_lt                  ? 
_diffrn.pdbx_serial_crystal_experiment   N 
# 
_diffrn_detector.details                      ? 
_diffrn_detector.detector                     PIXEL 
_diffrn_detector.diffrn_id                    1 
_diffrn_detector.type                         'DECTRIS EIGER2 X 9M' 
_diffrn_detector.area_resol_mean              ? 
_diffrn_detector.dtime                        ? 
_diffrn_detector.pdbx_frames_total            ? 
_diffrn_detector.pdbx_collection_time_total   ? 
_diffrn_detector.pdbx_collection_date         2020-08-08 
_diffrn_detector.pdbx_frequency               ? 
# 
_diffrn_radiation.collimation                      ? 
_diffrn_radiation.diffrn_id                        1 
_diffrn_radiation.filter_edge                      ? 
_diffrn_radiation.inhomogeneity                    ? 
_diffrn_radiation.monochromator                    ? 
_diffrn_radiation.polarisn_norm                    ? 
_diffrn_radiation.polarisn_ratio                   ? 
_diffrn_radiation.probe                            ? 
_diffrn_radiation.type                             ? 
_diffrn_radiation.xray_symbol                      ? 
_diffrn_radiation.wavelength_id                    1 
_diffrn_radiation.pdbx_monochromatic_or_laue_m_l   M 
_diffrn_radiation.pdbx_wavelength_list             ? 
_diffrn_radiation.pdbx_wavelength                  ? 
_diffrn_radiation.pdbx_diffrn_protocol             'SINGLE WAVELENGTH' 
_diffrn_radiation.pdbx_analyzer                    ? 
_diffrn_radiation.pdbx_scattering_type             x-ray 
# 
_diffrn_radiation_wavelength.id           1 
_diffrn_radiation_wavelength.wavelength   1.00743 
_diffrn_radiation_wavelength.wt           1.0 
# 
_diffrn_source.current                     ? 
_diffrn_source.details                     ? 
_diffrn_source.diffrn_id                   1 
_diffrn_source.power                       ? 
_diffrn_source.size                        ? 
_diffrn_source.source                      SYNCHROTRON 
_diffrn_source.target                      ? 
_diffrn_source.type                        'APS BEAMLINE 17-ID' 
_diffrn_source.voltage                     ? 
_diffrn_source.take-off_angle              ? 
_diffrn_source.pdbx_wavelength_list        1.00743 
_diffrn_source.pdbx_wavelength             ? 
_diffrn_source.pdbx_synchrotron_beamline   17-ID 
_diffrn_source.pdbx_synchrotron_site       APS 
# 
_reflns.B_iso_Wilson_estimate                          282.28 
_reflns.entry_id                                       7SD7 
_reflns.data_reduction_details                         ? 
_reflns.data_reduction_method                          ? 
_reflns.d_resolution_high                              3.599 
_reflns.d_resolution_low                               63.805 
_reflns.details                                        ? 
_reflns.limit_h_max                                    ? 
_reflns.limit_h_min                                    ? 
_reflns.limit_k_max                                    ? 
_reflns.limit_k_min                                    ? 
_reflns.limit_l_max                                    ? 
_reflns.limit_l_min                                    ? 
_reflns.number_all                                     ? 
_reflns.number_obs                                     2953 
_reflns.observed_criterion                             ? 
_reflns.observed_criterion_F_max                       ? 
_reflns.observed_criterion_F_min                       ? 
_reflns.observed_criterion_I_max                       ? 
_reflns.observed_criterion_I_min                       ? 
_reflns.observed_criterion_sigma_F                     ? 
_reflns.observed_criterion_sigma_I                     ? 
_reflns.percent_possible_obs                           87.0 
_reflns.R_free_details                                 ? 
_reflns.Rmerge_F_all                                   ? 
_reflns.Rmerge_F_obs                                   ? 
_reflns.Friedel_coverage                               ? 
_reflns.number_gt                                      ? 
_reflns.threshold_expression                           ? 
_reflns.pdbx_redundancy                                10.5 
_reflns.pdbx_Rmerge_I_obs                              ? 
_reflns.pdbx_Rmerge_I_all                              ? 
_reflns.pdbx_Rsym_value                                ? 
_reflns.pdbx_netI_over_av_sigmaI                       ? 
_reflns.pdbx_netI_over_sigmaI                          11.6 
_reflns.pdbx_res_netI_over_av_sigmaI_2                 ? 
_reflns.pdbx_res_netI_over_sigmaI_2                    ? 
_reflns.pdbx_chi_squared                               ? 
_reflns.pdbx_scaling_rejects                           ? 
_reflns.pdbx_d_res_high_opt                            ? 
_reflns.pdbx_d_res_low_opt                             ? 
_reflns.pdbx_d_res_opt_method                          ? 
_reflns.phase_calculation_details                      ? 
_reflns.pdbx_Rrim_I_all                                ? 
_reflns.pdbx_Rpim_I_all                                ? 
_reflns.pdbx_d_opt                                     ? 
_reflns.pdbx_number_measured_all                       ? 
_reflns.pdbx_diffrn_id                                 1 
_reflns.pdbx_ordinal                                   1 
_reflns.pdbx_CC_half                                   0.998 
_reflns.pdbx_CC_star                                   ? 
_reflns.pdbx_R_split                                   ? 
_reflns.pdbx_aniso_diffraction_limit_axis_1_ortho[1]   ? 
_reflns.pdbx_aniso_diffraction_limit_axis_1_ortho[2]   ? 
_reflns.pdbx_aniso_diffraction_limit_axis_1_ortho[3]   ? 
_reflns.pdbx_aniso_diffraction_limit_axis_2_ortho[1]   ? 
_reflns.pdbx_aniso_diffraction_limit_axis_2_ortho[2]   ? 
_reflns.pdbx_aniso_diffraction_limit_axis_2_ortho[3]   ? 
_reflns.pdbx_aniso_diffraction_limit_axis_3_ortho[1]   ? 
_reflns.pdbx_aniso_diffraction_limit_axis_3_ortho[2]   ? 
_reflns.pdbx_aniso_diffraction_limit_axis_3_ortho[3]   ? 
_reflns.pdbx_aniso_diffraction_limit_1                 ? 
_reflns.pdbx_aniso_diffraction_limit_2                 ? 
_reflns.pdbx_aniso_diffraction_limit_3                 ? 
_reflns.pdbx_aniso_B_tensor_eigenvector_1_ortho[1]     ? 
_reflns.pdbx_aniso_B_tensor_eigenvector_1_ortho[2]     ? 
_reflns.pdbx_aniso_B_tensor_eigenvector_1_ortho[3]     ? 
_reflns.pdbx_aniso_B_tensor_eigenvector_2_ortho[1]     ? 
_reflns.pdbx_aniso_B_tensor_eigenvector_2_ortho[2]     ? 
_reflns.pdbx_aniso_B_tensor_eigenvector_2_ortho[3]     ? 
_reflns.pdbx_aniso_B_tensor_eigenvector_3_ortho[1]     ? 
_reflns.pdbx_aniso_B_tensor_eigenvector_3_ortho[2]     ? 
_reflns.pdbx_aniso_B_tensor_eigenvector_3_ortho[3]     ? 
_reflns.pdbx_aniso_B_tensor_eigenvalue_1               ? 
_reflns.pdbx_aniso_B_tensor_eigenvalue_2               ? 
_reflns.pdbx_aniso_B_tensor_eigenvalue_3               ? 
_reflns.pdbx_orthogonalization_convention              ? 
_reflns.pdbx_percent_possible_ellipsoidal              ? 
_reflns.pdbx_percent_possible_spherical                ? 
_reflns.pdbx_percent_possible_ellipsoidal_anomalous    ? 
_reflns.pdbx_percent_possible_spherical_anomalous      ? 
_reflns.pdbx_redundancy_anomalous                      ? 
_reflns.pdbx_CC_half_anomalous                         ? 
_reflns.pdbx_absDiff_over_sigma_anomalous              ? 
_reflns.pdbx_percent_possible_anomalous                ? 
_reflns.pdbx_observed_signal_threshold                 ? 
_reflns.pdbx_signal_type                               ? 
_reflns.pdbx_signal_details                            ? 
_reflns.pdbx_signal_software_id                        ? 
# 
loop_
_reflns_shell.d_res_high 
_reflns_shell.d_res_low 
_reflns_shell.meanI_over_sigI_all 
_reflns_shell.meanI_over_sigI_obs 
_reflns_shell.number_measured_all 
_reflns_shell.number_measured_obs 
_reflns_shell.number_possible 
_reflns_shell.number_unique_all 
_reflns_shell.number_unique_obs 
_reflns_shell.percent_possible_all 
_reflns_shell.percent_possible_obs 
_reflns_shell.Rmerge_F_all 
_reflns_shell.Rmerge_F_obs 
_reflns_shell.Rmerge_I_all 
_reflns_shell.Rmerge_I_obs 
_reflns_shell.meanI_over_sigI_gt 
_reflns_shell.meanI_over_uI_all 
_reflns_shell.meanI_over_uI_gt 
_reflns_shell.number_measured_gt 
_reflns_shell.number_unique_gt 
_reflns_shell.percent_possible_gt 
_reflns_shell.Rmerge_F_gt 
_reflns_shell.Rmerge_I_gt 
_reflns_shell.pdbx_redundancy 
_reflns_shell.pdbx_Rsym_value 
_reflns_shell.pdbx_chi_squared 
_reflns_shell.pdbx_netI_over_sigmaI_all 
_reflns_shell.pdbx_netI_over_sigmaI_obs 
_reflns_shell.pdbx_Rrim_I_all 
_reflns_shell.pdbx_Rpim_I_all 
_reflns_shell.pdbx_rejects 
_reflns_shell.pdbx_ordinal 
_reflns_shell.pdbx_diffrn_id 
_reflns_shell.pdbx_CC_half 
_reflns_shell.pdbx_CC_star 
_reflns_shell.pdbx_R_split 
_reflns_shell.pdbx_percent_possible_ellipsoidal 
_reflns_shell.pdbx_percent_possible_spherical 
_reflns_shell.pdbx_percent_possible_ellipsoidal_anomalous 
_reflns_shell.pdbx_percent_possible_spherical_anomalous 
_reflns_shell.pdbx_redundancy_anomalous 
_reflns_shell.pdbx_CC_half_anomalous 
_reflns_shell.pdbx_absDiff_over_sigma_anomalous 
_reflns_shell.pdbx_percent_possible_anomalous 
3.599  3.871  ? ?    ? ? ? ? 197 54.9  ? ? ? ? ? ? ? ? ? ? ? ? ? 7.8  ? ? ? ? ? ? ? 1 1 0.130 ? ? ? ? ? ? ? ? ? ? 
10.160 63.805 ? 35.7 ? ? ? ? 196 100.0 ? ? ? ? ? ? ? ? ? ? ? ? ? 10.1 ? ? ? ? ? ? ? 2 1 0.998 ? ? ? ? ? ? ? ? ? ? 
# 
_refine.aniso_B[1][1]                            ? 
_refine.aniso_B[1][2]                            ? 
_refine.aniso_B[1][3]                            ? 
_refine.aniso_B[2][2]                            ? 
_refine.aniso_B[2][3]                            ? 
_refine.aniso_B[3][3]                            ? 
_refine.B_iso_max                                ? 
_refine.B_iso_mean                               301.23 
_refine.B_iso_min                                ? 
_refine.correlation_coeff_Fo_to_Fc               ? 
_refine.correlation_coeff_Fo_to_Fc_free          ? 
_refine.details                                  ? 
_refine.diff_density_max                         ? 
_refine.diff_density_max_esd                     ? 
_refine.diff_density_min                         ? 
_refine.diff_density_min_esd                     ? 
_refine.diff_density_rms                         ? 
_refine.diff_density_rms_esd                     ? 
_refine.entry_id                                 7SD7 
_refine.pdbx_refine_id                           'X-RAY DIFFRACTION' 
_refine.ls_abs_structure_details                 ? 
_refine.ls_abs_structure_Flack                   ? 
_refine.ls_abs_structure_Flack_esd               ? 
_refine.ls_abs_structure_Rogers                  ? 
_refine.ls_abs_structure_Rogers_esd              ? 
_refine.ls_d_res_high                            3.68 
_refine.ls_d_res_low                             32.22 
_refine.ls_extinction_coef                       ? 
_refine.ls_extinction_coef_esd                   ? 
_refine.ls_extinction_expression                 ? 
_refine.ls_extinction_method                     ? 
_refine.ls_goodness_of_fit_all                   ? 
_refine.ls_goodness_of_fit_all_esd               ? 
_refine.ls_goodness_of_fit_obs                   ? 
_refine.ls_goodness_of_fit_obs_esd               ? 
_refine.ls_hydrogen_treatment                    ? 
_refine.ls_matrix_type                           ? 
_refine.ls_number_constraints                    ? 
_refine.ls_number_parameters                     ? 
_refine.ls_number_reflns_all                     ? 
_refine.ls_number_reflns_obs                     2815 
_refine.ls_number_reflns_R_free                  262 
_refine.ls_number_reflns_R_work                  5468 
_refine.ls_number_restraints                     ? 
_refine.ls_percent_reflns_obs                    71.32 
_refine.ls_percent_reflns_R_free                 4.57 
_refine.ls_R_factor_all                          ? 
_refine.ls_R_factor_obs                          0.2251 
_refine.ls_R_factor_R_free                       0.2750 
_refine.ls_R_factor_R_free_error                 ? 
_refine.ls_R_factor_R_free_error_details         ? 
_refine.ls_R_factor_R_work                       0.2226 
_refine.ls_R_Fsqd_factor_obs                     ? 
_refine.ls_R_I_factor_obs                        ? 
_refine.ls_redundancy_reflns_all                 ? 
_refine.ls_redundancy_reflns_obs                 ? 
_refine.ls_restrained_S_all                      ? 
_refine.ls_restrained_S_obs                      ? 
_refine.ls_shift_over_esd_max                    ? 
_refine.ls_shift_over_esd_mean                   ? 
_refine.ls_structure_factor_coef                 ? 
_refine.ls_weighting_details                     ? 
_refine.ls_weighting_scheme                      ? 
_refine.ls_wR_factor_all                         ? 
_refine.ls_wR_factor_obs                         ? 
_refine.ls_wR_factor_R_free                      ? 
_refine.ls_wR_factor_R_work                      ? 
_refine.occupancy_max                            ? 
_refine.occupancy_min                            ? 
_refine.solvent_model_details                    'FLAT BULK SOLVENT MODEL' 
_refine.solvent_model_param_bsol                 ? 
_refine.solvent_model_param_ksol                 ? 
_refine.pdbx_R_complete                          ? 
_refine.ls_R_factor_gt                           ? 
_refine.ls_goodness_of_fit_gt                    ? 
_refine.ls_goodness_of_fit_ref                   ? 
_refine.ls_shift_over_su_max                     ? 
_refine.ls_shift_over_su_max_lt                  ? 
_refine.ls_shift_over_su_mean                    ? 
_refine.ls_shift_over_su_mean_lt                 ? 
_refine.pdbx_ls_sigma_I                          ? 
_refine.pdbx_ls_sigma_F                          1.91 
_refine.pdbx_ls_sigma_Fsqd                       ? 
_refine.pdbx_data_cutoff_high_absF               ? 
_refine.pdbx_data_cutoff_high_rms_absF           ? 
_refine.pdbx_data_cutoff_low_absF                ? 
_refine.pdbx_isotropic_thermal_model             ? 
_refine.pdbx_ls_cross_valid_method               'FREE R-VALUE' 
_refine.pdbx_method_to_determine_struct          SAD 
_refine.pdbx_starting_model                      ? 
_refine.pdbx_stereochemistry_target_values       'GeoStd + Monomer Library + CDL v1.2' 
_refine.pdbx_R_Free_selection_details            ? 
_refine.pdbx_stereochem_target_val_spec_case     ? 
_refine.pdbx_overall_ESU_R                       ? 
_refine.pdbx_overall_ESU_R_Free                  ? 
_refine.pdbx_solvent_vdw_probe_radii             1.1100 
_refine.pdbx_solvent_ion_probe_radii             ? 
_refine.pdbx_solvent_shrinkage_radii             0.9000 
_refine.pdbx_real_space_R                        ? 
_refine.pdbx_density_correlation                 ? 
_refine.pdbx_pd_number_of_powder_patterns        ? 
_refine.pdbx_pd_number_of_points                 ? 
_refine.pdbx_pd_meas_number_of_points            ? 
_refine.pdbx_pd_proc_ls_prof_R_factor            ? 
_refine.pdbx_pd_proc_ls_prof_wR_factor           ? 
_refine.pdbx_pd_Marquardt_correlation_coeff      ? 
_refine.pdbx_pd_Fsqrd_R_factor                   ? 
_refine.pdbx_pd_ls_matrix_band_width             ? 
_refine.pdbx_overall_phase_error                 48.1109 
_refine.pdbx_overall_SU_R_free_Cruickshank_DPI   ? 
_refine.pdbx_overall_SU_R_free_Blow_DPI          ? 
_refine.pdbx_overall_SU_R_Blow_DPI               ? 
_refine.pdbx_TLS_residual_ADP_flag               ? 
_refine.pdbx_diffrn_id                           1 
_refine.overall_SU_B                             ? 
_refine.overall_SU_ML                            0.3823 
_refine.overall_SU_R_Cruickshank_DPI             ? 
_refine.overall_SU_R_free                        ? 
_refine.overall_FOM_free_R_set                   ? 
_refine.overall_FOM_work_R_set                   ? 
_refine.pdbx_average_fsc_overall                 ? 
_refine.pdbx_average_fsc_work                    ? 
_refine.pdbx_average_fsc_free                    ? 
# 
_refine_hist.pdbx_refine_id                   'X-RAY DIFFRACTION' 
_refine_hist.cycle_id                         LAST 
_refine_hist.details                          ? 
_refine_hist.d_res_high                       3.68 
_refine_hist.d_res_low                        32.22 
_refine_hist.number_atoms_solvent             0 
_refine_hist.number_atoms_total               854 
_refine_hist.number_reflns_all                ? 
_refine_hist.number_reflns_obs                ? 
_refine_hist.number_reflns_R_free             ? 
_refine_hist.number_reflns_R_work             ? 
_refine_hist.R_factor_all                     ? 
_refine_hist.R_factor_obs                     ? 
_refine_hist.R_factor_R_free                  ? 
_refine_hist.R_factor_R_work                  ? 
_refine_hist.pdbx_number_residues_total       ? 
_refine_hist.pdbx_B_iso_mean_ligand           ? 
_refine_hist.pdbx_B_iso_mean_solvent          ? 
_refine_hist.pdbx_number_atoms_protein        0 
_refine_hist.pdbx_number_atoms_nucleic_acid   853 
_refine_hist.pdbx_number_atoms_ligand         1 
_refine_hist.pdbx_number_atoms_lipid          ? 
_refine_hist.pdbx_number_atoms_carb           ? 
_refine_hist.pdbx_pseudo_atom_details         ? 
# 
loop_
_refine_ls_restr.pdbx_refine_id 
_refine_ls_restr.criterion 
_refine_ls_restr.dev_ideal 
_refine_ls_restr.dev_ideal_target 
_refine_ls_restr.number 
_refine_ls_restr.rejects 
_refine_ls_restr.type 
_refine_ls_restr.weight 
_refine_ls_restr.pdbx_restraint_function 
'X-RAY DIFFRACTION' ? 0.0072  ? 953  ? f_bond_d           ? ? 
'X-RAY DIFFRACTION' ? 1.0381  ? 1462 ? f_angle_d          ? ? 
'X-RAY DIFFRACTION' ? 0.0528  ? 166  ? f_chiral_restr     ? ? 
'X-RAY DIFFRACTION' ? 0.0058  ? 42   ? f_plane_restr      ? ? 
'X-RAY DIFFRACTION' ? 39.6084 ? 406  ? f_dihedral_angle_d ? ? 
# 
loop_
_refine_ls_shell.pdbx_refine_id 
_refine_ls_shell.d_res_high 
_refine_ls_shell.d_res_low 
_refine_ls_shell.number_reflns_all 
_refine_ls_shell.number_reflns_obs 
_refine_ls_shell.number_reflns_R_free 
_refine_ls_shell.number_reflns_R_work 
_refine_ls_shell.percent_reflns_obs 
_refine_ls_shell.percent_reflns_R_free 
_refine_ls_shell.R_factor_all 
_refine_ls_shell.R_factor_obs 
_refine_ls_shell.R_factor_R_free 
_refine_ls_shell.R_factor_R_free_error 
_refine_ls_shell.R_factor_R_work 
_refine_ls_shell.redundancy_reflns_all 
_refine_ls_shell.redundancy_reflns_obs 
_refine_ls_shell.wR_factor_all 
_refine_ls_shell.wR_factor_obs 
_refine_ls_shell.wR_factor_R_free 
_refine_ls_shell.wR_factor_R_work 
_refine_ls_shell.pdbx_R_complete 
_refine_ls_shell.pdbx_total_number_of_bins_used 
_refine_ls_shell.pdbx_phase_error 
_refine_ls_shell.pdbx_fsc_work 
_refine_ls_shell.pdbx_fsc_free 
'X-RAY DIFFRACTION' 3.68 4.64  . . 60  1780 45.91 . . . 0.5463 . 0.4281 . . . . . . . . . . . 
'X-RAY DIFFRACTION' 4.64 32.22 . . 202 1844 96.62 . . . 0.2667 . 0.2106 . . . . . . . . . . . 
# 
_struct.entry_id                     7SD7 
_struct.title                        '[C:Hg2+:T] Metal-mediated DNA base pair in a self-assembling rhombohedral lattice' 
_struct.pdbx_model_details           ? 
_struct.pdbx_formula_weight          ? 
_struct.pdbx_formula_weight_method   ? 
_struct.pdbx_model_type_details      ? 
_struct.pdbx_CASP_flag               N 
# 
_struct_keywords.entry_id        7SD7 
_struct_keywords.text            'Tensegrity triangle, self-assembling crystal, metal-mediated mismatch, DNA' 
_struct_keywords.pdbx_keywords   DNA 
# 
loop_
_struct_asym.id 
_struct_asym.pdbx_blank_PDB_chainid_flag 
_struct_asym.pdbx_modified 
_struct_asym.entity_id 
_struct_asym.details 
A N N 1 ? 
B N N 2 ? 
C N N 3 ? 
D N N 4 ? 
E N N 5 ? 
# 
loop_
_struct_ref.id 
_struct_ref.db_name 
_struct_ref.db_code 
_struct_ref.pdbx_db_accession 
_struct_ref.pdbx_db_isoform 
_struct_ref.entity_id 
_struct_ref.pdbx_seq_one_letter_code 
_struct_ref.pdbx_align_begin 
1 PDB 7SD7 7SD7 ? 1 ? 1 
2 PDB 7SD7 7SD7 ? 2 ? 1 
3 PDB 7SD7 7SD7 ? 3 ? 1 
4 PDB 7SD7 7SD7 ? 4 ? 1 
# 
loop_
_struct_ref_seq.align_id 
_struct_ref_seq.ref_id 
_struct_ref_seq.pdbx_PDB_id_code 
_struct_ref_seq.pdbx_strand_id 
_struct_ref_seq.seq_align_beg 
_struct_ref_seq.pdbx_seq_align_beg_ins_code 
_struct_ref_seq.seq_align_end 
_struct_ref_seq.pdbx_seq_align_end_ins_code 
_struct_ref_seq.pdbx_db_accession 
_struct_ref_seq.db_align_beg 
_struct_ref_seq.pdbx_db_align_beg_ins_code 
_struct_ref_seq.db_align_end 
_struct_ref_seq.pdbx_db_align_end_ins_code 
_struct_ref_seq.pdbx_auth_seq_align_beg 
_struct_ref_seq.pdbx_auth_seq_align_end 
1 1 7SD7 A 1 ? 21 ? 7SD7 101 ? 121 ? 101 121 
2 2 7SD7 B 1 ? 7  ? 7SD7 119 ? 125 ? 119 125 
3 3 7SD7 C 1 ? 6  ? 7SD7 209 ? 214 ? 209 214 
4 4 7SD7 D 1 ? 8  ? 7SD7 101 ? 108 ? 101 108 
# 
_pdbx_struct_assembly.id                   1 
_pdbx_struct_assembly.details              author_defined_assembly 
_pdbx_struct_assembly.method_details       ? 
_pdbx_struct_assembly.oligomeric_details   dodecameric 
_pdbx_struct_assembly.oligomeric_count     12 
# 
_pdbx_struct_assembly_gen.assembly_id       1 
_pdbx_struct_assembly_gen.oper_expression   1,2,3 
_pdbx_struct_assembly_gen.asym_id_list      A,B,C,D,E 
# 
_pdbx_struct_assembly_auth_evidence.id                     1 
_pdbx_struct_assembly_auth_evidence.assembly_id            1 
_pdbx_struct_assembly_auth_evidence.experimental_support   'native gel electrophoresis' 
_pdbx_struct_assembly_auth_evidence.details                ? 
# 
loop_
_pdbx_struct_oper_list.id 
_pdbx_struct_oper_list.type 
_pdbx_struct_oper_list.name 
_pdbx_struct_oper_list.symmetry_operation 
_pdbx_struct_oper_list.matrix[1][1] 
_pdbx_struct_oper_list.matrix[1][2] 
_pdbx_struct_oper_list.matrix[1][3] 
_pdbx_struct_oper_list.vector[1] 
_pdbx_struct_oper_list.matrix[2][1] 
_pdbx_struct_oper_list.matrix[2][2] 
_pdbx_struct_oper_list.matrix[2][3] 
_pdbx_struct_oper_list.vector[2] 
_pdbx_struct_oper_list.matrix[3][1] 
_pdbx_struct_oper_list.matrix[3][2] 
_pdbx_struct_oper_list.matrix[3][3] 
_pdbx_struct_oper_list.vector[3] 
1 'identity operation'         1_555 x,y,z     1.0000000000  0.0000000000  0.0000000000 0.0000000000   0.0000000000  1.0000000000  0.0000000000  0.0000000000   0.0000000000 0.0000000000  1.0000000000 0.0000000000 
2 'crystal symmetry operation' 2_555 -y,x-y,z  -0.3505907655 -0.7756386341 0.5248531456 -24.2139902808 0.8605344098  -0.4879403493 -0.1462694264 0.2671723551   0.3695492453 0.4003734817  0.8385311148 8.0644973368 
3 'crystal symmetry operation' 3_555 -x+y,-x,z -0.3505907655 0.8605344098  0.3695492453 -11.6993412974 -0.7756386341 -0.4879403493 0.4003734817  -21.8797530522 0.5248531456 -0.1462694264 0.8385311148 5.9855361716 
# 
loop_
_struct_conn.id 
_struct_conn.conn_type_id 
_struct_conn.pdbx_leaving_atom_flag 
_struct_conn.pdbx_PDB_id 
_struct_conn.ptnr1_label_asym_id 
_struct_conn.ptnr1_label_comp_id 
_struct_conn.ptnr1_label_seq_id 
_struct_conn.ptnr1_label_atom_id 
_struct_conn.pdbx_ptnr1_label_alt_id 
_struct_conn.pdbx_ptnr1_PDB_ins_code 
_struct_conn.pdbx_ptnr1_standard_comp_id 
_struct_conn.ptnr1_symmetry 
_struct_conn.ptnr2_label_asym_id 
_struct_conn.ptnr2_label_comp_id 
_struct_conn.ptnr2_label_seq_id 
_struct_conn.ptnr2_label_atom_id 
_struct_conn.pdbx_ptnr2_label_alt_id 
_struct_conn.pdbx_ptnr2_PDB_ins_code 
_struct_conn.ptnr1_auth_asym_id 
_struct_conn.ptnr1_auth_comp_id 
_struct_conn.ptnr1_auth_seq_id 
_struct_conn.ptnr2_auth_asym_id 
_struct_conn.ptnr2_auth_comp_id 
_struct_conn.ptnr2_auth_seq_id 
_struct_conn.ptnr2_symmetry 
_struct_conn.pdbx_ptnr3_label_atom_id 
_struct_conn.pdbx_ptnr3_label_seq_id 
_struct_conn.pdbx_ptnr3_label_comp_id 
_struct_conn.pdbx_ptnr3_label_asym_id 
_struct_conn.pdbx_ptnr3_label_alt_id 
_struct_conn.pdbx_ptnr3_PDB_ins_code 
_struct_conn.details 
_struct_conn.pdbx_dist_value 
_struct_conn.pdbx_value_order 
_struct_conn.pdbx_role 
metalc1  metalc ? ? A DC 12 N3 ? ? ? 1_555 E HG . HG ? ? A DC 112 B HG 201 1_555 ? ? ? ? ? ? ?            2.111 ? ? 
metalc2  metalc ? ? A DC 12 N4 ? ? ? 1_555 E HG . HG ? ? A DC 112 B HG 201 1_555 ? ? ? ? ? ? ?            2.724 ? ? 
metalc3  metalc ? ? B DT 4  O2 ? ? ? 1_555 E HG . HG ? ? B DT 122 B HG 201 1_555 ? ? ? ? ? ? ?            3.182 ? ? 
metalc4  metalc ? ? B DT 4  N3 ? ? ? 1_555 E HG . HG ? ? B DT 122 B HG 201 1_555 ? ? ? ? ? ? ?            2.093 ? ? 
metalc5  metalc ? ? B DT 4  O4 ? ? ? 1_555 E HG . HG ? ? B DT 122 B HG 201 1_555 ? ? ? ? ? ? ?            2.981 ? ? 
hydrog1  hydrog ? ? A DG 3  N1 ? ? ? 1_555 C DC 6 N3 ? ? A DG 103 C DC 214 1_555 ? ? ? ? ? ? WATSON-CRICK ?     ? ? 
hydrog2  hydrog ? ? A DG 3  N2 ? ? ? 1_555 C DC 6 O2 ? ? A DG 103 C DC 214 1_555 ? ? ? ? ? ? WATSON-CRICK ?     ? ? 
hydrog3  hydrog ? ? A DG 3  O6 ? ? ? 1_555 C DC 6 N4 ? ? A DG 103 C DC 214 1_555 ? ? ? ? ? ? WATSON-CRICK ?     ? ? 
hydrog4  hydrog ? ? A DC 4  N3 ? ? ? 1_555 C DG 5 N1 ? ? A DC 104 C DG 213 1_555 ? ? ? ? ? ? WATSON-CRICK ?     ? ? 
hydrog5  hydrog ? ? A DC 4  N4 ? ? ? 1_555 C DG 5 O6 ? ? A DC 104 C DG 213 1_555 ? ? ? ? ? ? WATSON-CRICK ?     ? ? 
hydrog6  hydrog ? ? A DC 4  O2 ? ? ? 1_555 C DG 5 N2 ? ? A DC 104 C DG 213 1_555 ? ? ? ? ? ? WATSON-CRICK ?     ? ? 
hydrog7  hydrog ? ? A DA 5  N1 ? ? ? 1_555 C DT 4 N3 ? ? A DA 105 C DT 212 1_555 ? ? ? ? ? ? WATSON-CRICK ?     ? ? 
hydrog8  hydrog ? ? A DA 5  N6 ? ? ? 1_555 C DT 4 O4 ? ? A DA 105 C DT 212 1_555 ? ? ? ? ? ? WATSON-CRICK ?     ? ? 
hydrog9  hydrog ? ? A DG 6  N1 ? ? ? 1_555 C DC 3 N3 ? ? A DG 106 C DC 211 1_555 ? ? ? ? ? ? WATSON-CRICK ?     ? ? 
hydrog10 hydrog ? ? A DG 6  N2 ? ? ? 1_555 C DC 3 O2 ? ? A DG 106 C DC 211 1_555 ? ? ? ? ? ? WATSON-CRICK ?     ? ? 
hydrog11 hydrog ? ? A DG 6  O6 ? ? ? 1_555 C DC 3 N4 ? ? A DG 106 C DC 211 1_555 ? ? ? ? ? ? WATSON-CRICK ?     ? ? 
hydrog12 hydrog ? ? A DC 7  N3 ? ? ? 1_555 C DG 2 N1 ? ? A DC 107 C DG 210 1_555 ? ? ? ? ? ? WATSON-CRICK ?     ? ? 
hydrog13 hydrog ? ? A DC 7  N4 ? ? ? 1_555 C DG 2 O6 ? ? A DC 107 C DG 210 1_555 ? ? ? ? ? ? WATSON-CRICK ?     ? ? 
hydrog14 hydrog ? ? A DC 7  O2 ? ? ? 1_555 C DG 2 N2 ? ? A DC 107 C DG 210 1_555 ? ? ? ? ? ? WATSON-CRICK ?     ? ? 
hydrog15 hydrog ? ? A DC 8  N4 ? ? ? 1_555 C DG 1 O6 ? ? A DC 108 C DG 209 1_555 ? ? ? ? ? ? 'DC-DG PAIR' ?     ? ? 
hydrog16 hydrog ? ? A DT 9  N3 ? ? ? 1_555 B DA 7 N1 ? ? A DT 109 B DA 125 1_555 ? ? ? ? ? ? WATSON-CRICK ?     ? ? 
hydrog17 hydrog ? ? A DT 9  O4 ? ? ? 1_555 B DA 7 N6 ? ? A DT 109 B DA 125 1_555 ? ? ? ? ? ? WATSON-CRICK ?     ? ? 
hydrog18 hydrog ? ? A DG 10 N1 ? ? ? 1_555 B DA 5 N1 ? ? A DG 110 B DA 123 1_555 ? ? ? ? ? ? TYPE_8_PAIR  ?     ? ? 
hydrog19 hydrog ? ? A DG 10 O6 ? ? ? 1_555 B DA 5 N6 ? ? A DG 110 B DA 123 1_555 ? ? ? ? ? ? TYPE_8_PAIR  ?     ? ? 
hydrog20 hydrog ? ? A DG 10 N1 ? ? ? 1_555 B DC 6 N3 ? ? A DG 110 B DC 124 1_555 ? ? ? ? ? ? WATSON-CRICK ?     ? ? 
hydrog21 hydrog ? ? A DG 10 N2 ? ? ? 1_555 B DC 6 O2 ? ? A DG 110 B DC 124 1_555 ? ? ? ? ? ? WATSON-CRICK ?     ? ? 
hydrog22 hydrog ? ? A DG 10 O6 ? ? ? 1_555 B DC 6 N4 ? ? A DG 110 B DC 124 1_555 ? ? ? ? ? ? WATSON-CRICK ?     ? ? 
hydrog23 hydrog ? ? A DT 13 N3 ? ? ? 1_555 B DA 3 N1 ? ? A DT 113 B DA 121 1_555 ? ? ? ? ? ? WATSON-CRICK ?     ? ? 
hydrog24 hydrog ? ? A DT 13 O4 ? ? ? 1_555 B DA 3 N6 ? ? A DT 113 B DA 121 1_555 ? ? ? ? ? ? WATSON-CRICK ?     ? ? 
hydrog25 hydrog ? ? A DG 14 N1 ? ? ? 1_555 B DC 2 N3 ? ? A DG 114 B DC 120 1_555 ? ? ? ? ? ? WATSON-CRICK ?     ? ? 
hydrog26 hydrog ? ? A DG 14 N2 ? ? ? 1_555 B DC 2 O2 ? ? A DG 114 B DC 120 1_555 ? ? ? ? ? ? WATSON-CRICK ?     ? ? 
hydrog27 hydrog ? ? A DG 14 O6 ? ? ? 1_555 B DC 2 N4 ? ? A DG 114 B DC 120 1_555 ? ? ? ? ? ? WATSON-CRICK ?     ? ? 
hydrog28 hydrog ? ? A DG 15 N1 ? ? ? 1_555 B DC 1 N3 ? ? A DG 115 B DC 119 1_555 ? ? ? ? ? ? WATSON-CRICK ?     ? ? 
hydrog29 hydrog ? ? A DG 15 N2 ? ? ? 1_555 B DC 1 O2 ? ? A DG 115 B DC 119 1_555 ? ? ? ? ? ? WATSON-CRICK ?     ? ? 
hydrog30 hydrog ? ? A DG 15 O6 ? ? ? 1_555 B DC 1 N4 ? ? A DG 115 B DC 119 1_555 ? ? ? ? ? ? WATSON-CRICK ?     ? ? 
hydrog31 hydrog ? ? A DA 16 N1 ? ? ? 1_555 D DG 7 N1 ? ? A DA 116 D DG 107 1_555 ? ? ? ? ? ? TYPE_8_PAIR  ?     ? ? 
hydrog32 hydrog ? ? A DA 16 N6 ? ? ? 1_555 D DG 7 O6 ? ? A DA 116 D DG 107 1_555 ? ? ? ? ? ? TYPE_8_PAIR  ?     ? ? 
hydrog33 hydrog ? ? A DA 16 N1 ? ? ? 1_555 D DT 8 N3 ? ? A DA 116 D DT 108 1_555 ? ? ? ? ? ? WATSON-CRICK ?     ? ? 
hydrog34 hydrog ? ? A DA 16 N6 ? ? ? 1_555 D DT 8 O4 ? ? A DA 116 D DT 108 1_555 ? ? ? ? ? ? WATSON-CRICK ?     ? ? 
hydrog35 hydrog ? ? A DC 17 N3 ? ? ? 1_555 D DG 7 N1 ? ? A DC 117 D DG 107 1_555 ? ? ? ? ? ? WATSON-CRICK ?     ? ? 
hydrog36 hydrog ? ? A DC 17 N4 ? ? ? 1_555 D DG 7 O6 ? ? A DC 117 D DG 107 1_555 ? ? ? ? ? ? WATSON-CRICK ?     ? ? 
hydrog37 hydrog ? ? A DC 17 O2 ? ? ? 1_555 D DG 7 N2 ? ? A DC 117 D DG 107 1_555 ? ? ? ? ? ? WATSON-CRICK ?     ? ? 
hydrog38 hydrog ? ? A DA 18 N1 ? ? ? 1_555 D DT 6 N3 ? ? A DA 118 D DT 106 1_555 ? ? ? ? ? ? WATSON-CRICK ?     ? ? 
hydrog39 hydrog ? ? A DA 18 N6 ? ? ? 1_555 D DT 6 O4 ? ? A DA 118 D DT 106 1_555 ? ? ? ? ? ? WATSON-CRICK ?     ? ? 
hydrog40 hydrog ? ? A DT 19 N3 ? ? ? 1_555 D DA 5 N1 ? ? A DT 119 D DA 105 1_555 ? ? ? ? ? ? WATSON-CRICK ?     ? ? 
hydrog41 hydrog ? ? A DT 19 O4 ? ? ? 1_555 D DA 5 N6 ? ? A DT 119 D DA 105 1_555 ? ? ? ? ? ? WATSON-CRICK ?     ? ? 
hydrog42 hydrog ? ? A DC 20 N3 ? ? ? 1_555 D DG 4 N1 ? ? A DC 120 D DG 104 1_555 ? ? ? ? ? ? WATSON-CRICK ?     ? ? 
hydrog43 hydrog ? ? A DC 20 N4 ? ? ? 1_555 D DG 4 O6 ? ? A DC 120 D DG 104 1_555 ? ? ? ? ? ? WATSON-CRICK ?     ? ? 
hydrog44 hydrog ? ? A DC 20 O2 ? ? ? 1_555 D DG 4 N2 ? ? A DC 120 D DG 104 1_555 ? ? ? ? ? ? WATSON-CRICK ?     ? ? 
hydrog45 hydrog ? ? A DA 21 N1 ? ? ? 1_555 D DT 3 N3 ? ? A DA 121 D DT 103 1_555 ? ? ? ? ? ? WATSON-CRICK ?     ? ? 
hydrog46 hydrog ? ? A DA 21 N6 ? ? ? 1_555 D DT 3 O4 ? ? A DA 121 D DT 103 1_555 ? ? ? ? ? ? WATSON-CRICK ?     ? ? 
# 
loop_
_struct_conn_type.id 
_struct_conn_type.criteria 
_struct_conn_type.reference 
metalc ? ? 
hydrog ? ? 
# 
loop_
_pdbx_struct_conn_angle.id 
_pdbx_struct_conn_angle.ptnr1_label_atom_id 
_pdbx_struct_conn_angle.ptnr1_label_alt_id 
_pdbx_struct_conn_angle.ptnr1_label_asym_id 
_pdbx_struct_conn_angle.ptnr1_label_comp_id 
_pdbx_struct_conn_angle.ptnr1_label_seq_id 
_pdbx_struct_conn_angle.ptnr1_auth_atom_id 
_pdbx_struct_conn_angle.ptnr1_auth_asym_id 
_pdbx_struct_conn_angle.ptnr1_auth_comp_id 
_pdbx_struct_conn_angle.ptnr1_auth_seq_id 
_pdbx_struct_conn_angle.ptnr1_PDB_ins_code 
_pdbx_struct_conn_angle.ptnr1_symmetry 
_pdbx_struct_conn_angle.ptnr2_label_atom_id 
_pdbx_struct_conn_angle.ptnr2_label_alt_id 
_pdbx_struct_conn_angle.ptnr2_label_asym_id 
_pdbx_struct_conn_angle.ptnr2_label_comp_id 
_pdbx_struct_conn_angle.ptnr2_label_seq_id 
_pdbx_struct_conn_angle.ptnr2_auth_atom_id 
_pdbx_struct_conn_angle.ptnr2_auth_asym_id 
_pdbx_struct_conn_angle.ptnr2_auth_comp_id 
_pdbx_struct_conn_angle.ptnr2_auth_seq_id 
_pdbx_struct_conn_angle.ptnr2_PDB_ins_code 
_pdbx_struct_conn_angle.ptnr2_symmetry 
_pdbx_struct_conn_angle.ptnr3_label_atom_id 
_pdbx_struct_conn_angle.ptnr3_label_alt_id 
_pdbx_struct_conn_angle.ptnr3_label_asym_id 
_pdbx_struct_conn_angle.ptnr3_label_comp_id 
_pdbx_struct_conn_angle.ptnr3_label_seq_id 
_pdbx_struct_conn_angle.ptnr3_auth_atom_id 
_pdbx_struct_conn_angle.ptnr3_auth_asym_id 
_pdbx_struct_conn_angle.ptnr3_auth_comp_id 
_pdbx_struct_conn_angle.ptnr3_auth_seq_id 
_pdbx_struct_conn_angle.ptnr3_PDB_ins_code 
_pdbx_struct_conn_angle.ptnr3_symmetry 
_pdbx_struct_conn_angle.value 
_pdbx_struct_conn_angle.value_esd 
1  N3 ? A DC 12 ? A DC 112 ? 1_555 HG ? E HG . ? B HG 201 ? 1_555 N4 ? A DC 12 ? A DC 112 ? 1_555 55.0  ? 
2  N3 ? A DC 12 ? A DC 112 ? 1_555 HG ? E HG . ? B HG 201 ? 1_555 O2 ? B DT 4  ? B DT 122 ? 1_555 116.9 ? 
3  N4 ? A DC 12 ? A DC 112 ? 1_555 HG ? E HG . ? B HG 201 ? 1_555 O2 ? B DT 4  ? B DT 122 ? 1_555 154.7 ? 
4  N3 ? A DC 12 ? A DC 112 ? 1_555 HG ? E HG . ? B HG 201 ? 1_555 N3 ? B DT 4  ? B DT 122 ? 1_555 162.2 ? 
5  N4 ? A DC 12 ? A DC 112 ? 1_555 HG ? E HG . ? B HG 201 ? 1_555 N3 ? B DT 4  ? B DT 122 ? 1_555 141.5 ? 
6  O2 ? B DT 4  ? B DT 122 ? 1_555 HG ? E HG . ? B HG 201 ? 1_555 N3 ? B DT 4  ? B DT 122 ? 1_555 45.5  ? 
7  N3 ? A DC 12 ? A DC 112 ? 1_555 HG ? E HG . ? B HG 201 ? 1_555 O4 ? B DT 4  ? B DT 122 ? 1_555 147.4 ? 
8  N4 ? A DC 12 ? A DC 112 ? 1_555 HG ? E HG . ? B HG 201 ? 1_555 O4 ? B DT 4  ? B DT 122 ? 1_555 96.9  ? 
9  O2 ? B DT 4  ? B DT 122 ? 1_555 HG ? E HG . ? B HG 201 ? 1_555 O4 ? B DT 4  ? B DT 122 ? 1_555 95.5  ? 
10 N3 ? B DT 4  ? B DT 122 ? 1_555 HG ? E HG . ? B HG 201 ? 1_555 O4 ? B DT 4  ? B DT 122 ? 1_555 50.0  ? 
# 
loop_
_pdbx_validate_rmsd_angle.id 
_pdbx_validate_rmsd_angle.PDB_model_num 
_pdbx_validate_rmsd_angle.auth_atom_id_1 
_pdbx_validate_rmsd_angle.auth_asym_id_1 
_pdbx_validate_rmsd_angle.auth_comp_id_1 
_pdbx_validate_rmsd_angle.auth_seq_id_1 
_pdbx_validate_rmsd_angle.PDB_ins_code_1 
_pdbx_validate_rmsd_angle.label_alt_id_1 
_pdbx_validate_rmsd_angle.auth_atom_id_2 
_pdbx_validate_rmsd_angle.auth_asym_id_2 
_pdbx_validate_rmsd_angle.auth_comp_id_2 
_pdbx_validate_rmsd_angle.auth_seq_id_2 
_pdbx_validate_rmsd_angle.PDB_ins_code_2 
_pdbx_validate_rmsd_angle.label_alt_id_2 
_pdbx_validate_rmsd_angle.auth_atom_id_3 
_pdbx_validate_rmsd_angle.auth_asym_id_3 
_pdbx_validate_rmsd_angle.auth_comp_id_3 
_pdbx_validate_rmsd_angle.auth_seq_id_3 
_pdbx_validate_rmsd_angle.PDB_ins_code_3 
_pdbx_validate_rmsd_angle.label_alt_id_3 
_pdbx_validate_rmsd_angle.angle_value 
_pdbx_validate_rmsd_angle.angle_target_value 
_pdbx_validate_rmsd_angle.angle_deviation 
_pdbx_validate_rmsd_angle.angle_standard_deviation 
_pdbx_validate_rmsd_angle.linker_flag 
1 1 "O4'" A DA 102 ? ? "C1'" A DA 102 ? ? N9 A DA 102 ? ? 112.78 108.30 4.48 0.30 N 
2 1 "O4'" A DG 103 ? ? "C1'" A DG 103 ? ? N9 A DG 103 ? ? 110.33 108.30 2.03 0.30 N 
3 1 "O4'" A DC 107 ? ? "C1'" A DC 107 ? ? N1 A DC 107 ? ? 110.32 108.30 2.02 0.30 N 
4 1 "O4'" D DC 102 ? ? "C1'" D DC 102 ? ? N1 D DC 102 ? ? 110.37 108.30 2.07 0.30 N 
5 1 "O4'" D DT 103 ? ? "C1'" D DT 103 ? ? N1 D DT 103 ? ? 110.40 108.30 2.10 0.30 N 
6 1 "O4'" D DG 104 ? ? "C1'" D DG 104 ? ? N9 D DG 104 ? ? 110.96 108.30 2.66 0.30 N 
# 
loop_
_space_group_symop.id 
_space_group_symop.operation_xyz 
1 x,y,z                 
2 -y,x-y,z              
3 -x+y,-x,z             
4 x+1/3,y+2/3,z+2/3     
5 -y+1/3,x-y+2/3,z+2/3  
6 -x+y+1/3,-x+2/3,z+2/3 
7 x+2/3,y+1/3,z+1/3     
8 -y+2/3,x-y+1/3,z+1/3  
9 -x+y+2/3,-x+1/3,z+1/3 
# 
loop_
_pdbx_refine_tls.id 
_pdbx_refine_tls.pdbx_refine_id 
_pdbx_refine_tls.details 
_pdbx_refine_tls.method 
_pdbx_refine_tls.origin_x 
_pdbx_refine_tls.origin_y 
_pdbx_refine_tls.origin_z 
_pdbx_refine_tls.T[1][1] 
_pdbx_refine_tls.T[1][1]_esd 
_pdbx_refine_tls.T[1][2] 
_pdbx_refine_tls.T[1][2]_esd 
_pdbx_refine_tls.T[1][3] 
_pdbx_refine_tls.T[1][3]_esd 
_pdbx_refine_tls.T[2][2] 
_pdbx_refine_tls.T[2][2]_esd 
_pdbx_refine_tls.T[2][3] 
_pdbx_refine_tls.T[2][3]_esd 
_pdbx_refine_tls.T[3][3] 
_pdbx_refine_tls.T[3][3]_esd 
_pdbx_refine_tls.L[1][1] 
_pdbx_refine_tls.L[1][1]_esd 
_pdbx_refine_tls.L[1][2] 
_pdbx_refine_tls.L[1][2]_esd 
_pdbx_refine_tls.L[1][3] 
_pdbx_refine_tls.L[1][3]_esd 
_pdbx_refine_tls.L[2][2] 
_pdbx_refine_tls.L[2][2]_esd 
_pdbx_refine_tls.L[2][3] 
_pdbx_refine_tls.L[2][3]_esd 
_pdbx_refine_tls.L[3][3] 
_pdbx_refine_tls.L[3][3]_esd 
_pdbx_refine_tls.S[1][1] 
_pdbx_refine_tls.S[1][1]_esd 
_pdbx_refine_tls.S[1][2] 
_pdbx_refine_tls.S[1][2]_esd 
_pdbx_refine_tls.S[1][3] 
_pdbx_refine_tls.S[1][3]_esd 
_pdbx_refine_tls.S[2][1] 
_pdbx_refine_tls.S[2][1]_esd 
_pdbx_refine_tls.S[2][2] 
_pdbx_refine_tls.S[2][2]_esd 
_pdbx_refine_tls.S[2][3] 
_pdbx_refine_tls.S[2][3]_esd 
_pdbx_refine_tls.S[3][1] 
_pdbx_refine_tls.S[3][1]_esd 
_pdbx_refine_tls.S[3][2] 
_pdbx_refine_tls.S[3][2]_esd 
_pdbx_refine_tls.S[3][3] 
_pdbx_refine_tls.S[3][3]_esd 
1 'X-RAY DIFFRACTION' ? refined -0.4257264191 2.6681572825    1.5110745819    3.07792621920 ? 0.237590347754  ? -0.362767943481 ? 2.98928119207 ? -0.293579567318 ? 2.55275461811 ? 3.96537205656  ? 0.305459984833 ? -2.469993628619 ? 5.32610654552  ? 1.21472236969 ? 1.877801885996 ? -0.50702561873 ? -0.836124360560 ? 0.650948939170  ? -0.72996943937  ? 2.94342153730   ? -2.16221921219 ? -0.8950341372   ? 1.3452181039    ? -2.88022102032 ? 
2 'X-RAY DIFFRACTION' ? refined 0.4559701610  -1.224233732985 0.5399673100    3.53193901371 ? -0.619479314180 ? 0.512434658594  ? 3.00971371935 ? -0.438516750490 ? 1.81322599689 ? 2.19075016876  ? 0.06802692435  ? 1.02613792831   ? 10.24094995098 ? 1.54425614515 ? 0.78710001069  ? -1.66051693595 ? 4.39783300934   ? -0.86091461724  ? -0.977094527215 ? 2.405321327669  ? -3.10124265486 ? -0.328219542747 ? -1.094940121256 ? -0.86366440540 ? 
3 'X-RAY DIFFRACTION' ? refined -2.8658307942 18.4777366939   11.8430599422   2.93897343809 ? 0.473263310359  ? -0.316413324146 ? 3.13773817264 ? -0.906091160320 ? 3.96703469909 ? 3.02940278216  ? 4.71759700080  ? 2.09838376593   ? 7.32788107809  ? 3.35420737329 ? 1.87379878293  ? 0.52470697051  ? -4.78782564379  ? 3.75125176610   ? -4.07779478704  ? -1.70151501638  ? -2.86895414040 ? 0.846169718407  ? 0.59591905550   ? 0.33351963649  ? 
4 'X-RAY DIFFRACTION' ? refined 2.9170836145  -20.4117897336  -13.69057918213 3.49676777108 ? -0.079781071993 ? 0.13008345120   ? 3.02656253915 ? -0.986993134080 ? 3.49180752342 ? -0.70375266972 ? 2.84084480450  ? 1.87545420383   ? 11.81635112007 ? 2.76901370942 ? -0.23014264574 ? -3.1890819575  ? 4.35862836112   ? -0.727165608950 ? -7.56501578283  ? -0.787161272846 ? 6.65581025715  ? 0.93731152949   ? -0.930057131130 ? 1.47953519204  ? 
# 
loop_
_pdbx_refine_tls_group.id 
_pdbx_refine_tls_group.pdbx_refine_id 
_pdbx_refine_tls_group.refine_tls_id 
_pdbx_refine_tls_group.beg_label_asym_id 
_pdbx_refine_tls_group.beg_label_seq_id 
_pdbx_refine_tls_group.beg_auth_asym_id 
_pdbx_refine_tls_group.beg_auth_seq_id 
_pdbx_refine_tls_group.beg_PDB_ins_code 
_pdbx_refine_tls_group.end_label_asym_id 
_pdbx_refine_tls_group.end_label_seq_id 
_pdbx_refine_tls_group.end_auth_asym_id 
_pdbx_refine_tls_group.end_auth_seq_id 
_pdbx_refine_tls_group.end_PDB_ins_code 
_pdbx_refine_tls_group.selection 
_pdbx_refine_tls_group.selection_details 
1 'X-RAY DIFFRACTION' 1 A ? A 101 ? A ? A 121 ? ? 
;(chain 'A' and resid 101 through 121)
;
2 'X-RAY DIFFRACTION' 2 B ? B 119 ? B ? B 125 ? ? 
;(chain 'B' and resid 119 through 125)
;
3 'X-RAY DIFFRACTION' 3 D ? C 209 ? D ? C 214 ? ? 
;(chain 'C' and resid 209 through 214)
;
4 'X-RAY DIFFRACTION' 4 E ? D 101 ? E ? D 108 ? ? 
;(chain 'D' and resid 101 through 108)
;
# 
_pdbx_entry_details.entry_id                 7SD7 
_pdbx_entry_details.nonpolymer_details       ? 
_pdbx_entry_details.sequence_details         ? 
_pdbx_entry_details.compound_details         ? 
_pdbx_entry_details.source_details           ? 
_pdbx_entry_details.has_ligand_of_interest   Y 
# 
loop_
_chem_comp_atom.comp_id 
_chem_comp_atom.atom_id 
_chem_comp_atom.type_symbol 
_chem_comp_atom.pdbx_aromatic_flag 
_chem_comp_atom.pdbx_stereo_config 
_chem_comp_atom.pdbx_ordinal 
DA OP3    O  N N 1   
DA P      P  N N 2   
DA OP1    O  N N 3   
DA OP2    O  N N 4   
DA "O5'"  O  N N 5   
DA "C5'"  C  N N 6   
DA "C4'"  C  N R 7   
DA "O4'"  O  N N 8   
DA "C3'"  C  N S 9   
DA "O3'"  O  N N 10  
DA "C2'"  C  N N 11  
DA "C1'"  C  N R 12  
DA N9     N  Y N 13  
DA C8     C  Y N 14  
DA N7     N  Y N 15  
DA C5     C  Y N 16  
DA C6     C  Y N 17  
DA N6     N  N N 18  
DA N1     N  Y N 19  
DA C2     C  Y N 20  
DA N3     N  Y N 21  
DA C4     C  Y N 22  
DA HOP3   H  N N 23  
DA HOP2   H  N N 24  
DA "H5'"  H  N N 25  
DA "H5''" H  N N 26  
DA "H4'"  H  N N 27  
DA "H3'"  H  N N 28  
DA "HO3'" H  N N 29  
DA "H2'"  H  N N 30  
DA "H2''" H  N N 31  
DA "H1'"  H  N N 32  
DA H8     H  N N 33  
DA H61    H  N N 34  
DA H62    H  N N 35  
DA H2     H  N N 36  
DC OP3    O  N N 37  
DC P      P  N N 38  
DC OP1    O  N N 39  
DC OP2    O  N N 40  
DC "O5'"  O  N N 41  
DC "C5'"  C  N N 42  
DC "C4'"  C  N R 43  
DC "O4'"  O  N N 44  
DC "C3'"  C  N S 45  
DC "O3'"  O  N N 46  
DC "C2'"  C  N N 47  
DC "C1'"  C  N R 48  
DC N1     N  N N 49  
DC C2     C  N N 50  
DC O2     O  N N 51  
DC N3     N  N N 52  
DC C4     C  N N 53  
DC N4     N  N N 54  
DC C5     C  N N 55  
DC C6     C  N N 56  
DC HOP3   H  N N 57  
DC HOP2   H  N N 58  
DC "H5'"  H  N N 59  
DC "H5''" H  N N 60  
DC "H4'"  H  N N 61  
DC "H3'"  H  N N 62  
DC "HO3'" H  N N 63  
DC "H2'"  H  N N 64  
DC "H2''" H  N N 65  
DC "H1'"  H  N N 66  
DC H41    H  N N 67  
DC H42    H  N N 68  
DC H5     H  N N 69  
DC H6     H  N N 70  
DG OP3    O  N N 71  
DG P      P  N N 72  
DG OP1    O  N N 73  
DG OP2    O  N N 74  
DG "O5'"  O  N N 75  
DG "C5'"  C  N N 76  
DG "C4'"  C  N R 77  
DG "O4'"  O  N N 78  
DG "C3'"  C  N S 79  
DG "O3'"  O  N N 80  
DG "C2'"  C  N N 81  
DG "C1'"  C  N R 82  
DG N9     N  Y N 83  
DG C8     C  Y N 84  
DG N7     N  Y N 85  
DG C5     C  Y N 86  
DG C6     C  N N 87  
DG O6     O  N N 88  
DG N1     N  N N 89  
DG C2     C  N N 90  
DG N2     N  N N 91  
DG N3     N  N N 92  
DG C4     C  Y N 93  
DG HOP3   H  N N 94  
DG HOP2   H  N N 95  
DG "H5'"  H  N N 96  
DG "H5''" H  N N 97  
DG "H4'"  H  N N 98  
DG "H3'"  H  N N 99  
DG "HO3'" H  N N 100 
DG "H2'"  H  N N 101 
DG "H2''" H  N N 102 
DG "H1'"  H  N N 103 
DG H8     H  N N 104 
DG H1     H  N N 105 
DG H21    H  N N 106 
DG H22    H  N N 107 
DT OP3    O  N N 108 
DT P      P  N N 109 
DT OP1    O  N N 110 
DT OP2    O  N N 111 
DT "O5'"  O  N N 112 
DT "C5'"  C  N N 113 
DT "C4'"  C  N R 114 
DT "O4'"  O  N N 115 
DT "C3'"  C  N S 116 
DT "O3'"  O  N N 117 
DT "C2'"  C  N N 118 
DT "C1'"  C  N R 119 
DT N1     N  N N 120 
DT C2     C  N N 121 
DT O2     O  N N 122 
DT N3     N  N N 123 
DT C4     C  N N 124 
DT O4     O  N N 125 
DT C5     C  N N 126 
DT C7     C  N N 127 
DT C6     C  N N 128 
DT HOP3   H  N N 129 
DT HOP2   H  N N 130 
DT "H5'"  H  N N 131 
DT "H5''" H  N N 132 
DT "H4'"  H  N N 133 
DT "H3'"  H  N N 134 
DT "HO3'" H  N N 135 
DT "H2'"  H  N N 136 
DT "H2''" H  N N 137 
DT "H1'"  H  N N 138 
DT H3     H  N N 139 
DT H71    H  N N 140 
DT H72    H  N N 141 
DT H73    H  N N 142 
DT H6     H  N N 143 
HG HG     HG N N 144 
# 
loop_
_chem_comp_bond.comp_id 
_chem_comp_bond.atom_id_1 
_chem_comp_bond.atom_id_2 
_chem_comp_bond.value_order 
_chem_comp_bond.pdbx_aromatic_flag 
_chem_comp_bond.pdbx_stereo_config 
_chem_comp_bond.pdbx_ordinal 
DA OP3   P      sing N N 1   
DA OP3   HOP3   sing N N 2   
DA P     OP1    doub N N 3   
DA P     OP2    sing N N 4   
DA P     "O5'"  sing N N 5   
DA OP2   HOP2   sing N N 6   
DA "O5'" "C5'"  sing N N 7   
DA "C5'" "C4'"  sing N N 8   
DA "C5'" "H5'"  sing N N 9   
DA "C5'" "H5''" sing N N 10  
DA "C4'" "O4'"  sing N N 11  
DA "C4'" "C3'"  sing N N 12  
DA "C4'" "H4'"  sing N N 13  
DA "O4'" "C1'"  sing N N 14  
DA "C3'" "O3'"  sing N N 15  
DA "C3'" "C2'"  sing N N 16  
DA "C3'" "H3'"  sing N N 17  
DA "O3'" "HO3'" sing N N 18  
DA "C2'" "C1'"  sing N N 19  
DA "C2'" "H2'"  sing N N 20  
DA "C2'" "H2''" sing N N 21  
DA "C1'" N9     sing N N 22  
DA "C1'" "H1'"  sing N N 23  
DA N9    C8     sing Y N 24  
DA N9    C4     sing Y N 25  
DA C8    N7     doub Y N 26  
DA C8    H8     sing N N 27  
DA N7    C5     sing Y N 28  
DA C5    C6     sing Y N 29  
DA C5    C4     doub Y N 30  
DA C6    N6     sing N N 31  
DA C6    N1     doub Y N 32  
DA N6    H61    sing N N 33  
DA N6    H62    sing N N 34  
DA N1    C2     sing Y N 35  
DA C2    N3     doub Y N 36  
DA C2    H2     sing N N 37  
DA N3    C4     sing Y N 38  
DC OP3   P      sing N N 39  
DC OP3   HOP3   sing N N 40  
DC P     OP1    doub N N 41  
DC P     OP2    sing N N 42  
DC P     "O5'"  sing N N 43  
DC OP2   HOP2   sing N N 44  
DC "O5'" "C5'"  sing N N 45  
DC "C5'" "C4'"  sing N N 46  
DC "C5'" "H5'"  sing N N 47  
DC "C5'" "H5''" sing N N 48  
DC "C4'" "O4'"  sing N N 49  
DC "C4'" "C3'"  sing N N 50  
DC "C4'" "H4'"  sing N N 51  
DC "O4'" "C1'"  sing N N 52  
DC "C3'" "O3'"  sing N N 53  
DC "C3'" "C2'"  sing N N 54  
DC "C3'" "H3'"  sing N N 55  
DC "O3'" "HO3'" sing N N 56  
DC "C2'" "C1'"  sing N N 57  
DC "C2'" "H2'"  sing N N 58  
DC "C2'" "H2''" sing N N 59  
DC "C1'" N1     sing N N 60  
DC "C1'" "H1'"  sing N N 61  
DC N1    C2     sing N N 62  
DC N1    C6     sing N N 63  
DC C2    O2     doub N N 64  
DC C2    N3     sing N N 65  
DC N3    C4     doub N N 66  
DC C4    N4     sing N N 67  
DC C4    C5     sing N N 68  
DC N4    H41    sing N N 69  
DC N4    H42    sing N N 70  
DC C5    C6     doub N N 71  
DC C5    H5     sing N N 72  
DC C6    H6     sing N N 73  
DG OP3   P      sing N N 74  
DG OP3   HOP3   sing N N 75  
DG P     OP1    doub N N 76  
DG P     OP2    sing N N 77  
DG P     "O5'"  sing N N 78  
DG OP2   HOP2   sing N N 79  
DG "O5'" "C5'"  sing N N 80  
DG "C5'" "C4'"  sing N N 81  
DG "C5'" "H5'"  sing N N 82  
DG "C5'" "H5''" sing N N 83  
DG "C4'" "O4'"  sing N N 84  
DG "C4'" "C3'"  sing N N 85  
DG "C4'" "H4'"  sing N N 86  
DG "O4'" "C1'"  sing N N 87  
DG "C3'" "O3'"  sing N N 88  
DG "C3'" "C2'"  sing N N 89  
DG "C3'" "H3'"  sing N N 90  
DG "O3'" "HO3'" sing N N 91  
DG "C2'" "C1'"  sing N N 92  
DG "C2'" "H2'"  sing N N 93  
DG "C2'" "H2''" sing N N 94  
DG "C1'" N9     sing N N 95  
DG "C1'" "H1'"  sing N N 96  
DG N9    C8     sing Y N 97  
DG N9    C4     sing Y N 98  
DG C8    N7     doub Y N 99  
DG C8    H8     sing N N 100 
DG N7    C5     sing Y N 101 
DG C5    C6     sing N N 102 
DG C5    C4     doub Y N 103 
DG C6    O6     doub N N 104 
DG C6    N1     sing N N 105 
DG N1    C2     sing N N 106 
DG N1    H1     sing N N 107 
DG C2    N2     sing N N 108 
DG C2    N3     doub N N 109 
DG N2    H21    sing N N 110 
DG N2    H22    sing N N 111 
DG N3    C4     sing N N 112 
DT OP3   P      sing N N 113 
DT OP3   HOP3   sing N N 114 
DT P     OP1    doub N N 115 
DT P     OP2    sing N N 116 
DT P     "O5'"  sing N N 117 
DT OP2   HOP2   sing N N 118 
DT "O5'" "C5'"  sing N N 119 
DT "C5'" "C4'"  sing N N 120 
DT "C5'" "H5'"  sing N N 121 
DT "C5'" "H5''" sing N N 122 
DT "C4'" "O4'"  sing N N 123 
DT "C4'" "C3'"  sing N N 124 
DT "C4'" "H4'"  sing N N 125 
DT "O4'" "C1'"  sing N N 126 
DT "C3'" "O3'"  sing N N 127 
DT "C3'" "C2'"  sing N N 128 
DT "C3'" "H3'"  sing N N 129 
DT "O3'" "HO3'" sing N N 130 
DT "C2'" "C1'"  sing N N 131 
DT "C2'" "H2'"  sing N N 132 
DT "C2'" "H2''" sing N N 133 
DT "C1'" N1     sing N N 134 
DT "C1'" "H1'"  sing N N 135 
DT N1    C2     sing N N 136 
DT N1    C6     sing N N 137 
DT C2    O2     doub N N 138 
DT C2    N3     sing N N 139 
DT N3    C4     sing N N 140 
DT N3    H3     sing N N 141 
DT C4    O4     doub N N 142 
DT C4    C5     sing N N 143 
DT C5    C7     sing N N 144 
DT C5    C6     doub N N 145 
DT C7    H71    sing N N 146 
DT C7    H72    sing N N 147 
DT C7    H73    sing N N 148 
DT C6    H6     sing N N 149 
# 
loop_
_ndb_struct_conf_na.entry_id 
_ndb_struct_conf_na.feature 
7SD7 'double helix'        
7SD7 'a-form double helix' 
7SD7 'b-form double helix' 
# 
loop_
_ndb_struct_na_base_pair.model_number 
_ndb_struct_na_base_pair.i_label_asym_id 
_ndb_struct_na_base_pair.i_label_comp_id 
_ndb_struct_na_base_pair.i_label_seq_id 
_ndb_struct_na_base_pair.i_symmetry 
_ndb_struct_na_base_pair.j_label_asym_id 
_ndb_struct_na_base_pair.j_label_comp_id 
_ndb_struct_na_base_pair.j_label_seq_id 
_ndb_struct_na_base_pair.j_symmetry 
_ndb_struct_na_base_pair.shear 
_ndb_struct_na_base_pair.stretch 
_ndb_struct_na_base_pair.stagger 
_ndb_struct_na_base_pair.buckle 
_ndb_struct_na_base_pair.propeller 
_ndb_struct_na_base_pair.opening 
_ndb_struct_na_base_pair.pair_number 
_ndb_struct_na_base_pair.pair_name 
_ndb_struct_na_base_pair.i_auth_asym_id 
_ndb_struct_na_base_pair.i_auth_seq_id 
_ndb_struct_na_base_pair.i_PDB_ins_code 
_ndb_struct_na_base_pair.j_auth_asym_id 
_ndb_struct_na_base_pair.j_auth_seq_id 
_ndb_struct_na_base_pair.j_PDB_ins_code 
_ndb_struct_na_base_pair.hbond_type_28 
_ndb_struct_na_base_pair.hbond_type_12 
1 A DG 3  1_555 C DC 6 1_555 -0.283 -0.093 0.317  6.569   10.802  4.011   1  A_DG103:DC214_C A 103 ? C 214 ? 19 1 
1 A DC 4  1_555 C DG 5 1_555 0.168  -0.169 -0.067 4.622   4.921   -1.782  2  A_DC104:DG213_C A 104 ? C 213 ? 19 1 
1 A DA 5  1_555 C DT 4 1_555 0.189  -0.305 1.137  8.216   6.315   -2.303  3  A_DA105:DT212_C A 105 ? C 212 ? 20 1 
1 A DG 6  1_555 C DC 3 1_555 -0.205 -0.148 0.570  13.625  1.859   1.970   4  A_DG106:DC211_C A 106 ? C 211 ? 19 1 
1 A DC 7  1_555 C DG 2 1_555 0.235  -0.260 -0.656 1.276   -4.877  5.140   5  A_DC107:DG210_C A 107 ? C 210 ? 19 1 
1 A DC 8  1_555 C DG 1 1_555 -0.080 0.760  -0.438 -2.049  -10.577 -24.022 6  A_DC108:DG209_C A 108 ? C 209 ? ?  ? 
1 A DT 9  1_555 B DA 7 1_555 -0.151 -0.324 0.854  1.683   -9.869  -4.010  7  A_DT109:DA125_B A 109 ? B 125 ? 20 1 
1 A DG 10 1_555 B DC 6 1_555 -0.051 -0.509 1.420  8.959   -13.361 -5.414  8  A_DG110:DC124_B A 110 ? B 124 ? 19 1 
1 A DT 13 1_555 B DA 3 1_555 -0.270 -0.043 -0.306 -1.339  -7.984  -3.822  9  A_DT113:DA121_B A 113 ? B 121 ? 20 1 
1 A DG 14 1_555 B DC 2 1_555 -0.272 -0.112 0.551  -3.861  -21.783 -0.106  10 A_DG114:DC120_B A 114 ? B 120 ? 19 1 
1 A DG 15 1_555 B DC 1 1_555 -0.270 -0.228 -0.947 -20.827 -18.763 0.520   11 A_DG115:DC119_B A 115 ? B 119 ? 19 1 
1 A DA 16 1_555 D DT 8 1_555 0.006  -0.327 0.960  3.909   -5.399  -2.795  12 A_DA116:DT108_D A 116 ? D 108 ? 20 1 
1 A DC 17 1_555 D DG 7 1_555 0.198  -0.395 1.080  2.954   -7.227  -1.031  13 A_DC117:DG107_D A 117 ? D 107 ? 19 1 
1 A DA 18 1_555 D DT 6 1_555 0.076  -0.124 0.053  -2.790  -12.081 2.458   14 A_DA118:DT106_D A 118 ? D 106 ? 20 1 
1 A DT 19 1_555 D DA 5 1_555 -0.079 -0.140 -0.018 -4.962  -13.928 2.440   15 A_DT119:DA105_D A 119 ? D 105 ? 20 1 
1 A DC 20 1_555 D DG 4 1_555 0.191  -0.170 -0.426 -12.128 -10.150 3.735   16 A_DC120:DG104_D A 120 ? D 104 ? 19 1 
1 A DA 21 1_555 D DT 3 1_555 0.418  -0.250 -1.306 -16.343 1.955   -4.777  17 A_DA121:DT103_D A 121 ? D 103 ? 20 1 
# 
loop_
_ndb_struct_na_base_pair_step.model_number 
_ndb_struct_na_base_pair_step.i_label_asym_id_1 
_ndb_struct_na_base_pair_step.i_label_comp_id_1 
_ndb_struct_na_base_pair_step.i_label_seq_id_1 
_ndb_struct_na_base_pair_step.i_symmetry_1 
_ndb_struct_na_base_pair_step.j_label_asym_id_1 
_ndb_struct_na_base_pair_step.j_label_comp_id_1 
_ndb_struct_na_base_pair_step.j_label_seq_id_1 
_ndb_struct_na_base_pair_step.j_symmetry_1 
_ndb_struct_na_base_pair_step.i_label_asym_id_2 
_ndb_struct_na_base_pair_step.i_label_comp_id_2 
_ndb_struct_na_base_pair_step.i_label_seq_id_2 
_ndb_struct_na_base_pair_step.i_symmetry_2 
_ndb_struct_na_base_pair_step.j_label_asym_id_2 
_ndb_struct_na_base_pair_step.j_label_comp_id_2 
_ndb_struct_na_base_pair_step.j_label_seq_id_2 
_ndb_struct_na_base_pair_step.j_symmetry_2 
_ndb_struct_na_base_pair_step.shift 
_ndb_struct_na_base_pair_step.slide 
_ndb_struct_na_base_pair_step.rise 
_ndb_struct_na_base_pair_step.tilt 
_ndb_struct_na_base_pair_step.roll 
_ndb_struct_na_base_pair_step.twist 
_ndb_struct_na_base_pair_step.x_displacement 
_ndb_struct_na_base_pair_step.y_displacement 
_ndb_struct_na_base_pair_step.helical_rise 
_ndb_struct_na_base_pair_step.inclination 
_ndb_struct_na_base_pair_step.tip 
_ndb_struct_na_base_pair_step.helical_twist 
_ndb_struct_na_base_pair_step.step_number 
_ndb_struct_na_base_pair_step.step_name 
_ndb_struct_na_base_pair_step.i_auth_asym_id_1 
_ndb_struct_na_base_pair_step.i_auth_seq_id_1 
_ndb_struct_na_base_pair_step.i_PDB_ins_code_1 
_ndb_struct_na_base_pair_step.j_auth_asym_id_1 
_ndb_struct_na_base_pair_step.j_auth_seq_id_1 
_ndb_struct_na_base_pair_step.j_PDB_ins_code_1 
_ndb_struct_na_base_pair_step.i_auth_asym_id_2 
_ndb_struct_na_base_pair_step.i_auth_seq_id_2 
_ndb_struct_na_base_pair_step.i_PDB_ins_code_2 
_ndb_struct_na_base_pair_step.j_auth_asym_id_2 
_ndb_struct_na_base_pair_step.j_auth_seq_id_2 
_ndb_struct_na_base_pair_step.j_PDB_ins_code_2 
1 A DG 3  1_555 C DC 6 1_555 A DC 4  1_555 C DG 5 1_555 0.390  -1.305 3.350 3.072   4.844  28.612 -3.646  -0.106  3.116 9.679   
-6.138  29.169 1  AA_DG103DC104:DG213DC214_CC A 103 ? C 214 ? A 104 ? C 213 ? 
1 A DC 4  1_555 C DG 5 1_555 A DA 5  1_555 C DT 4 1_555 0.067  -0.690 3.133 -4.064  11.274 44.049 -1.815  -0.420  2.866 14.710  
5.303   45.572 2  AA_DC104DA105:DT212DG213_CC A 104 ? C 213 ? A 105 ? C 212 ? 
1 A DA 5  1_555 C DT 4 1_555 A DG 6  1_555 C DC 3 1_555 0.231  -1.316 3.330 3.990   3.068  30.006 -3.125  0.361   3.186 5.874   
-7.639  30.415 3  AA_DA105DG106:DC211DT212_CC A 105 ? C 212 ? A 106 ? C 211 ? 
1 A DG 6  1_555 C DC 3 1_555 A DC 7  1_555 C DG 2 1_555 0.498  -1.461 3.796 13.438  -1.017 33.833 -2.173  1.451   3.760 -1.667  
-22.036 36.345 4  AA_DG106DC107:DG210DC211_CC A 106 ? C 211 ? A 107 ? C 210 ? 
1 A DC 7  1_555 C DG 2 1_555 A DC 8  1_555 C DG 1 1_555 -1.478 -0.091 3.140 -4.962  1.004  45.222 -0.205  1.482   3.273 1.301   
6.430   45.489 5  AA_DC107DC108:DG209DG210_CC A 107 ? C 210 ? A 108 ? C 209 ? 
1 A DC 8  1_555 C DG 1 1_555 A DT 9  1_555 B DA 7 1_555 0.604  -2.157 3.214 -9.619  5.073  5.845  -14.416 -11.119 0.168 28.841  
54.686  12.341 6  AA_DC108DT109:DA125DG209_BC A 108 ? C 209 ? A 109 ? B 125 ? 
1 A DT 9  1_555 B DA 7 1_555 A DG 10 1_555 B DC 6 1_555 -0.191 -0.308 3.312 -4.183  -4.439 36.563 0.123   -0.272  3.326 -7.015  
6.611   37.051 7  AA_DT109DG110:DC124DA125_BB A 109 ? B 125 ? A 110 ? B 124 ? 
1 A DT 13 1_555 B DA 3 1_555 A DG 14 1_555 B DC 2 1_555 -0.820 2.175  3.229 -13.108 0.619  40.574 2.932   -0.239  3.357 0.866   
18.332  42.558 8  AA_DT113DG114:DC120DA121_BB A 113 ? B 121 ? A 114 ? B 120 ? 
1 A DG 14 1_555 B DC 2 1_555 A DG 15 1_555 B DC 1 1_555 -0.348 2.194  4.192 -2.033  -8.733 48.202 3.457   0.231   3.775 -10.586 
2.464   48.980 9  AA_DG114DG115:DC119DC120_BB A 114 ? B 120 ? A 115 ? B 119 ? 
1 A DG 15 1_555 B DC 1 1_555 A DA 16 1_555 D DT 8 1_555 -1.732 -0.357 2.569 -24.213 -9.708 28.949 0.652   -0.356  3.080 -15.938 
39.750  38.781 10 AA_DG115DA116:DT108DC119_DB A 115 ? B 119 ? A 116 ? D 108 ? 
1 A DA 16 1_555 D DT 8 1_555 A DC 17 1_555 D DG 7 1_555 -0.033 -0.991 3.375 -4.395  0.580  29.788 -2.031  -0.861  3.326 1.121   
8.490   30.108 11 AA_DA116DC117:DG107DT108_DD A 116 ? D 108 ? A 117 ? D 107 ? 
1 A DC 17 1_555 D DG 7 1_555 A DA 18 1_555 D DT 6 1_555 -0.791 -0.602 3.038 4.090   -4.252 39.246 -0.428  1.607   2.991 -6.287  
-6.048  39.670 12 AA_DC117DA118:DT106DG107_DD A 117 ? D 107 ? A 118 ? D 106 ? 
1 A DA 18 1_555 D DT 6 1_555 A DT 19 1_555 D DA 5 1_555 -0.330 -0.384 3.123 -0.990  -0.632 30.237 -0.613  0.440   3.139 -1.212  
1.897   30.260 13 AA_DA118DT119:DA105DT106_DD A 118 ? D 106 ? A 119 ? D 105 ? 
1 A DT 19 1_555 D DA 5 1_555 A DC 20 1_555 D DG 4 1_555 -0.213 -0.086 3.265 2.749   -6.560 40.043 0.603   0.612   3.218 -9.489  
-3.977  40.645 14 AA_DT119DC120:DG104DA105_DD A 119 ? D 105 ? A 120 ? D 104 ? 
1 A DC 20 1_555 D DG 4 1_555 A DA 21 1_555 D DT 3 1_555 0.097  0.628  3.750 7.059   5.840  34.159 0.028   1.058   3.749 9.727   
-11.757 35.331 15 AA_DC120DA121:DT103DG104_DD A 120 ? D 104 ? A 121 ? D 103 ? 
# 
loop_
_pdbx_audit_support.funding_organization 
_pdbx_audit_support.country 
_pdbx_audit_support.grant_number 
_pdbx_audit_support.ordinal 
'Office of Naval Research (ONR)'                                 'United States' N000141912596                      1 
'Department of Energy (DOE, United States)'                      'United States' DE-SC0007991                       2 
'National Science Foundation (NSF, United States)'               'United States' 2106790                            3 
'Human Frontier Science Program (HFSP)'                          'United States' RPG0010/2017                       4 
'National Science Foundation (NSF, United States)'               'United States' DMR-1420073                        5 
'National Aeronautic Space Administration (NASA, United States)' 'United States' '2020 NASA Center Innovation Fund' 6 
# 
_pdbx_entity_instance_feature.ordinal        1 
_pdbx_entity_instance_feature.comp_id        HG 
_pdbx_entity_instance_feature.asym_id        ? 
_pdbx_entity_instance_feature.seq_num        ? 
_pdbx_entity_instance_feature.auth_comp_id   HG 
_pdbx_entity_instance_feature.auth_asym_id   ? 
_pdbx_entity_instance_feature.auth_seq_num   ? 
_pdbx_entity_instance_feature.feature_type   'SUBJECT OF INVESTIGATION' 
_pdbx_entity_instance_feature.details        ? 
# 
_space_group.name_H-M_alt     'R 3 :H' 
_space_group.name_Hall        'R 3' 
_space_group.IT_number        146 
_space_group.crystal_system   trigonal 
_space_group.id               1 
# 
_atom_sites.entry_id                    7SD7 
_atom_sites.Cartn_transf_matrix[1][1]   ? 
_atom_sites.Cartn_transf_matrix[1][2]   ? 
_atom_sites.Cartn_transf_matrix[1][3]   ? 
_atom_sites.Cartn_transf_matrix[2][1]   ? 
_atom_sites.Cartn_transf_matrix[2][2]   ? 
_atom_sites.Cartn_transf_matrix[2][3]   ? 
_atom_sites.Cartn_transf_matrix[3][1]   ? 
_atom_sites.Cartn_transf_matrix[3][2]   ? 
_atom_sites.Cartn_transf_matrix[3][3]   ? 
_atom_sites.Cartn_transf_vector[1]      ? 
_atom_sites.Cartn_transf_vector[2]      ? 
_atom_sites.Cartn_transf_vector[3]      ? 
_atom_sites.fract_transf_matrix[1][1]   -0.00556195 
_atom_sites.fract_transf_matrix[1][2]   -0.00901651 
_atom_sites.fract_transf_matrix[1][3]   0.00271408 
_atom_sites.fract_transf_matrix[2][1]   0.00480607 
_atom_sites.fract_transf_matrix[2][2]   -0.00980008 
_atom_sites.fract_transf_matrix[2][3]   -0.00067549 
_atom_sites.fract_transf_matrix[3][1]   0.00354266 
_atom_sites.fract_transf_matrix[3][2]   0.00100649 
_atom_sites.fract_transf_matrix[3][3]   0.01060364 
_atom_sites.fract_transf_vector[1]      -0.144250 
_atom_sites.fract_transf_vector[2]      -0.009904 
_atom_sites.fract_transf_vector[3]      0.222086 
_atom_sites.solution_primary            ? 
_atom_sites.solution_secondary          ? 
_atom_sites.solution_hydrogens          ? 
_atom_sites.special_details             ? 
# 
loop_
_atom_type.symbol 
_atom_type.scat_dispersion_real 
_atom_type.scat_dispersion_imag 
_atom_type.scat_Cromer_Mann_a1 
_atom_type.scat_Cromer_Mann_a2 
_atom_type.scat_Cromer_Mann_a3 
_atom_type.scat_Cromer_Mann_a4 
_atom_type.scat_Cromer_Mann_b1 
_atom_type.scat_Cromer_Mann_b2 
_atom_type.scat_Cromer_Mann_b3 
_atom_type.scat_Cromer_Mann_b4 
_atom_type.scat_Cromer_Mann_c 
_atom_type.scat_source 
_atom_type.scat_dispersion_source 
C  ? ? 5.96793  ? ? ? 14.89577 ? ? ? 0.0 
;1-Gaussian fit: Grosse-Kunstleve RW, Sauter NK, Adams PD: Newsletter of the IUCr Commission on Crystallographic Computing 2004, 3, 22-31.
;
? 
HG ? ? 79.56749 ? ? ? 4.10057  ? ? ? 0.0 
;1-Gaussian fit: Grosse-Kunstleve RW, Sauter NK, Adams PD: Newsletter of the IUCr Commission on Crystallographic Computing 2004, 3, 22-31.
;
? 
N  ? ? 6.96715  ? ? ? 11.43723 ? ? ? 0.0 
;1-Gaussian fit: Grosse-Kunstleve RW, Sauter NK, Adams PD: Newsletter of the IUCr Commission on Crystallographic Computing 2004, 3, 22-31.
;
? 
O  ? ? 7.96527  ? ? ? 9.05267  ? ? ? 0.0 
;1-Gaussian fit: Grosse-Kunstleve RW, Sauter NK, Adams PD: Newsletter of the IUCr Commission on Crystallographic Computing 2004, 3, 22-31.
;
? 
P  ? ? 14.90797 ? ? ? 11.91318 ? ? ? 0.0 
;1-Gaussian fit: Grosse-Kunstleve RW, Sauter NK, Adams PD: Newsletter of the IUCr Commission on Crystallographic Computing 2004, 3, 22-31.
;
? 
# 
loop_
_atom_site.group_PDB 
_atom_site.id 
_atom_site.type_symbol 
_atom_site.label_atom_id 
_atom_site.label_alt_id 
_atom_site.label_comp_id 
_atom_site.label_asym_id 
_atom_site.label_entity_id 
_atom_site.label_seq_id 
_atom_site.pdbx_PDB_ins_code 
_atom_site.Cartn_x 
_atom_site.Cartn_y 
_atom_site.Cartn_z 
_atom_site.occupancy 
_atom_site.B_iso_or_equiv 
_atom_site.pdbx_formal_charge 
_atom_site.auth_seq_id 
_atom_site.auth_comp_id 
_atom_site.auth_asym_id 
_atom_site.auth_atom_id 
_atom_site.pdbx_PDB_model_num 
ATOM   1   O  "O5'" . DG A 1 1  ? -13.82437 22.80571  13.87533  1.000 268.53443 ? 101 DG A "O5'" 1 
ATOM   2   C  "C5'" . DG A 1 1  ? -13.75674 23.40244  15.17015  1.000 278.33648 ? 101 DG A "C5'" 1 
ATOM   3   C  "C4'" . DG A 1 1  ? -14.47448 24.73901  15.18357  1.000 274.73227 ? 101 DG A "C4'" 1 
ATOM   4   O  "O4'" . DG A 1 1  ? -13.98280 25.54460  16.28726  1.000 290.90150 ? 101 DG A "O4'" 1 
ATOM   5   C  "C3'" . DG A 1 1  ? -14.20187 25.60847  13.97995  1.000 276.82033 ? 101 DG A "C3'" 1 
ATOM   6   O  "O3'" . DG A 1 1  ? -14.97638 25.22422  12.84608  1.000 259.64522 ? 101 DG A "O3'" 1 
ATOM   7   C  "C2'" . DG A 1 1  ? -14.57998 26.98746  14.49939  1.000 279.70593 ? 101 DG A "C2'" 1 
ATOM   8   C  "C1'" . DG A 1 1  ? -14.03387 26.92515  15.92133  1.000 292.72832 ? 101 DG A "C1'" 1 
ATOM   9   N  N9    . DG A 1 1  ? -12.70426 27.55857  16.14319  1.000 305.50572 ? 101 DG A N9    1 
ATOM   10  C  C8    . DG A 1 1  ? -11.88438 27.33936  17.22391  1.000 308.80681 ? 101 DG A C8    1 
ATOM   11  N  N7    . DG A 1 1  ? -10.78181 28.03317  17.20466  1.000 311.98319 ? 101 DG A N7    1 
ATOM   12  C  C5    . DG A 1 1  ? -10.85796 28.77475  16.03865  1.000 311.66399 ? 101 DG A C5    1 
ATOM   13  C  C6    . DG A 1 1  ? -9.93437  29.70358  15.49689  1.000 312.48268 ? 101 DG A C6    1 
ATOM   14  O  O6    . DG A 1 1  ? -8.84409  30.05983  15.96475  1.000 312.59705 ? 101 DG A O6    1 
ATOM   15  N  N1    . DG A 1 1  ? -10.37889 30.23477  14.29291  1.000 312.28672 ? 101 DG A N1    1 
ATOM   16  C  C2    . DG A 1 1  ? -11.56537 29.91363  13.68342  1.000 308.30870 ? 101 DG A C2    1 
ATOM   17  N  N2    . DG A 1 1  ? -11.81850 30.53356  12.52140  1.000 303.13163 ? 101 DG A N2    1 
ATOM   18  N  N3    . DG A 1 1  ? -12.44744 29.04516  14.17912  1.000 304.11792 ? 101 DG A N3    1 
ATOM   19  C  C4    . DG A 1 1  ? -12.03335 28.50958  15.35981  1.000 308.52138 ? 101 DG A C4    1 
ATOM   20  P  P     . DA A 1 2  ? -14.35138 25.56815  11.41264  1.000 288.84563 ? 102 DA A P     1 
ATOM   21  O  OP1   . DA A 1 2  ? -13.41721 24.48436  11.02027  1.000 294.80284 ? 102 DA A OP1   1 
ATOM   22  O  OP2   . DA A 1 2  ? -13.92619 26.97000  11.61707  1.000 298.98327 ? 102 DA A OP2   1 
ATOM   23  O  "O5'" . DA A 1 2  ? -15.55462 25.67394  10.36702  1.000 270.10198 ? 102 DA A "O5'" 1 
ATOM   24  C  "C5'" . DA A 1 2  ? -15.32612 25.34727  8.97726   1.000 265.29181 ? 102 DA A "C5'" 1 
ATOM   25  C  "C4'" . DA A 1 2  ? -14.41991 26.35440  8.24439   1.000 276.13981 ? 102 DA A "C4'" 1 
ATOM   26  O  "O4'" . DA A 1 2  ? -13.60271 27.13583  9.18127   1.000 293.15036 ? 102 DA A "O4'" 1 
ATOM   27  C  "C3'" . DA A 1 2  ? -13.42013 25.70624  7.27639   1.000 282.02387 ? 102 DA A "C3'" 1 
ATOM   28  O  "O3'" . DA A 1 2  ? -13.25904 26.51299  6.07575   1.000 280.24501 ? 102 DA A "O3'" 1 
ATOM   29  C  "C2'" . DA A 1 2  ? -12.14810 25.66813  8.12111   1.000 301.78422 ? 102 DA A "C2'" 1 
ATOM   30  C  "C1'" . DA A 1 2  ? -12.24557 27.01839  8.80358   1.000 306.28889 ? 102 DA A "C1'" 1 
ATOM   31  N  N9    . DA A 1 2  ? -11.31897 27.19478  9.93918   1.000 322.97946 ? 102 DA A N9    1 
ATOM   32  C  C8    . DA A 1 2  ? -11.31761 26.53498  11.13512  1.000 326.32652 ? 102 DA A C8    1 
ATOM   33  N  N7    . DA A 1 2  ? -10.35235 26.89225  11.94529  1.000 335.97568 ? 102 DA A N7    1 
ATOM   34  C  C5    . DA A 1 2  ? -9.64126  27.82766  11.22089  1.000 340.79157 ? 102 DA A C5    1 
ATOM   35  C  C6    . DA A 1 2  ? -8.48964  28.57940  11.51956  1.000 343.76526 ? 102 DA A C6    1 
ATOM   36  N  N6    . DA A 1 2  ? -7.83500  28.48999  12.68234  1.000 343.47006 ? 102 DA A N6    1 
ATOM   37  N  N1    . DA A 1 2  ? -8.03426  29.42798  10.57549  1.000 344.39746 ? 102 DA A N1    1 
ATOM   38  C  C2    . DA A 1 2  ? -8.69294  29.51201  9.41352   1.000 341.02425 ? 102 DA A C2    1 
ATOM   39  N  N3    . DA A 1 2  ? -9.78593  28.85817  9.01822   1.000 333.38840 ? 102 DA A N3    1 
ATOM   40  C  C4    . DA A 1 2  ? -10.21483 28.02264  9.97761   1.000 334.59379 ? 102 DA A C4    1 
ATOM   41  P  P     . DG A 1 3  ? -11.78579 26.82030  5.49403   1.000 294.30241 ? 103 DG A P     1 
ATOM   42  O  OP1   . DG A 1 3  ? -11.04573 25.54150  5.38404   1.000 299.33167 ? 103 DG A OP1   1 
ATOM   43  O  OP2   . DG A 1 3  ? -11.27219 27.98821  6.24054   1.000 302.04101 ? 103 DG A OP2   1 
ATOM   44  O  "O5'" . DG A 1 3  ? -12.00176 27.37453  4.01142   1.000 286.44975 ? 103 DG A "O5'" 1 
ATOM   45  C  "C5'" . DG A 1 3  ? -11.14831 28.43525  3.50175   1.000 293.25063 ? 103 DG A "C5'" 1 
ATOM   46  C  "C4'" . DG A 1 3  ? -9.65815  28.06242  3.51776   1.000 305.07618 ? 103 DG A "C4'" 1 
ATOM   47  O  "O4'" . DG A 1 3  ? -9.13213  28.11238  4.86801   1.000 315.67517 ? 103 DG A "O4'" 1 
ATOM   48  C  "C3'" . DG A 1 3  ? -9.31144  26.66563  3.00098   1.000 303.98465 ? 103 DG A "C3'" 1 
ATOM   49  O  "O3'" . DG A 1 3  ? -8.91041  26.68988  1.60073   1.000 301.86447 ? 103 DG A "O3'" 1 
ATOM   50  C  "C2'" . DG A 1 3  ? -8.18824  26.16351  3.93311   1.000 314.66376 ? 103 DG A "C2'" 1 
ATOM   51  C  "C1'" . DG A 1 3  ? -7.97636  27.31130  4.92948   1.000 321.42761 ? 103 DG A "C1'" 1 
ATOM   52  N  N9    . DG A 1 3  ? -7.74970  26.84417  6.30920   1.000 329.07575 ? 103 DG A N9    1 
ATOM   53  C  C8    . DG A 1 3  ? -8.54843  25.99914  7.04160   1.000 327.51057 ? 103 DG A C8    1 
ATOM   54  N  N7    . DG A 1 3  ? -8.07853  25.73248  8.23105   1.000 334.07425 ? 103 DG A N7    1 
ATOM   55  C  C5    . DG A 1 3  ? -6.88559  26.43720  8.29172   1.000 337.82437 ? 103 DG A C5    1 
ATOM   56  C  C6    . DG A 1 3  ? -5.93440  26.53265  9.33576   1.000 338.64146 ? 103 DG A C6    1 
ATOM   57  O  O6    . DG A 1 3  ? -5.96307  25.99657  10.44952  1.000 337.02148 ? 103 DG A O6    1 
ATOM   58  N  N1    . DG A 1 3  ? -4.86477  27.34789  8.98782   1.000 338.83358 ? 103 DG A N1    1 
ATOM   59  C  C2    . DG A 1 3  ? -4.73131  27.99197  7.78115   1.000 338.75860 ? 103 DG A C2    1 
ATOM   60  N  N2    . DG A 1 3  ? -3.63260  28.73946  7.61942   1.000 338.92302 ? 103 DG A N2    1 
ATOM   61  N  N3    . DG A 1 3  ? -5.61344  27.90964  6.79537   1.000 337.08960 ? 103 DG A N3    1 
ATOM   62  C  C4    . DG A 1 3  ? -6.66100  27.11933  7.11663   1.000 336.35924 ? 103 DG A C4    1 
ATOM   63  P  P     . DC A 1 4  ? -7.65715  27.55282  1.05776   1.000 310.22042 ? 104 DC A P     1 
ATOM   64  O  OP1   . DC A 1 4  ? -7.02117  28.37936  2.10701   1.000 315.93017 ? 104 DC A OP1   1 
ATOM   65  O  OP2   . DC A 1 4  ? -8.16187  28.23237  -0.15289  1.000 299.73177 ? 104 DC A OP2   1 
ATOM   66  O  "O5'" . DC A 1 4  ? -6.61617  26.44891  0.53528   1.000 310.65353 ? 104 DC A "O5'" 1 
ATOM   67  C  "C5'" . DC A 1 4  ? -5.97147  25.55490  1.44959   1.000 315.49983 ? 104 DC A "C5'" 1 
ATOM   68  C  "C4'" . DC A 1 4  ? -4.77984  26.22165  2.11664   1.000 322.33422 ? 104 DC A "C4'" 1 
ATOM   69  O  "O4'" . DC A 1 4  ? -4.95808  26.22358  3.55642   1.000 326.15996 ? 104 DC A "O4'" 1 
ATOM   70  C  "C3'" . DC A 1 4  ? -3.43496  25.55180  1.84629   1.000 324.99888 ? 104 DC A "C3'" 1 
ATOM   71  O  "O3'" . DC A 1 4  ? -2.50716  26.50846  1.38411   1.000 324.38429 ? 104 DC A "O3'" 1 
ATOM   72  C  "C2'" . DC A 1 4  ? -3.02264  24.97309  3.20316   1.000 329.49869 ? 104 DC A "C2'" 1 
ATOM   73  C  "C1'" . DC A 1 4  ? -3.74884  25.87723  4.18461   1.000 331.63674 ? 104 DC A "C1'" 1 
ATOM   74  N  N1    . DC A 1 4  ? -4.07498  25.19483  5.46670   1.000 330.65542 ? 104 DC A N1    1 
ATOM   75  C  C2    . DC A 1 4  ? -3.17785  25.25023  6.54530   1.000 329.83460 ? 104 DC A C2    1 
ATOM   76  O  O2    . DC A 1 4  ? -2.11978  25.88020  6.42312   1.000 331.69090 ? 104 DC A O2    1 
ATOM   77  N  N3    . DC A 1 4  ? -3.50383  24.60922  7.69743   1.000 327.17533 ? 104 DC A N3    1 
ATOM   78  C  C4    . DC A 1 4  ? -4.65534  23.94015  7.78679   1.000 328.86100 ? 104 DC A C4    1 
ATOM   79  N  N4    . DC A 1 4  ? -4.93965  23.32407  8.93852   1.000 329.47719 ? 104 DC A N4    1 
ATOM   80  C  C5    . DC A 1 4  ? -5.57142  23.87157  6.69989   1.000 329.58290 ? 104 DC A C5    1 
ATOM   81  C  C6    . DC A 1 4  ? -5.24448  24.50457  5.57361   1.000 328.74642 ? 104 DC A C6    1 
ATOM   82  P  P     . DA A 1 5  ? -1.19506  26.02999  0.59736   1.000 333.27656 ? 105 DA A P     1 
ATOM   83  O  OP1   . DA A 1 5  ? -0.55592  27.23342  0.02188   1.000 340.38910 ? 105 DA A OP1   1 
ATOM   84  O  OP2   . DA A 1 5  ? -1.58638  24.90441  -0.28189  1.000 330.97837 ? 105 DA A OP2   1 
ATOM   85  O  "O5'" . DA A 1 5  ? -0.25702  25.45073  1.75217   1.000 333.66823 ? 105 DA A "O5'" 1 
ATOM   86  C  "C5'" . DA A 1 5  ? 0.74377   24.50232  1.44008   1.000 334.85012 ? 105 DA A "C5'" 1 
ATOM   87  C  "C4'" . DA A 1 5  ? 1.89974   24.60363  2.41514   1.000 335.85766 ? 105 DA A "C4'" 1 
ATOM   88  O  "O4'" . DA A 1 5  ? 1.38909   24.61900  3.77203   1.000 333.27970 ? 105 DA A "O4'" 1 
ATOM   89  C  "C3'" . DA A 1 5  ? 2.88047   23.44470  2.35945   1.000 337.18158 ? 105 DA A "C3'" 1 
ATOM   90  O  "O3'" . DA A 1 5  ? 4.18302   23.88568  2.71976   1.000 338.12039 ? 105 DA A "O3'" 1 
ATOM   91  C  "C2'" . DA A 1 5  ? 2.30844   22.46975  3.38413   1.000 334.13902 ? 105 DA A "C2'" 1 
ATOM   92  C  "C1'" . DA A 1 5  ? 1.71029   23.40758  4.43181   1.000 333.91706 ? 105 DA A "C1'" 1 
ATOM   93  N  N9    . DA A 1 5  ? 0.49087   22.88067  5.03531   1.000 333.80558 ? 105 DA A N9    1 
ATOM   94  C  C8    . DA A 1 5  ? -0.74804  22.82694  4.46348   1.000 333.66019 ? 105 DA A C8    1 
ATOM   95  N  N7    . DA A 1 5  ? -1.66373  22.29682  5.23470   1.000 334.53239 ? 105 DA A N7    1 
ATOM   96  C  C5    . DA A 1 5  ? -0.97734  21.97549  6.39406   1.000 333.60801 ? 105 DA A C5    1 
ATOM   97  C  C6    . DA A 1 5  ? -1.38611  21.38055  7.60018   1.000 333.25210 ? 105 DA A C6    1 
ATOM   98  N  N6    . DA A 1 5  ? -2.64170  20.99320  7.83202   1.000 335.85575 ? 105 DA A N6    1 
ATOM   99  N  N1    . DA A 1 5  ? -0.45364  21.19920  8.56030   1.000 330.39887 ? 105 DA A N1    1 
ATOM   100 C  C2    . DA A 1 5  ? 0.80349   21.59040  8.31594   1.000 328.78190 ? 105 DA A C2    1 
ATOM   101 N  N3    . DA A 1 5  ? 1.30673   22.16044  7.22036   1.000 330.26796 ? 105 DA A N3    1 
ATOM   102 C  C4    . DA A 1 5  ? 0.35382   22.32646  6.28864   1.000 332.72995 ? 105 DA A C4    1 
ATOM   103 P  P     . DG A 1 6  ? 5.44440   22.91263  2.51455   1.000 351.10442 ? 106 DG A P     1 
ATOM   104 O  OP1   . DG A 1 6  ? 6.65512   23.76231  2.46025   1.000 351.04539 ? 106 DG A OP1   1 
ATOM   105 O  OP2   . DG A 1 6  ? 5.13550   21.98291  1.40393   1.000 347.74280 ? 106 DG A OP2   1 
ATOM   106 O  "O5'" . DG A 1 6  ? 5.47817   22.05425  3.85930   1.000 344.74245 ? 106 DG A "O5'" 1 
ATOM   107 C  "C5'" . DG A 1 6  ? 6.11196   20.78939  3.87559   1.000 340.14380 ? 106 DG A "C5'" 1 
ATOM   108 C  "C4'" . DG A 1 6  ? 6.00825   20.16273  5.25168   1.000 339.77141 ? 106 DG A "C4'" 1 
ATOM   109 O  "O4'" . DG A 1 6  ? 4.64173   20.27726  5.73442   1.000 341.59970 ? 106 DG A "O4'" 1 
ATOM   110 C  "C3'" . DG A 1 6  ? 6.35940   18.67270  5.30967   1.000 337.70831 ? 106 DG A "C3'" 1 
ATOM   111 O  "O3'" . DG A 1 6  ? 7.19595   18.41304  6.43207   1.000 339.77672 ? 106 DG A "O3'" 1 
ATOM   112 C  "C2'" . DG A 1 6  ? 4.99844   17.99847  5.45680   1.000 336.57762 ? 106 DG A "C2'" 1 
ATOM   113 C  "C1'" . DG A 1 6  ? 4.24092   19.03896  6.26110   1.000 338.07460 ? 106 DG A "C1'" 1 
ATOM   114 N  N9    . DG A 1 6  ? 2.79098   18.91361  6.14979   1.000 338.41361 ? 106 DG A N9    1 
ATOM   115 C  C8    . DG A 1 6  ? 2.00880   19.18488  5.05153   1.000 340.52578 ? 106 DG A C8    1 
ATOM   116 N  N7    . DG A 1 6  ? 0.73788   18.96390  5.25364   1.000 341.05452 ? 106 DG A N7    1 
ATOM   117 C  C5    . DG A 1 6  ? 0.67799   18.51253  6.56776   1.000 340.92662 ? 106 DG A C5    1 
ATOM   118 C  C6    . DG A 1 6  ? -0.43377  18.11429  7.34962   1.000 341.63963 ? 106 DG A C6    1 
ATOM   119 O  O6    . DG A 1 6  ? -1.63000  18.08013  7.02420   1.000 342.56946 ? 106 DG A O6    1 
ATOM   120 N  N1    . DG A 1 6  ? -0.04841  17.72710  8.63380   1.000 340.05513 ? 106 DG A N1    1 
ATOM   121 C  C2    . DG A 1 6  ? 1.24742   17.72565  9.09975   1.000 338.05917 ? 106 DG A C2    1 
ATOM   122 N  N2    . DG A 1 6  ? 1.43782   17.32124  10.36390  1.000 336.36780 ? 106 DG A N2    1 
ATOM   123 N  N3    . DG A 1 6  ? 2.29228   18.09603  8.37570   1.000 336.46579 ? 106 DG A N3    1 
ATOM   124 C  C4    . DG A 1 6  ? 1.93437   18.47522  7.12757   1.000 338.33394 ? 106 DG A C4    1 
ATOM   125 P  P     . DC A 1 7  ? 7.78594   16.93815  6.67453   1.000 344.06656 ? 107 DC A P     1 
ATOM   126 O  OP1   . DC A 1 7  ? 8.93856   17.05263  7.59653   1.000 341.23963 ? 107 DC A OP1   1 
ATOM   127 O  OP2   . DC A 1 7  ? 7.94481   16.28444  5.35708   1.000 339.61443 ? 107 DC A OP2   1 
ATOM   128 O  "O5'" . DC A 1 7  ? 6.61291   16.18158  7.44313   1.000 341.12919 ? 107 DC A "O5'" 1 
ATOM   129 C  "C5'" . DC A 1 7  ? 6.32491   16.49965  8.79324   1.000 340.38282 ? 107 DC A "C5'" 1 
ATOM   130 C  "C4'" . DC A 1 7  ? 5.52682   15.38190  9.42321   1.000 337.58110 ? 107 DC A "C4'" 1 
ATOM   131 O  "O4'" . DC A 1 7  ? 4.12228   15.54575  9.08191   1.000 337.43225 ? 107 DC A "O4'" 1 
ATOM   132 C  "C3'" . DC A 1 7  ? 5.92279   13.97925  8.93710   1.000 333.27911 ? 107 DC A "C3'" 1 
ATOM   133 O  "O3'" . DC A 1 7  ? 6.00599   13.07729  10.03552  1.000 332.61510 ? 107 DC A "O3'" 1 
ATOM   134 C  "C2'" . DC A 1 7  ? 4.78498   13.60817  7.99005   1.000 332.25995 ? 107 DC A "C2'" 1 
ATOM   135 C  "C1'" . DC A 1 7  ? 3.62091   14.30156  8.67095   1.000 333.22110 ? 107 DC A "C1'" 1 
ATOM   136 N  N1    . DC A 1 7  ? 2.41793   14.48844  7.79434   1.000 334.31833 ? 107 DC A N1    1 
ATOM   137 C  C2    . DC A 1 7  ? 1.15083   14.32767  8.34832   1.000 335.09295 ? 107 DC A C2    1 
ATOM   138 O  O2    . DC A 1 7  ? 1.05791   14.06524  9.55180   1.000 334.27673 ? 107 DC A O2    1 
ATOM   139 N  N3    . DC A 1 7  ? 0.06046   14.47669  7.55941   1.000 336.96597 ? 107 DC A N3    1 
ATOM   140 C  C4    . DC A 1 7  ? 0.20680   14.76378  6.26483   1.000 337.92787 ? 107 DC A C4    1 
ATOM   141 N  N4    . DC A 1 7  ? -0.90258  14.89997  5.52689   1.000 339.50172 ? 107 DC A N4    1 
ATOM   142 C  C5    . DC A 1 7  ? 1.49497   14.92193  5.67229   1.000 336.91891 ? 107 DC A C5    1 
ATOM   143 C  C6    . DC A 1 7  ? 2.56521   14.77163  6.46593   1.000 335.62652 ? 107 DC A C6    1 
ATOM   144 P  P     . DC A 1 8  ? 6.78364   11.67954  9.87874   1.000 333.30283 ? 108 DC A P     1 
ATOM   145 O  OP1   . DC A 1 8  ? 8.19566   11.97633  9.54819   1.000 334.15124 ? 108 DC A OP1   1 
ATOM   146 O  OP2   . DC A 1 8  ? 5.98853   10.81357  8.98167   1.000 330.09394 ? 108 DC A OP2   1 
ATOM   147 O  "O5'" . DC A 1 8  ? 6.71700   11.03832  11.34122  1.000 328.71926 ? 108 DC A "O5'" 1 
ATOM   148 C  "C5'" . DC A 1 8  ? 6.22422   9.71832   11.50836  1.000 325.23245 ? 108 DC A "C5'" 1 
ATOM   149 C  "C4'" . DC A 1 8  ? 5.09034   9.68303   12.51723  1.000 327.29646 ? 108 DC A "C4'" 1 
ATOM   150 O  "O4'" . DC A 1 8  ? 4.26386   10.87258  12.36815  1.000 329.24896 ? 108 DC A "O4'" 1 
ATOM   151 C  "C3'" . DC A 1 8  ? 4.12893   8.52008   12.34965  1.000 326.58305 ? 108 DC A "C3'" 1 
ATOM   152 O  "O3'" . DC A 1 8  ? 4.59559   7.36764   13.05897  1.000 328.93629 ? 108 DC A "O3'" 1 
ATOM   153 C  "C2'" . DC A 1 8  ? 2.85028   9.08624   12.96023  1.000 328.47770 ? 108 DC A "C2'" 1 
ATOM   154 C  "C1'" . DC A 1 8  ? 2.88803   10.51958  12.44424  1.000 330.29233 ? 108 DC A "C1'" 1 
ATOM   155 N  N1    . DC A 1 8  ? 2.27107   10.70408  11.07671  1.000 330.31005 ? 108 DC A N1    1 
ATOM   156 C  C2    . DC A 1 8  ? 0.87582   10.61989  10.90298  1.000 329.78633 ? 108 DC A C2    1 
ATOM   157 O  O2    . DC A 1 8  ? 0.15505   10.38419  11.88178  1.000 328.29017 ? 108 DC A O2    1 
ATOM   158 N  N3    . DC A 1 8  ? 0.35385   10.80508  9.65080   1.000 329.14055 ? 108 DC A N3    1 
ATOM   159 C  C4    . DC A 1 8  ? 1.17050   11.05998  8.62228   1.000 326.87250 ? 108 DC A C4    1 
ATOM   160 N  N4    . DC A 1 8  ? 0.65465   11.23878  7.39300   1.000 324.89668 ? 108 DC A N4    1 
ATOM   161 C  C5    . DC A 1 8  ? 2.57891   11.14311  8.79170   1.000 325.79751 ? 108 DC A C5    1 
ATOM   162 C  C6    . DC A 1 8  ? 3.07829   10.97337  10.01503  1.000 327.53586 ? 108 DC A C6    1 
ATOM   163 P  P     . DT A 1 9  ? 5.10217   6.06059   12.26429  1.000 321.45076 ? 109 DT A P     1 
ATOM   164 O  OP1   . DT A 1 9  ? 4.61256   4.86426   12.99133  1.000 313.52693 ? 109 DT A OP1   1 
ATOM   165 O  OP2   . DT A 1 9  ? 6.55410   6.21302   12.02939  1.000 325.75663 ? 109 DT A OP2   1 
ATOM   166 O  "O5'" . DT A 1 9  ? 4.37924   6.15364   10.83817  1.000 313.64583 ? 109 DT A "O5'" 1 
ATOM   167 C  "C5'" . DT A 1 9  ? 3.20624   5.40244   10.58999  1.000 307.62200 ? 109 DT A "C5'" 1 
ATOM   168 C  "C4'" . DT A 1 9  ? 2.09747   5.83652   11.52475  1.000 309.17232 ? 109 DT A "C4'" 1 
ATOM   169 O  "O4'" . DT A 1 9  ? 1.60320   7.12431   11.09974  1.000 310.85273 ? 109 DT A "O4'" 1 
ATOM   170 C  "C3'" . DT A 1 9  ? 0.91555   4.88963   11.59136  1.000 303.59605 ? 109 DT A "C3'" 1 
ATOM   171 O  "O3'" . DT A 1 9  ? 0.89115   4.22595   12.85449  1.000 298.55634 ? 109 DT A "O3'" 1 
ATOM   172 C  "C2'" . DT A 1 9  ? -0.32263  5.77461   11.39384  1.000 301.58988 ? 109 DT A "C2'" 1 
ATOM   173 C  "C1'" . DT A 1 9  ? 0.22917   7.08212   10.82391  1.000 309.37218 ? 109 DT A "C1'" 1 
ATOM   174 N  N1    . DT A 1 9  ? 0.05003   7.30003   9.33446   1.000 308.37414 ? 109 DT A N1    1 
ATOM   175 C  C2    . DT A 1 9  ? -1.18631  7.12874   8.73799   1.000 305.98640 ? 109 DT A C2    1 
ATOM   176 O  O2    . DT A 1 9  ? -2.18547  6.76513   9.33286   1.000 300.86558 ? 109 DT A O2    1 
ATOM   177 N  N3    . DT A 1 9  ? -1.20667  7.39004   7.39251   1.000 305.67464 ? 109 DT A N3    1 
ATOM   178 C  C4    . DT A 1 9  ? -0.15282  7.80849   6.60161   1.000 305.52739 ? 109 DT A C4    1 
ATOM   179 O  O4    . DT A 1 9  ? -0.27810  8.01601   5.40320   1.000 305.90977 ? 109 DT A O4    1 
ATOM   180 C  C5    . DT A 1 9  ? 1.10136   7.98576   7.28682   1.000 304.84164 ? 109 DT A C5    1 
ATOM   181 C  C7    . DT A 1 9  ? 2.31574   8.43803   6.53224   1.000 306.06720 ? 109 DT A C7    1 
ATOM   182 C  C6    . DT A 1 9  ? 1.13876   7.73376   8.60244   1.000 306.61865 ? 109 DT A C6    1 
ATOM   183 P  P     . DG A 1 10 ? 1.62966   2.80941   13.04814  1.000 311.13232 ? 110 DG A P     1 
ATOM   184 O  OP1   . DG A 1 10 ? 1.95969   2.68589   14.48457  1.000 306.88990 ? 110 DG A OP1   1 
ATOM   185 O  OP2   . DG A 1 10 ? 2.69456   2.68872   12.03055  1.000 315.66417 ? 110 DG A OP2   1 
ATOM   186 O  "O5'" . DG A 1 10 ? 0.51058   1.72714   12.69269  1.000 286.40243 ? 110 DG A "O5'" 1 
ATOM   187 C  "C5'" . DG A 1 10 ? -0.61609  1.57052   13.53812  1.000 265.23729 ? 110 DG A "C5'" 1 
ATOM   188 C  "C4'" . DG A 1 10 ? -1.88478  1.87364   12.77405  1.000 259.96802 ? 110 DG A "C4'" 1 
ATOM   189 O  "O4'" . DG A 1 10 ? -1.59896  2.89285   11.80692  1.000 279.53497 ? 110 DG A "O4'" 1 
ATOM   190 C  "C3'" . DG A 1 10 ? -2.41753  0.72058   11.95102  1.000 246.69372 ? 110 DG A "C3'" 1 
ATOM   191 O  "O3'" . DG A 1 10 ? -3.27236  -0.07101  12.73942  1.000 234.74436 ? 110 DG A "O3'" 1 
ATOM   192 C  "C2'" . DG A 1 10 ? -3.18474  1.41948   10.82622  1.000 249.72051 ? 110 DG A "C2'" 1 
ATOM   193 C  "C1'" . DG A 1 10 ? -2.47305  2.75648   10.70714  1.000 272.66050 ? 110 DG A "C1'" 1 
ATOM   194 N  N9    . DG A 1 10 ? -1.72640  3.01854   9.46525   1.000 287.49884 ? 110 DG A N9    1 
ATOM   195 C  C8    . DG A 1 10 ? -0.38072  3.25224   9.35128   1.000 299.66758 ? 110 DG A C8    1 
ATOM   196 N  N7    . DG A 1 10 ? 0.00749   3.55548   8.15113   1.000 305.15456 ? 110 DG A N7    1 
ATOM   197 C  C5    . DG A 1 10 ? -1.15623  3.52244   7.40931   1.000 300.50064 ? 110 DG A C5    1 
ATOM   198 C  C6    . DG A 1 10 ? -1.35450  3.74311   6.03502   1.000 302.04049 ? 110 DG A C6    1 
ATOM   199 O  O6    . DG A 1 10 ? -0.52280  4.05045   5.17857   1.000 305.64249 ? 110 DG A O6    1 
ATOM   200 N  N1    . DG A 1 10 ? -2.68967  3.61480   5.68239   1.000 294.68369 ? 110 DG A N1    1 
ATOM   201 C  C2    . DG A 1 10 ? -3.70587  3.29666   6.54859   1.000 282.03872 ? 110 DG A C2    1 
ATOM   202 N  N2    . DG A 1 10 ? -4.93323  3.21002   6.01837   1.000 272.40023 ? 110 DG A N2    1 
ATOM   203 N  N3    . DG A 1 10 ? -3.53439  3.07835   7.84373   1.000 277.07199 ? 110 DG A N3    1 
ATOM   204 C  C4    . DG A 1 10 ? -2.23846  3.20704   8.20308   1.000 288.73792 ? 110 DG A C4    1 
ATOM   205 P  P     . DT A 1 11 ? -2.76595  -1.49738  13.26986  1.000 257.86850 ? 111 DT A P     1 
ATOM   206 O  OP1   . DT A 1 11 ? -2.48086  -1.36920  14.71752  1.000 257.44496 ? 111 DT A OP1   1 
ATOM   207 O  OP2   . DT A 1 11 ? -1.68767  -1.94143  12.36000  1.000 262.14813 ? 111 DT A OP2   1 
ATOM   208 O  "O5'" . DT A 1 11 ? -4.03180  -2.45580  13.05225  1.000 243.01796 ? 111 DT A "O5'" 1 
ATOM   209 C  "C5'" . DT A 1 11 ? -4.22321  -3.12541  11.80464  1.000 233.95190 ? 111 DT A "C5'" 1 
ATOM   210 C  "C4'" . DT A 1 11 ? -5.21500  -2.38201  10.92956  1.000 225.27764 ? 111 DT A "C4'" 1 
ATOM   211 O  "O4'" . DT A 1 11 ? -4.55639  -1.23085  10.32819  1.000 241.35274 ? 111 DT A "O4'" 1 
ATOM   212 C  "C3'" . DT A 1 11 ? -5.77504  -3.19787  9.76394   1.000 218.45990 ? 111 DT A "C3'" 1 
ATOM   213 O  "O3'" . DT A 1 11 ? -7.17834  -2.86649  9.55876   1.000 218.41275 ? 111 DT A "O3'" 1 
ATOM   214 C  "C2'" . DT A 1 11 ? -4.86229  -2.78475  8.61313   1.000 230.91575 ? 111 DT A "C2'" 1 
ATOM   215 C  "C1'" . DT A 1 11 ? -4.62749  -1.32144  8.91873   1.000 243.51019 ? 111 DT A "C1'" 1 
ATOM   216 N  N1    . DT A 1 11 ? -3.35893  -0.74646  8.29107   1.000 261.44188 ? 111 DT A N1    1 
ATOM   217 C  C2    . DT A 1 11 ? -3.43137  -0.16154  7.04448   1.000 269.94360 ? 111 DT A C2    1 
ATOM   218 O  O2    . DT A 1 11 ? -4.46411  -0.07941  6.40570   1.000 262.69223 ? 111 DT A O2    1 
ATOM   219 N  N3    . DT A 1 11 ? -2.24259  0.33367   6.56961   1.000 286.50330 ? 111 DT A N3    1 
ATOM   220 C  C4    . DT A 1 11 ? -1.01173  0.30355   7.19972   1.000 294.06693 ? 111 DT A C4    1 
ATOM   221 O  O4    . DT A 1 11 ? 0.00157   0.77750   6.69128   1.000 306.93170 ? 111 DT A O4    1 
ATOM   222 C  C5    . DT A 1 11 ? -1.00178  -0.31902  8.49935   1.000 284.01971 ? 111 DT A C5    1 
ATOM   223 C  C7    . DT A 1 11 ? 0.27711   -0.40730  9.27879   1.000 291.69797 ? 111 DT A C7    1 
ATOM   224 C  C6    . DT A 1 11 ? -2.15488  -0.82963  8.96588   1.000 269.63254 ? 111 DT A C6    1 
ATOM   225 P  P     . DC A 1 12 ? -7.87459  -2.73279  8.10504   1.000 224.69044 ? 112 DC A P     1 
ATOM   226 O  OP1   . DC A 1 12 ? -7.32777  -1.57645  7.36163   1.000 227.45831 ? 112 DC A OP1   1 
ATOM   227 O  OP2   . DC A 1 12 ? -9.31606  -2.65262  8.42341   1.000 224.64514 ? 112 DC A OP2   1 
ATOM   228 O  "O5'" . DC A 1 12 ? -7.70849  -4.17671  7.39159   1.000 215.68628 ? 112 DC A "O5'" 1 
ATOM   229 C  "C5'" . DC A 1 12 ? -6.61384  -4.49336  6.48217   1.000 220.18696 ? 112 DC A "C5'" 1 
ATOM   230 C  "C4'" . DC A 1 12 ? -6.62459  -3.64041  5.21811   1.000 228.48917 ? 112 DC A "C4'" 1 
ATOM   231 O  "O4'" . DC A 1 12 ? -5.77248  -2.47314  5.41967   1.000 234.55473 ? 112 DC A "O4'" 1 
ATOM   232 C  "C3'" . DC A 1 12 ? -6.06071  -4.33776  3.98332   1.000 237.07381 ? 112 DC A "C3'" 1 
ATOM   233 O  "O3'" . DC A 1 12 ? -7.09549  -5.02071  3.21035   1.000 227.82618 ? 112 DC A "O3'" 1 
ATOM   234 C  "C2'" . DC A 1 12 ? -5.37136  -3.21318  3.20907   1.000 249.49013 ? 112 DC A "C2'" 1 
ATOM   235 C  "C1'" . DC A 1 12 ? -4.87472  -2.30832  4.33237   1.000 249.91811 ? 112 DC A "C1'" 1 
ATOM   236 N  N1    . DC A 1 12 ? -3.44248  -2.57522  4.81182   1.000 260.60013 ? 112 DC A N1    1 
ATOM   237 C  C2    . DC A 1 12 ? -2.37942  -1.81821  4.29058   1.000 279.35983 ? 112 DC A C2    1 
ATOM   238 O  O2    . DC A 1 12 ? -2.61986  -0.95959  3.43089   1.000 286.82604 ? 112 DC A O2    1 
ATOM   239 N  N3    . DC A 1 12 ? -1.10909  -2.05702  4.74842   1.000 285.20967 ? 112 DC A N3    1 
ATOM   240 C  C4    . DC A 1 12 ? -0.89541  -2.99141  5.67506   1.000 274.31928 ? 112 DC A C4    1 
ATOM   241 N  N4    . DC A 1 12 ? 0.36312   -3.19533  6.09330   1.000 277.66461 ? 112 DC A N4    1 
ATOM   242 C  C5    . DC A 1 12 ? -1.96648  -3.75830  6.21790   1.000 260.15132 ? 112 DC A C5    1 
ATOM   243 C  C6    . DC A 1 12 ? -3.20502  -3.51884  5.76632   1.000 254.04844 ? 112 DC A C6    1 
ATOM   244 P  P     . DT A 1 13 ? -8.43429  -4.28913  2.67675   1.000 206.92592 ? 113 DT A P     1 
ATOM   245 O  OP1   . DT A 1 13 ? -8.51342  -2.86664  3.07312   1.000 208.22369 ? 113 DT A OP1   1 
ATOM   246 O  OP2   . DT A 1 13 ? -9.54034  -5.21132  3.00572   1.000 193.66397 ? 113 DT A OP2   1 
ATOM   247 O  "O5'" . DT A 1 13 ? -8.28255  -4.30693  1.08431   1.000 214.37974 ? 113 DT A "O5'" 1 
ATOM   248 C  "C5'" . DT A 1 13 ? -7.51403  -3.29305  0.42325   1.000 229.98204 ? 113 DT A "C5'" 1 
ATOM   249 C  "C4'" . DT A 1 13 ? -6.76073  -3.88020  -0.75507  1.000 242.11731 ? 113 DT A "C4'" 1 
ATOM   250 O  "O4'" . DT A 1 13 ? -5.32902  -3.83799  -0.49004  1.000 256.95033 ? 113 DT A "O4'" 1 
ATOM   251 C  "C3'" . DT A 1 13 ? -7.07832  -5.34593  -1.03173  1.000 233.70875 ? 113 DT A "C3'" 1 
ATOM   252 O  "O3'" . DT A 1 13 ? -6.88350  -5.63299  -2.39388  1.000 240.20797 ? 113 DT A "O3'" 1 
ATOM   253 C  "C2'" . DT A 1 13 ? -6.02114  -6.04230  -0.19566  1.000 237.59245 ? 113 DT A "C2'" 1 
ATOM   254 C  "C1'" . DT A 1 13 ? -4.82386  -5.15549  -0.49564  1.000 254.68414 ? 113 DT A "C1'" 1 
ATOM   255 N  N1    . DT A 1 13 ? -3.75542  -5.26868  0.50785   1.000 259.90672 ? 113 DT A N1    1 
ATOM   256 C  C2    . DT A 1 13 ? -2.49931  -4.78489  0.22434   1.000 278.88026 ? 113 DT A C2    1 
ATOM   257 O  O2    . DT A 1 13 ? -2.21598  -4.24633  -0.82972  1.000 292.26134 ? 113 DT A O2    1 
ATOM   258 N  N3    . DT A 1 13 ? -1.58678  -4.94981  1.24143   1.000 279.27672 ? 113 DT A N3    1 
ATOM   259 C  C4    . DT A 1 13 ? -1.80829  -5.53614  2.47309   1.000 266.20013 ? 113 DT A C4    1 
ATOM   260 O  O4    . DT A 1 13 ? -0.92829  -5.64966  3.32256   1.000 269.73832 ? 113 DT A O4    1 
ATOM   261 C  C5    . DT A 1 13 ? -3.14324  -6.03047  2.68867   1.000 247.99596 ? 113 DT A C5    1 
ATOM   262 C  C7    . DT A 1 13 ? -3.49445  -6.69819  3.98409   1.000 234.76137 ? 113 DT A C7    1 
ATOM   263 C  C6    . DT A 1 13 ? -4.03642  -5.88290  1.70487   1.000 244.77428 ? 113 DT A C6    1 
ATOM   264 P  P     . DG A 1 14 ? -7.91273  -5.12865  -3.51535  1.000 218.27580 ? 114 DG A P     1 
ATOM   265 O  OP1   . DG A 1 14 ? -9.04210  -4.44871  -2.84582  1.000 202.83266 ? 114 DG A OP1   1 
ATOM   266 O  OP2   . DG A 1 14 ? -8.18219  -6.27457  -4.41432  1.000 218.59657 ? 114 DG A OP2   1 
ATOM   267 O  "O5'" . DG A 1 14 ? -7.05426  -4.06457  -4.34566  1.000 234.55162 ? 114 DG A "O5'" 1 
ATOM   268 C  "C5'" . DG A 1 14 ? -6.96244  -4.18486  -5.75168  1.000 239.32569 ? 114 DG A "C5'" 1 
ATOM   269 C  "C4'" . DG A 1 14 ? -5.55696  -3.88667  -6.24638  1.000 262.65159 ? 114 DG A "C4'" 1 
ATOM   270 O  "O4'" . DG A 1 14 ? -4.57765  -4.16491  -5.19850  1.000 269.72412 ? 114 DG A "O4'" 1 
ATOM   271 C  "C3'" . DG A 1 14 ? -5.10778  -4.77001  -7.37967  1.000 270.60546 ? 114 DG A "C3'" 1 
ATOM   272 O  "O3'" . DG A 1 14 ? -3.95241  -4.20677  -7.94617  1.000 290.15149 ? 114 DG A "O3'" 1 
ATOM   273 C  "C2'" . DG A 1 14 ? -4.74691  -6.01429  -6.59242  1.000 270.60253 ? 114 DG A "C2'" 1 
ATOM   274 C  "C1'" . DG A 1 14 ? -3.87031  -5.35917  -5.53742  1.000 277.38235 ? 114 DG A "C1'" 1 
ATOM   275 N  N9    . DG A 1 14 ? -3.69175  -6.13479  -4.31453  1.000 270.99639 ? 114 DG A N9    1 
ATOM   276 C  C8    . DG A 1 14 ? -4.68017  -6.72986  -3.58801  1.000 255.34535 ? 114 DG A C8    1 
ATOM   277 N  N7    . DG A 1 14 ? -4.25680  -7.33134  -2.51849  1.000 255.51592 ? 114 DG A N7    1 
ATOM   278 C  C5    . DG A 1 14 ? -2.89185  -7.10848  -2.51612  1.000 269.61314 ? 114 DG A C5    1 
ATOM   279 C  C6    . DG A 1 14 ? -1.90936  -7.52859  -1.58923  1.000 270.84079 ? 114 DG A C6    1 
ATOM   280 O  O6    . DG A 1 14 ? -2.06492  -8.19064  -0.55449  1.000 261.05770 ? 114 DG A O6    1 
ATOM   281 N  N1    . DG A 1 14 ? -0.63943  -7.10368  -1.95645  1.000 283.10741 ? 114 DG A N1    1 
ATOM   282 C  C2    . DG A 1 14 ? -0.35385  -6.36490  -3.08213  1.000 289.50650 ? 114 DG A C2    1 
ATOM   283 N  N2    . DG A 1 14 ? 0.93796   -6.05207  -3.27030  1.000 292.38206 ? 114 DG A N2    1 
ATOM   284 N  N3    . DG A 1 14 ? -1.26876  -5.96265  -3.96534  1.000 288.73798 ? 114 DG A N3    1 
ATOM   285 C  C4    . DG A 1 14 ? -2.51566  -6.36945  -3.61600  1.000 279.43448 ? 114 DG A C4    1 
ATOM   286 P  P     . DG A 1 15 ? -3.89702  -3.87430  -9.51003  1.000 280.32665 ? 115 DG A P     1 
ATOM   287 O  OP1   . DG A 1 15 ? -4.99773  -2.92701  -9.79538  1.000 267.24960 ? 115 DG A OP1   1 
ATOM   288 O  OP2   . DG A 1 15 ? -3.81215  -5.16851  -10.22113 1.000 273.93723 ? 115 DG A OP2   1 
ATOM   289 O  "O5'" . DG A 1 15 ? -2.49795  -3.12108  -9.69009  1.000 285.16555 ? 115 DG A "O5'" 1 
ATOM   290 C  "C5'" . DG A 1 15 ? -1.59000  -3.54973  -10.69165 1.000 280.71222 ? 115 DG A "C5'" 1 
ATOM   291 C  "C4'" . DG A 1 15 ? -0.35904  -4.19162  -10.07336 1.000 283.04143 ? 115 DG A "C4'" 1 
ATOM   292 O  "O4'" . DG A 1 15 ? -0.70232  -4.77033  -8.79857  1.000 285.43738 ? 115 DG A "O4'" 1 
ATOM   293 C  "C3'" . DG A 1 15 ? 0.24955   -5.31233  -10.90287 1.000 280.51005 ? 115 DG A "C3'" 1 
ATOM   294 O  "O3'" . DG A 1 15 ? 1.41676   -4.85494  -11.64641 1.000 279.61722 ? 115 DG A "O3'" 1 
ATOM   295 C  "C2'" . DG A 1 15 ? 0.58406   -6.42781  -9.90519  1.000 281.01730 ? 115 DG A "C2'" 1 
ATOM   296 C  "C1'" . DG A 1 15 ? 0.07236   -5.92387  -8.55303  1.000 283.92060 ? 115 DG A "C1'" 1 
ATOM   297 N  N9    . DG A 1 15 ? -0.79140  -6.88176  -7.86019  1.000 281.23376 ? 115 DG A N9    1 
ATOM   298 C  C8    . DG A 1 15 ? -2.10401  -7.13553  -8.15869  1.000 277.66147 ? 115 DG A C8    1 
ATOM   299 N  N7    . DG A 1 15 ? -2.65582  -8.02075  -7.38536  1.000 272.93630 ? 115 DG A N7    1 
ATOM   300 C  C5    . DG A 1 15 ? -1.65712  -8.37546  -6.49866  1.000 275.88181 ? 115 DG A C5    1 
ATOM   301 C  C6    . DG A 1 15 ? -1.69268  -9.29870  -5.43476  1.000 271.83167 ? 115 DG A C6    1 
ATOM   302 O  O6    . DG A 1 15 ? -2.64686  -9.99209  -5.06180  1.000 261.13477 ? 115 DG A O6    1 
ATOM   303 N  N1    . DG A 1 15 ? -0.47040  -9.38056  -4.77888  1.000 275.92954 ? 115 DG A N1    1 
ATOM   304 C  C2    . DG A 1 15 ? 0.65634   -8.65692  -5.10756  1.000 282.37104 ? 115 DG A C2    1 
ATOM   305 N  N2    . DG A 1 15 ? 1.75097   -8.88624  -4.35374  1.000 283.15137 ? 115 DG A N2    1 
ATOM   306 N  N3    . DG A 1 15 ? 0.70541   -7.77679  -6.11365  1.000 284.39706 ? 115 DG A N3    1 
ATOM   307 C  C4    . DG A 1 15 ? -0.49123  -7.68826  -6.76498  1.000 281.10686 ? 115 DG A C4    1 
ATOM   308 P  P     . DA A 1 16 ? 2.66486   -4.09402  -10.95635 1.000 281.25200 ? 116 DA A P     1 
ATOM   309 O  OP1   . DA A 1 16 ? 2.25445   -2.89724  -10.19287 1.000 282.59469 ? 116 DA A OP1   1 
ATOM   310 O  OP2   . DA A 1 16 ? 3.63025   -3.90285  -12.05816 1.000 279.23770 ? 116 DA A OP2   1 
ATOM   311 O  "O5'" . DA A 1 16 ? 3.30858   -5.15894  -9.94928  1.000 281.30521 ? 116 DA A "O5'" 1 
ATOM   312 C  "C5'" . DA A 1 16 ? 4.11578   -4.69987  -8.85883  1.000 283.68476 ? 116 DA A "C5'" 1 
ATOM   313 C  "C4'" . DA A 1 16 ? 5.02860   -5.80111  -8.34049  1.000 285.12838 ? 116 DA A "C4'" 1 
ATOM   314 O  "O4'" . DA A 1 16 ? 4.25272   -6.76776  -7.59148  1.000 286.32233 ? 116 DA A "O4'" 1 
ATOM   315 C  "C3'" . DA A 1 16 ? 5.78583   -6.57408  -9.41780  1.000 280.14018 ? 116 DA A "C3'" 1 
ATOM   316 O  "O3'" . DA A 1 16 ? 7.17593   -6.56670  -9.13768  1.000 278.97591 ? 116 DA A "O3'" 1 
ATOM   317 C  "C2'" . DA A 1 16 ? 5.20328   -7.98852  -9.36097  1.000 280.76008 ? 116 DA A "C2'" 1 
ATOM   318 C  "C1'" . DA A 1 16 ? 4.61193   -8.07933  -7.96068  1.000 283.35431 ? 116 DA A "C1'" 1 
ATOM   319 N  N9    . DA A 1 16 ? 3.40151   -8.88971  -7.92398  1.000 282.02353 ? 116 DA A N9    1 
ATOM   320 C  C8    . DA A 1 16 ? 2.28578   -8.69774  -8.67461  1.000 279.43254 ? 116 DA A C8    1 
ATOM   321 N  N7    . DA A 1 16 ? 1.33179   -9.56035  -8.45185  1.000 280.23357 ? 116 DA A N7    1 
ATOM   322 C  C5    . DA A 1 16 ? 1.85990   -10.39118 -7.48660  1.000 282.58759 ? 116 DA A C5    1 
ATOM   323 C  C6    . DA A 1 16 ? 1.33833   -11.51270 -6.82585  1.000 282.59212 ? 116 DA A C6    1 
ATOM   324 N  N6    . DA A 1 16 ? 0.11571   -11.99762 -7.06473  1.000 282.48585 ? 116 DA A N6    1 
ATOM   325 N  N1    . DA A 1 16 ? 2.11996   -12.11950 -5.91469  1.000 283.66648 ? 116 DA A N1    1 
ATOM   326 C  C2    . DA A 1 16 ? 3.34520   -11.62634 -5.67959  1.000 284.61336 ? 116 DA A C2    1 
ATOM   327 N  N3    . DA A 1 16 ? 3.94695   -10.57397 -6.23988  1.000 283.88324 ? 116 DA A N3    1 
ATOM   328 C  C4    . DA A 1 16 ? 3.13969   -9.99375  -7.14207  1.000 283.29829 ? 116 DA A C4    1 
ATOM   329 P  P     . DC A 1 17 ? 8.19297   -7.36955  -10.08618 1.000 272.74866 ? 117 DC A P     1 
ATOM   330 O  OP1   . DC A 1 17 ? 9.50309   -6.68575  -10.00550 1.000 271.87156 ? 117 DC A OP1   1 
ATOM   331 O  OP2   . DC A 1 17 ? 7.54735   -7.56859  -11.40349 1.000 271.14509 ? 117 DC A OP2   1 
ATOM   332 O  "O5'" . DC A 1 17 ? 8.31393   -8.79519  -9.37834  1.000 274.36355 ? 117 DC A "O5'" 1 
ATOM   333 C  "C5'" . DC A 1 17 ? 8.69695   -8.86421  -8.01560  1.000 276.48757 ? 117 DC A "C5'" 1 
ATOM   334 C  "C4'" . DC A 1 17 ? 8.54210   -10.27099 -7.47147  1.000 278.01705 ? 117 DC A "C4'" 1 
ATOM   335 O  "O4'" . DC A 1 17 ? 7.14314   -10.66037 -7.50171  1.000 276.64190 ? 117 DC A "O4'" 1 
ATOM   336 C  "C3'" . DC A 1 17 ? 9.29458   -11.36527 -8.24358  1.000 277.90012 ? 117 DC A "C3'" 1 
ATOM   337 O  "O3'" . DC A 1 17 ? 9.86061   -12.27891 -7.31277  1.000 282.13150 ? 117 DC A "O3'" 1 
ATOM   338 C  "C2'" . DC A 1 17 ? 8.17595   -12.02281 -9.04282  1.000 275.89758 ? 117 DC A "C2'" 1 
ATOM   339 C  "C1'" . DC A 1 17 ? 7.07436   -11.96347 -8.01137  1.000 277.82657 ? 117 DC A "C1'" 1 
ATOM   340 N  N1    . DC A 1 17 ? 5.72344   -12.21461 -8.53975  1.000 275.72594 ? 117 DC A N1    1 
ATOM   341 C  C2    . DC A 1 17 ? 5.02752   -13.32723 -8.08307  1.000 277.70031 ? 117 DC A C2    1 
ATOM   342 O  O2    . DC A 1 17 ? 5.57168   -14.06591 -7.25578  1.000 281.49802 ? 117 DC A O2    1 
ATOM   343 N  N3    . DC A 1 17 ? 3.78772   -13.56994 -8.55833  1.000 275.78784 ? 117 DC A N3    1 
ATOM   344 C  C4    . DC A 1 17 ? 3.24538   -12.74203 -9.45292  1.000 273.57628 ? 117 DC A C4    1 
ATOM   345 N  N4    . DC A 1 17 ? 2.01293   -13.01983 -9.88496  1.000 274.28071 ? 117 DC A N4    1 
ATOM   346 C  C5    . DC A 1 17 ? 3.94034   -11.59048 -9.93097  1.000 271.01326 ? 117 DC A C5    1 
ATOM   347 C  C6    . DC A 1 17 ? 5.16927   -11.37008 -9.45208  1.000 271.84246 ? 117 DC A C6    1 
ATOM   348 P  P     . DA A 1 18 ? 10.88701  -13.42616 -7.77969  1.000 278.89303 ? 118 DA A P     1 
ATOM   349 O  OP1   . DA A 1 18 ? 12.23753  -12.82463 -7.78833  1.000 275.76604 ? 118 DA A OP1   1 
ATOM   350 O  OP2   . DA A 1 18 ? 10.37819  -14.09742 -8.99520  1.000 277.23457 ? 118 DA A OP2   1 
ATOM   351 O  "O5'" . DA A 1 18 ? 10.79464  -14.49291 -6.59215  1.000 285.18664 ? 118 DA A "O5'" 1 
ATOM   352 C  "C5'" . DA A 1 18 ? 9.60998   -14.55378 -5.79996  1.000 284.72025 ? 118 DA A "C5'" 1 
ATOM   353 C  "C4'" . DA A 1 18 ? 9.35838   -15.95596 -5.26628  1.000 292.38432 ? 118 DA A "C4'" 1 
ATOM   354 O  "O4'" . DA A 1 18 ? 8.02819   -16.37900 -5.64659  1.000 291.59433 ? 118 DA A "O4'" 1 
ATOM   355 C  "C3'" . DA A 1 18 ? 10.25453  -17.04519 -5.81798  1.000 297.11222 ? 118 DA A "C3'" 1 
ATOM   356 O  "O3'" . DA A 1 18 ? 10.16384  -18.17953 -4.96546  1.000 301.07102 ? 118 DA A "O3'" 1 
ATOM   357 C  "C2'" . DA A 1 18 ? 9.58543   -17.31445 -7.15784  1.000 292.66657 ? 118 DA A "C2'" 1 
ATOM   358 C  "C1'" . DA A 1 18 ? 8.11319   -17.25578 -6.76257  1.000 291.54277 ? 118 DA A "C1'" 1 
ATOM   359 N  N9    . DA A 1 18 ? 7.23916   -16.73770 -7.80488  1.000 286.33445 ? 118 DA A N9    1 
ATOM   360 C  C8    . DA A 1 18 ? 7.49708   -15.71024 -8.66925  1.000 281.06983 ? 118 DA A C8    1 
ATOM   361 N  N7    . DA A 1 18 ? 6.50822   -15.45641 -9.49567  1.000 276.96243 ? 118 DA A N7    1 
ATOM   362 C  C5    . DA A 1 18 ? 5.52983   -16.36972 -9.13185  1.000 279.44987 ? 118 DA A C5    1 
ATOM   363 C  C6    . DA A 1 18 ? 4.22973   -16.61893 -9.61811  1.000 276.99594 ? 118 DA A C6    1 
ATOM   364 N  N6    . DA A 1 18 ? 3.67060   -15.93144 -10.61867 1.000 272.64432 ? 118 DA A N6    1 
ATOM   365 N  N1    . DA A 1 18 ? 3.52498   -17.60749 -9.03264  1.000 280.36758 ? 118 DA A N1    1 
ATOM   366 C  C2    . DA A 1 18 ? 4.08688   -18.29564 -8.03505  1.000 285.32914 ? 118 DA A C2    1 
ATOM   367 N  N3    . DA A 1 18 ? 5.29087   -18.15113 -7.49087  1.000 287.06106 ? 118 DA A N3    1 
ATOM   368 C  C4    . DA A 1 18 ? 5.96742   -17.16204 -8.09026  1.000 284.54546 ? 118 DA A C4    1 
ATOM   369 P  P     . DT A 1 19 ? 11.14192  -19.44328 -5.13840  1.000 298.57018 ? 119 DT A P     1 
ATOM   370 O  OP1   . DT A 1 19 ? 12.22340  -19.28962 -4.14131  1.000 298.79952 ? 119 DT A OP1   1 
ATOM   371 O  OP2   . DT A 1 19 ? 11.48999  -19.62515 -6.56386  1.000 296.63451 ? 119 DT A OP2   1 
ATOM   372 O  "O5'" . DT A 1 19 ? 10.21760  -20.67596 -4.71047  1.000 290.81355 ? 119 DT A "O5'" 1 
ATOM   373 C  "C5'" . DT A 1 19 ? 8.81202   -20.49013 -4.56867  1.000 285.40270 ? 119 DT A "C5'" 1 
ATOM   374 C  "C4'" . DT A 1 19 ? 8.04411   -21.51926 -5.38207  1.000 288.48033 ? 119 DT A "C4'" 1 
ATOM   375 O  "O4'" . DT A 1 19 ? 7.23756   -20.84569 -6.37063  1.000 288.60598 ? 119 DT A "O4'" 1 
ATOM   376 C  "C3'" . DT A 1 19 ? 8.91791   -22.51758 -6.14877  1.000 293.90063 ? 119 DT A "C3'" 1 
ATOM   377 O  "O3'" . DT A 1 19 ? 8.79073   -23.86219 -5.59755  1.000 290.91661 ? 119 DT A "O3'" 1 
ATOM   378 C  "C2'" . DT A 1 19 ? 8.46613   -22.41352 -7.61890  1.000 295.10064 ? 119 DT A "C2'" 1 
ATOM   379 C  "C1'" . DT A 1 19 ? 7.15861   -21.63682 -7.53207  1.000 291.62203 ? 119 DT A "C1'" 1 
ATOM   380 N  N1    . DT A 1 19 ? 6.90980   -20.72497 -8.68937  1.000 285.89098 ? 119 DT A N1    1 
ATOM   381 C  C2    . DT A 1 19 ? 5.68774   -20.75708 -9.30911  1.000 282.35545 ? 119 DT A C2    1 
ATOM   382 O  O2    . DT A 1 19 ? 4.79110   -21.50794 -8.97215  1.000 285.67438 ? 119 DT A O2    1 
ATOM   383 N  N3    . DT A 1 19 ? 5.54682   -19.87433 -10.34514 1.000 275.26920 ? 119 DT A N3    1 
ATOM   384 C  C4    . DT A 1 19 ? 6.48741   -18.97682 -10.81339 1.000 272.36257 ? 119 DT A C4    1 
ATOM   385 O  O4    . DT A 1 19 ? 6.26082   -18.22304 -11.75350 1.000 266.82472 ? 119 DT A O4    1 
ATOM   386 C  C5    . DT A 1 19 ? 7.75064   -18.98786 -10.11650 1.000 276.23497 ? 119 DT A C5    1 
ATOM   387 C  C7    . DT A 1 19 ? 8.85139   -18.06068 -10.53945 1.000 273.19078 ? 119 DT A C7    1 
ATOM   388 C  C6    . DT A 1 19 ? 7.90003   -19.85082 -9.09683  1.000 282.69151 ? 119 DT A C6    1 
ATOM   389 P  P     . DC A 1 20 ? 7.44787   -24.74726 -5.74346  1.000 287.80181 ? 120 DC A P     1 
ATOM   390 O  OP1   . DC A 1 20 ? 6.23061   -23.93007 -5.53714  1.000 281.99173 ? 120 DC A OP1   1 
ATOM   391 O  OP2   . DC A 1 20 ? 7.66210   -25.92702 -4.87946  1.000 278.93076 ? 120 DC A OP2   1 
ATOM   392 O  "O5'" . DC A 1 20 ? 7.48461   -25.27934 -7.24973  1.000 291.99164 ? 120 DC A "O5'" 1 
ATOM   393 C  "C5'" . DC A 1 20 ? 6.78410   -26.46868 -7.60677  1.000 293.86726 ? 120 DC A "C5'" 1 
ATOM   394 C  "C4'" . DC A 1 20 ? 5.27728   -26.27411 -7.51878  1.000 289.87481 ? 120 DC A "C4'" 1 
ATOM   395 O  "O4'" . DC A 1 20 ? 4.91778   -24.99776 -8.09782  1.000 289.67565 ? 120 DC A "O4'" 1 
ATOM   396 C  "C3'" . DC A 1 20 ? 4.46737   -27.27835 -8.31204  1.000 291.75145 ? 120 DC A "C3'" 1 
ATOM   397 O  "O3'" . DC A 1 20 ? 3.12421   -27.28275 -7.84805  1.000 285.53629 ? 120 DC A "O3'" 1 
ATOM   398 C  "C2'" . DC A 1 20 ? 4.56512   -26.68656 -9.71035  1.000 297.36914 ? 120 DC A "C2'" 1 
ATOM   399 C  "C1'" . DC A 1 20 ? 4.39216   -25.20353 -9.40271  1.000 294.56101 ? 120 DC A "C1'" 1 
ATOM   400 N  N1    . DC A 1 20 ? 5.10282   -24.28061 -10.33750 1.000 293.48459 ? 120 DC A N1    1 
ATOM   401 C  C2    . DC A 1 20 ? 4.38761   -23.63419 -11.35083 1.000 287.93003 ? 120 DC A C2    1 
ATOM   402 O  O2    . DC A 1 20 ? 3.18145   -23.87260 -11.48734 1.000 286.90908 ? 120 DC A O2    1 
ATOM   403 N  N3    . DC A 1 20 ? 5.04487   -22.77515 -12.17596 1.000 282.99229 ? 120 DC A N3    1 
ATOM   404 C  C4    . DC A 1 20 ? 6.35024   -22.54956 -12.00575 1.000 283.92735 ? 120 DC A C4    1 
ATOM   405 N  N4    . DC A 1 20 ? 6.95371   -21.69379 -12.84224 1.000 278.85026 ? 120 DC A N4    1 
ATOM   406 C  C5    . DC A 1 20 ? 7.09322   -23.19050 -10.97152 1.000 289.68284 ? 120 DC A C5    1 
ATOM   407 C  C6    . DC A 1 20 ? 6.43497   -24.03420 -10.16550 1.000 294.05869 ? 120 DC A C6    1 
ATOM   408 P  P     . DA A 1 21 ? 2.26457   -28.63801 -7.88528  1.000 290.21234 ? 121 DA A P     1 
ATOM   409 O  OP1   . DA A 1 21 ? 0.96725   -28.37106 -7.22736  1.000 280.66637 ? 121 DA A OP1   1 
ATOM   410 O  OP2   . DA A 1 21 ? 3.13346   -29.73499 -7.40136  1.000 287.23385 ? 121 DA A OP2   1 
ATOM   411 O  "O5'" . DA A 1 21 ? 2.00894   -28.88389 -9.43960  1.000 296.02989 ? 121 DA A "O5'" 1 
ATOM   412 C  "C5'" . DA A 1 21 ? 1.28485   -27.93062 -10.20809 1.000 299.13565 ? 121 DA A "C5'" 1 
ATOM   413 C  "C4'" . DA A 1 21 ? 1.23514   -28.36393 -11.65780 1.000 300.75763 ? 121 DA A "C4'" 1 
ATOM   414 O  "O4'" . DA A 1 21 ? 2.03441   -27.45956 -12.47010 1.000 294.29282 ? 121 DA A "O4'" 1 
ATOM   415 C  "C3'" . DA A 1 21 ? 1.79926   -29.76107 -11.91796 1.000 304.85290 ? 121 DA A "C3'" 1 
ATOM   416 O  "O3'" . DA A 1 21 ? 1.05513   -30.40215 -12.94657 1.000 304.61289 ? 121 DA A "O3'" 1 
ATOM   417 C  "C2'" . DA A 1 21 ? 3.21972   -29.45535 -12.36651 1.000 302.70085 ? 121 DA A "C2'" 1 
ATOM   418 C  "C1'" . DA A 1 21 ? 2.97669   -28.21144 -13.20051 1.000 294.23381 ? 121 DA A "C1'" 1 
ATOM   419 N  N9    . DA A 1 21 ? 4.16569   -27.39688 -13.41783 1.000 291.37998 ? 121 DA A N9    1 
ATOM   420 C  C8    . DA A 1 21 ? 5.36330   -27.49248 -12.77039 1.000 296.16629 ? 121 DA A C8    1 
ATOM   421 N  N7    . DA A 1 21 ? 6.25705   -26.62421 -13.17998 1.000 293.65504 ? 121 DA A N7    1 
ATOM   422 C  C5    . DA A 1 21 ? 5.59059   -25.89852 -14.15467 1.000 287.82646 ? 121 DA A C5    1 
ATOM   423 C  C6    . DA A 1 21 ? 5.98235   -24.82079 -14.97432 1.000 282.38583 ? 121 DA A C6    1 
ATOM   424 N  N6    . DA A 1 21 ? 7.19795   -24.26794 -14.92903 1.000 283.35513 ? 121 DA A N6    1 
ATOM   425 N  N1    . DA A 1 21 ? 5.07027   -24.33085 -15.84668 1.000 275.40885 ? 121 DA A N1    1 
ATOM   426 C  C2    . DA A 1 21 ? 3.85728   -24.89395 -15.88657 1.000 275.20262 ? 121 DA A C2    1 
ATOM   427 N  N3    . DA A 1 21 ? 3.37614   -25.90385 -15.16524 1.000 279.75293 ? 121 DA A N3    1 
ATOM   428 C  C4    . DA A 1 21 ? 4.30144   -26.36578 -14.31371 1.000 285.88204 ? 121 DA A C4    1 
ATOM   429 P  P     . DC B 2 1  ? 0.12548   -13.25273 4.62480   1.000 247.53676 ? 119 DC B P     1 
ATOM   430 O  OP1   . DC B 2 1  ? 1.21549   -14.22877 4.84658   1.000 252.45965 ? 119 DC B OP1   1 
ATOM   431 O  OP2   . DC B 2 1  ? -0.20350  -12.24554 5.65854   1.000 249.18976 ? 119 DC B OP2   1 
ATOM   432 O  "O5'" . DC B 2 1  ? 0.40179   -12.50278 3.23862   1.000 251.42579 ? 119 DC B "O5'" 1 
ATOM   433 C  "C5'" . DC B 2 1  ? 1.49108   -11.60988 3.11810   1.000 258.80319 ? 119 DC B "C5'" 1 
ATOM   434 C  "C4'" . DC B 2 1  ? 2.57924   -12.20611 2.25220   1.000 264.95964 ? 119 DC B "C4'" 1 
ATOM   435 O  "O4'" . DC B 2 1  ? 1.98919   -12.83596 1.08848   1.000 263.82021 ? 119 DC B "O4'" 1 
ATOM   436 C  "C3'" . DC B 2 1  ? 3.55729   -11.20044 1.69554   1.000 275.04890 ? 119 DC B "C3'" 1 
ATOM   437 O  "O3'" . DC B 2 1  ? 4.79333   -11.84174 1.41861   1.000 281.16976 ? 119 DC B "O3'" 1 
ATOM   438 C  "C2'" . DC B 2 1  ? 2.85195   -10.74407 0.41748   1.000 277.47408 ? 119 DC B "C2'" 1 
ATOM   439 C  "C1'" . DC B 2 1  ? 2.22770   -12.04557 -0.06872  1.000 271.84026 ? 119 DC B "C1'" 1 
ATOM   440 N  N1    . DC B 2 1  ? 0.92386   -11.87873 -0.77318  1.000 266.43579 ? 119 DC B N1    1 
ATOM   441 C  C2    . DC B 2 1  ? 0.87581   -11.51096 -2.12798  1.000 271.83179 ? 119 DC B C2    1 
ATOM   442 O  O2    . DC B 2 1  ? 1.90781   -11.25043 -2.74204  1.000 279.17855 ? 119 DC B O2    1 
ATOM   443 N  N3    . DC B 2 1  ? -0.33187  -11.37466 -2.72511  1.000 268.60433 ? 119 DC B N3    1 
ATOM   444 C  C4    . DC B 2 1  ? -1.44798  -11.61854 -2.04431  1.000 265.51453 ? 119 DC B C4    1 
ATOM   445 N  N4    . DC B 2 1  ? -2.61560  -11.48554 -2.68097  1.000 267.64707 ? 119 DC B N4    1 
ATOM   446 C  C5    . DC B 2 1  ? -1.41950  -12.01447 -0.67923  1.000 260.08963 ? 119 DC B C5    1 
ATOM   447 C  C6    . DC B 2 1  ? -0.22558  -12.13221 -0.09303  1.000 259.31586 ? 119 DC B C6    1 
ATOM   448 P  P     . DC B 2 2  ? 6.11383   -11.41512 2.22843   1.000 269.03195 ? 120 DC B P     1 
ATOM   449 O  OP1   . DC B 2 2  ? 7.26253   -11.60661 1.31235   1.000 273.33142 ? 120 DC B OP1   1 
ATOM   450 O  OP2   . DC B 2 2  ? 6.07871   -12.11155 3.53424   1.000 258.76201 ? 120 DC B OP2   1 
ATOM   451 O  "O5'" . DC B 2 2  ? 5.88909   -9.85405  2.52479   1.000 267.16198 ? 120 DC B "O5'" 1 
ATOM   452 C  "C5'" . DC B 2 2  ? 6.99465   -8.95344  2.53784   1.000 273.25356 ? 120 DC B "C5'" 1 
ATOM   453 C  "C4'" . DC B 2 2  ? 7.03119   -8.12451  1.26238   1.000 285.87918 ? 120 DC B "C4'" 1 
ATOM   454 O  "O4'" . DC B 2 2  ? 5.91774   -8.49408  0.41820   1.000 284.54141 ? 120 DC B "O4'" 1 
ATOM   455 C  "C3'" . DC B 2 2  ? 6.95227   -6.61782  1.47496   1.000 290.01072 ? 120 DC B "C3'" 1 
ATOM   456 O  "O3'" . DC B 2 2  ? 8.25188   -6.06325  1.33217   1.000 296.05535 ? 120 DC B "O3'" 1 
ATOM   457 C  "C2'" . DC B 2 2  ? 6.01127   -6.11634  0.37509   1.000 291.42810 ? 120 DC B "C2'" 1 
ATOM   458 C  "C1'" . DC B 2 2  ? 5.22005   -7.35425  -0.03595  1.000 286.10706 ? 120 DC B "C1'" 1 
ATOM   459 N  N1    . DC B 2 2  ? 3.81303   -7.41556  0.49183   1.000 279.30291 ? 120 DC B N1    1 
ATOM   460 C  C2    . DC B 2 2  ? 2.73896   -7.24094  -0.39071  1.000 276.15858 ? 120 DC B C2    1 
ATOM   461 O  O2    . DC B 2 2  ? 2.96868   -7.01235  -1.58692  1.000 281.09070 ? 120 DC B O2    1 
ATOM   462 N  N3    . DC B 2 2  ? 1.47276   -7.32009  0.08642   1.000 267.76312 ? 120 DC B N3    1 
ATOM   463 C  C4    . DC B 2 2  ? 1.26904   -7.56849  1.38275   1.000 263.39356 ? 120 DC B C4    1 
ATOM   464 N  N4    . DC B 2 2  ? 0.01151   -7.64315  1.80785   1.000 257.86014 ? 120 DC B N4    1 
ATOM   465 C  C5    . DC B 2 2  ? 2.34624   -7.76048  2.29658   1.000 265.80091 ? 120 DC B C5    1 
ATOM   466 C  C6    . DC B 2 2  ? 3.58904   -7.67681  1.81414   1.000 272.82099 ? 120 DC B C6    1 
ATOM   467 P  P     . DA B 2 3  ? 8.57697   -4.58639  1.87309   1.000 299.06863 ? 121 DA B P     1 
ATOM   468 O  OP1   . DA B 2 3  ? 10.03958  -4.48052  2.06565   1.000 303.59091 ? 121 DA B OP1   1 
ATOM   469 O  OP2   . DA B 2 3  ? 7.67057   -4.32378  3.01163   1.000 290.95973 ? 121 DA B OP2   1 
ATOM   470 O  "O5'" . DA B 2 3  ? 8.15897   -3.63431  0.66052   1.000 303.07513 ? 121 DA B "O5'" 1 
ATOM   471 C  "C5'" . DA B 2 3  ? 8.62359   -3.90478  -0.65784  1.000 303.56477 ? 121 DA B "C5'" 1 
ATOM   472 C  "C4'" . DA B 2 3  ? 7.80024   -3.15766  -1.69965  1.000 302.98016 ? 121 DA B "C4'" 1 
ATOM   473 O  "O4'" . DA B 2 3  ? 6.39835   -3.48452  -1.55700  1.000 295.87182 ? 121 DA B "O4'" 1 
ATOM   474 C  "C3'" . DA B 2 3  ? 7.85871   -1.64233  -1.62272  1.000 307.11850 ? 121 DA B "C3'" 1 
ATOM   475 O  "O3'" . DA B 2 3  ? 7.60931   -1.10311  -2.91488  1.000 309.48433 ? 121 DA B "O3'" 1 
ATOM   476 C  "C2'" . DA B 2 3  ? 6.73097   -1.31671  -0.64169  1.000 303.61063 ? 121 DA B "C2'" 1 
ATOM   477 C  "C1'" . DA B 2 3  ? 5.69760   -2.39803  -0.96764  1.000 294.71378 ? 121 DA B "C1'" 1 
ATOM   478 N  N9    . DA B 2 3  ? 4.98067   -2.91781  0.19351   1.000 288.89382 ? 121 DA B N9    1 
ATOM   479 C  C8    . DA B 2 3  ? 5.46916   -3.09776  1.45532   1.000 290.09268 ? 121 DA B C8    1 
ATOM   480 N  N7    . DA B 2 3  ? 4.60447   -3.61954  2.29022   1.000 280.84571 ? 121 DA B N7    1 
ATOM   481 C  C5    . DA B 2 3  ? 3.46632   -3.78901  1.52422   1.000 275.87430 ? 121 DA B C5    1 
ATOM   482 C  C6    . DA B 2 3  ? 2.18913   -4.29341  1.82731   1.000 266.33896 ? 121 DA B C6    1 
ATOM   483 N  N6    . DA B 2 3  ? 1.84743   -4.73209  3.04065   1.000 261.67649 ? 121 DA B N6    1 
ATOM   484 N  N1    . DA B 2 3  ? 1.27213   -4.32640  0.83262   1.000 261.82772 ? 121 DA B N1    1 
ATOM   485 C  C2    . DA B 2 3  ? 1.62634   -3.88162  -0.38019  1.000 266.62956 ? 121 DA B C2    1 
ATOM   486 N  N3    . DA B 2 3  ? 2.79701   -3.38572  -0.78344  1.000 274.33751 ? 121 DA B N3    1 
ATOM   487 C  C4    . DA B 2 3  ? 3.68084   -3.36674  0.22684   1.000 279.45511 ? 121 DA B C4    1 
ATOM   488 P  P     . DT B 2 4  ? 7.54091   0.48279   -3.14525  1.000 310.12214 ? 122 DT B P     1 
ATOM   489 O  OP1   . DT B 2 4  ? 7.89696   0.74483   -4.55939  1.000 310.57827 ? 122 DT B OP1   1 
ATOM   490 O  OP2   . DT B 2 4  ? 8.32104   1.13028   -2.06682  1.000 313.98574 ? 122 DT B OP2   1 
ATOM   491 O  "O5'" . DT B 2 4  ? 5.99286   0.82442   -2.92618  1.000 295.19460 ? 122 DT B "O5'" 1 
ATOM   492 C  "C5'" . DT B 2 4  ? 4.99263   -0.02461  -3.48850  1.000 289.56305 ? 122 DT B "C5'" 1 
ATOM   493 C  "C4'" . DT B 2 4  ? 3.62260   0.30219   -2.92100  1.000 284.58919 ? 122 DT B "C4'" 1 
ATOM   494 O  "O4'" . DT B 2 4  ? 3.42241   -0.40332  -1.67033  1.000 279.37598 ? 122 DT B "O4'" 1 
ATOM   495 C  "C3'" . DT B 2 4  ? 3.39824   1.78506   -2.62052  1.000 286.95305 ? 122 DT B "C3'" 1 
ATOM   496 O  "O3'" . DT B 2 4  ? 2.29793   2.29048   -3.38912  1.000 284.41926 ? 122 DT B "O3'" 1 
ATOM   497 C  "C2'" . DT B 2 4  ? 3.12218   1.83018   -1.11087  1.000 284.63354 ? 122 DT B "C2'" 1 
ATOM   498 C  "C1'" . DT B 2 4  ? 2.67455   0.41030   -0.80855  1.000 275.47531 ? 122 DT B "C1'" 1 
ATOM   499 N  N1    . DT B 2 4  ? 2.93648   -0.00753  0.60870   1.000 272.76263 ? 122 DT B N1    1 
ATOM   500 C  C2    . DT B 2 4  ? 1.95404   -0.66553  1.30320   1.000 261.10212 ? 122 DT B C2    1 
ATOM   501 O  O2    . DT B 2 4  ? 0.87648   -0.94041  0.81384   1.000 253.51431 ? 122 DT B O2    1 
ATOM   502 N  N3    . DT B 2 4  ? 2.28530   -1.00189  2.59852   1.000 260.05476 ? 122 DT B N3    1 
ATOM   503 C  C4    . DT B 2 4  ? 3.47060   -0.73793  3.25193   1.000 268.92763 ? 122 DT B C4    1 
ATOM   504 O  O4    . DT B 2 4  ? 3.67377   -1.07805  4.41891   1.000 262.46009 ? 122 DT B O4    1 
ATOM   505 C  C5    . DT B 2 4  ? 4.46107   -0.03606  2.46378   1.000 284.13756 ? 122 DT B C5    1 
ATOM   506 C  C7    . DT B 2 4  ? 5.79373   0.30504   3.06275   1.000 294.76527 ? 122 DT B C7    1 
ATOM   507 C  C6    . DT B 2 4  ? 4.14792   0.29398   1.19477   1.000 285.09427 ? 122 DT B C6    1 
ATOM   508 P  P     . DA B 2 5  ? 2.53385   3.48019   -4.44892  1.000 323.13841 ? 123 DA B P     1 
ATOM   509 O  OP1   . DA B 2 5  ? 2.15774   2.98436   -5.79211  1.000 322.18515 ? 123 DA B OP1   1 
ATOM   510 O  OP2   . DA B 2 5  ? 3.89266   4.01773   -4.21502  1.000 329.75339 ? 123 DA B OP2   1 
ATOM   511 O  "O5'" . DA B 2 5  ? 1.48481   4.60849   -4.01393  1.000 310.30793 ? 123 DA B "O5'" 1 
ATOM   512 C  "C5'" . DA B 2 5  ? 0.30192   4.81648   -4.77858  1.000 303.48937 ? 123 DA B "C5'" 1 
ATOM   513 C  "C4'" . DA B 2 5  ? -0.88011  4.10405   -4.14773  1.000 294.03987 ? 123 DA B "C4'" 1 
ATOM   514 O  "O4'" . DA B 2 5  ? -0.42623  3.35071   -2.98930  1.000 294.41672 ? 123 DA B "O4'" 1 
ATOM   515 C  "C3'" . DA B 2 5  ? -2.00236  5.02148   -3.65132  1.000 280.80384 ? 123 DA B "C3'" 1 
ATOM   516 O  "O3'" . DA B 2 5  ? -3.27581  4.49142   -4.03408  1.000 272.35558 ? 123 DA B "O3'" 1 
ATOM   517 C  "C2'" . DA B 2 5  ? -1.81022  5.01494   -2.14076  1.000 277.62695 ? 123 DA B "C2'" 1 
ATOM   518 C  "C1'" . DA B 2 5  ? -1.26720  3.62068   -1.89661  1.000 283.39996 ? 123 DA B "C1'" 1 
ATOM   519 N  N9    . DA B 2 5  ? -0.48107  3.54492   -0.67637  1.000 287.53244 ? 123 DA B N9    1 
ATOM   520 C  C8    . DA B 2 5  ? 0.77388   4.03865   -0.48089  1.000 298.00402 ? 123 DA B C8    1 
ATOM   521 N  N7    . DA B 2 5  ? 1.23284   3.85204   0.73214   1.000 299.26891 ? 123 DA B N7    1 
ATOM   522 C  C5    . DA B 2 5  ? 0.19929   3.20341   1.38037   1.000 290.22239 ? 123 DA B C5    1 
ATOM   523 C  C6    . DA B 2 5  ? 0.05788   2.72649   2.69557   1.000 287.36473 ? 123 DA B C6    1 
ATOM   524 N  N6    . DA B 2 5  ? 1.00865   2.84614   3.62841   1.000 291.70092 ? 123 DA B N6    1 
ATOM   525 N  N1    . DA B 2 5  ? -1.10534  2.12807   3.02032   1.000 280.13508 ? 123 DA B N1    1 
ATOM   526 C  C2    . DA B 2 5  ? -2.05642  2.01403   2.08493   1.000 275.31813 ? 123 DA B C2    1 
ATOM   527 N  N3    . DA B 2 5  ? -2.03544  2.41979   0.81567   1.000 276.98197 ? 123 DA B N3    1 
ATOM   528 C  C4    . DA B 2 5  ? -0.86850  3.00978   0.52647   1.000 283.86670 ? 123 DA B C4    1 
ATOM   529 P  P     . DC B 2 6  ? -4.61091  4.81884   -3.19460  1.000 282.11277 ? 124 DC B P     1 
ATOM   530 O  OP1   . DC B 2 6  ? -5.74380  4.59241   -4.11680  1.000 282.44855 ? 124 DC B OP1   1 
ATOM   531 O  OP2   . DC B 2 6  ? -4.50304  6.12689   -2.51109  1.000 280.79185 ? 124 DC B OP2   1 
ATOM   532 O  "O5'" . DC B 2 6  ? -4.66391  3.66179   -2.10057  1.000 279.81210 ? 124 DC B "O5'" 1 
ATOM   533 C  "C5'" . DC B 2 6  ? -5.69446  2.69222   -2.16601  1.000 275.35208 ? 124 DC B "C5'" 1 
ATOM   534 C  "C4'" . DC B 2 6  ? -6.57946  2.75266   -0.93709  1.000 267.22160 ? 124 DC B "C4'" 1 
ATOM   535 O  "O4'" . DC B 2 6  ? -5.75442  2.88265   0.24638   1.000 271.58881 ? 124 DC B "O4'" 1 
ATOM   536 C  "C3'" . DC B 2 6  ? -7.53351  3.93793   -0.86317  1.000 256.81591 ? 124 DC B "C3'" 1 
ATOM   537 O  "O3'" . DC B 2 6  ? -8.59169  3.59419   0.01101   1.000 250.68759 ? 124 DC B "O3'" 1 
ATOM   538 C  "C2'" . DC B 2 6  ? -6.64148  4.98415   -0.22413  1.000 259.39599 ? 124 DC B "C2'" 1 
ATOM   539 C  "C1'" . DC B 2 6  ? -6.03443  4.12438   0.86464   1.000 264.30017 ? 124 DC B "C1'" 1 
ATOM   540 N  N1    . DC B 2 6  ? -4.78689  4.63987   1.43633   1.000 271.87361 ? 124 DC B N1    1 
ATOM   541 C  C2    . DC B 2 6  ? -4.59746  4.55775   2.80995   1.000 270.78142 ? 124 DC B C2    1 
ATOM   542 O  O2    . DC B 2 6  ? -5.48812  4.06812   3.51180   1.000 265.72082 ? 124 DC B O2    1 
ATOM   543 N  N3    . DC B 2 6  ? -3.44350  5.00560   3.34099   1.000 274.75036 ? 124 DC B N3    1 
ATOM   544 C  C4    . DC B 2 6  ? -2.50608  5.53068   2.55452   1.000 280.46836 ? 124 DC B C4    1 
ATOM   545 N  N4    . DC B 2 6  ? -1.38164  5.94694   3.13971   1.000 287.67473 ? 124 DC B N4    1 
ATOM   546 C  C5    . DC B 2 6  ? -2.67335  5.62085   1.14098   1.000 281.27212 ? 124 DC B C5    1 
ATOM   547 C  C6    . DC B 2 6  ? -3.82304  5.16385   0.62737   1.000 277.00777 ? 124 DC B C6    1 
ATOM   548 P  P     . DA B 2 7  ? -9.86135  4.55657   0.19882   1.000 277.74151 ? 125 DA B P     1 
ATOM   549 O  OP1   . DA B 2 7  ? -10.79788 4.25241   -0.90228  1.000 284.83921 ? 125 DA B OP1   1 
ATOM   550 O  OP2   . DA B 2 7  ? -9.39599  5.94726   0.38136   1.000 276.41125 ? 125 DA B OP2   1 
ATOM   551 O  "O5'" . DA B 2 7  ? -10.50756 4.04895   1.57337   1.000 272.31609 ? 125 DA B "O5'" 1 
ATOM   552 C  "C5'" . DA B 2 7  ? -9.66963  3.73390   2.68363   1.000 269.98063 ? 125 DA B "C5'" 1 
ATOM   553 C  "C4'" . DA B 2 7  ? -9.76098  4.81082   3.74886   1.000 266.02083 ? 125 DA B "C4'" 1 
ATOM   554 O  "O4'" . DA B 2 7  ? -8.43906  5.15685   4.18370   1.000 268.79990 ? 125 DA B "O4'" 1 
ATOM   555 C  "C3'" . DA B 2 7  ? -10.36791 6.11844   3.27069   1.000 264.00305 ? 125 DA B "C3'" 1 
ATOM   556 O  "O3'" . DA B 2 7  ? -11.76049 6.12669   3.52345   1.000 259.67920 ? 125 DA B "O3'" 1 
ATOM   557 C  "C2'" . DA B 2 7  ? -9.64300  7.19431   4.08767   1.000 260.48859 ? 125 DA B "C2'" 1 
ATOM   558 C  "C1'" . DA B 2 7  ? -8.44590  6.46838   4.69665   1.000 259.36419 ? 125 DA B "C1'" 1 
ATOM   559 N  N9    . DA B 2 7  ? -7.18031  7.08911   4.35570   1.000 264.31623 ? 125 DA B N9    1 
ATOM   560 C  C8    . DA B 2 7  ? -6.83722  7.64356   3.15631   1.000 268.53620 ? 125 DA B C8    1 
ATOM   561 N  N7    . DA B 2 7  ? -5.62277  8.13161   3.12980   1.000 273.81701 ? 125 DA B N7    1 
ATOM   562 C  C5    . DA B 2 7  ? -5.13812  7.87778   4.39990   1.000 272.29953 ? 125 DA B C5    1 
ATOM   563 C  C6    . DA B 2 7  ? -3.90246  8.14393   5.00771   1.000 276.49756 ? 125 DA B C6    1 
ATOM   564 N  N6    . DA B 2 7  ? -2.89889  8.76502   4.38374   1.000 285.21226 ? 125 DA B N6    1 
ATOM   565 N  N1    . DA B 2 7  ? -3.74279  7.76221   6.29055   1.000 273.23136 ? 125 DA B N1    1 
ATOM   566 C  C2    . DA B 2 7  ? -4.75366  7.14662   6.91220   1.000 266.22040 ? 125 DA B C2    1 
ATOM   567 N  N3    . DA B 2 7  ? -5.95915  6.83771   6.44340   1.000 262.45434 ? 125 DA B N3    1 
ATOM   568 C  C4    . DA B 2 7  ? -6.08591  7.23504   5.16819   1.000 266.00225 ? 125 DA B C4    1 
ATOM   569 P  P     . DG C 3 1  ? -11.65184 12.70437  3.88435   1.000 233.61461 ? 209 DG C P     1 
ATOM   570 O  OP1   . DG C 3 1  ? -11.49472 13.10540  2.47054   1.000 234.09214 ? 209 DG C OP1   1 
ATOM   571 O  OP2   . DG C 3 1  ? -12.77662 13.26425  4.67701   1.000 235.85328 ? 209 DG C OP2   1 
ATOM   572 O  "O5'" . DG C 3 1  ? -10.26627 12.96872  4.62961   1.000 250.60237 ? 209 DG C "O5'" 1 
ATOM   573 C  "C5'" . DG C 3 1  ? -10.23312 13.04109  6.03336   1.000 265.72809 ? 209 DG C "C5'" 1 
ATOM   574 C  "C4'" . DG C 3 1  ? -9.98064  11.67418  6.61440   1.000 270.90296 ? 209 DG C "C4'" 1 
ATOM   575 O  "O4'" . DG C 3 1  ? -9.01717  10.99036  5.79213   1.000 263.78009 ? 209 DG C "O4'" 1 
ATOM   576 C  "C3'" . DG C 3 1  ? -9.38224  11.68704  7.99798   1.000 285.20215 ? 209 DG C "C3'" 1 
ATOM   577 O  "O3'" . DG C 3 1  ? -10.41776 11.73042  8.95382   1.000 283.58520 ? 209 DG C "O3'" 1 
ATOM   578 C  "C2'" . DG C 3 1  ? -8.63180  10.36230  8.04556   1.000 289.94464 ? 209 DG C "C2'" 1 
ATOM   579 C  "C1'" . DG C 3 1  ? -8.19026  10.17197  6.59815   1.000 277.15236 ? 209 DG C "C1'" 1 
ATOM   580 N  N9    . DG C 3 1  ? -6.78488  10.50104  6.31863   1.000 282.75983 ? 209 DG C N9    1 
ATOM   581 C  C8    . DG C 3 1  ? -6.29203  11.00696  5.14050   1.000 276.14135 ? 209 DG C C8    1 
ATOM   582 N  N7    . DG C 3 1  ? -5.00518  11.19017  5.14626   1.000 280.99364 ? 209 DG C N7    1 
ATOM   583 C  C5    . DG C 3 1  ? -4.60397  10.77677  6.40540   1.000 293.88735 ? 209 DG C C5    1 
ATOM   584 C  C6    . DG C 3 1  ? -3.30857  10.73965  6.96487   1.000 304.24551 ? 209 DG C C6    1 
ATOM   585 O  O6    . DG C 3 1  ? -2.25227  11.09965  6.42429   1.000 303.55245 ? 209 DG C O6    1 
ATOM   586 N  N1    . DG C 3 1  ? -3.31996  10.24812  8.26765   1.000 317.11343 ? 209 DG C N1    1 
ATOM   587 C  C2    . DG C 3 1  ? -4.45104  9.83366   8.93683   1.000 318.49272 ? 209 DG C C2    1 
ATOM   588 N  N2    . DG C 3 1  ? -4.27220  9.38655   10.18772  1.000 331.35038 ? 209 DG C N2    1 
ATOM   589 N  N3    . DG C 3 1  ? -5.67591  9.85475   8.41566   1.000 307.21808 ? 209 DG C N3    1 
ATOM   590 C  C4    . DG C 3 1  ? -5.67872  10.33696  7.14709   1.000 295.83509 ? 209 DG C C4    1 
ATOM   591 P  P     . DG C 3 2  ? -10.09238 12.13928  10.46936  1.000 260.43088 ? 210 DG C P     1 
ATOM   592 O  OP1   . DG C 3 2  ? -11.26753 11.77021  11.28340  1.000 248.62115 ? 210 DG C OP1   1 
ATOM   593 O  OP2   . DG C 3 2  ? -9.61002  13.53844  10.47180  1.000 266.46515 ? 210 DG C OP2   1 
ATOM   594 O  "O5'" . DG C 3 2  ? -8.87292  11.18496  10.85967  1.000 268.94395 ? 210 DG C "O5'" 1 
ATOM   595 C  "C5'" . DG C 3 2  ? -8.83865  10.54376  12.11694  1.000 266.96752 ? 210 DG C "C5'" 1 
ATOM   596 C  "C4'" . DG C 3 2  ? -7.57430  10.91644  12.85642  1.000 281.35542 ? 210 DG C "C4'" 1 
ATOM   597 O  "O4'" . DG C 3 2  ? -6.49266  11.04670  11.89516  1.000 290.25296 ? 210 DG C "O4'" 1 
ATOM   598 C  "C3'" . DG C 3 2  ? -7.63957  12.25355  13.58655  1.000 288.00644 ? 210 DG C "C3'" 1 
ATOM   599 O  "O3'" . DG C 3 2  ? -6.82852  12.21727  14.75130  1.000 295.90842 ? 210 DG C "O3'" 1 
ATOM   600 C  "C2'" . DG C 3 2  ? -7.08573  13.22020  12.55286  1.000 294.30758 ? 210 DG C "C2'" 1 
ATOM   601 C  "C1'" . DG C 3 2  ? -6.00456  12.36976  11.90927  1.000 300.40910 ? 210 DG C "C1'" 1 
ATOM   602 N  N9    . DG C 3 2  ? -5.68656  12.77687  10.54805  1.000 302.40804 ? 210 DG C N9    1 
ATOM   603 C  C8    . DG C 3 2  ? -6.56137  13.07957  9.53280   1.000 292.57660 ? 210 DG C C8    1 
ATOM   604 N  N7    . DG C 3 2  ? -5.96630  13.43220  8.42400   1.000 291.44373 ? 210 DG C N7    1 
ATOM   605 C  C5    . DG C 3 2  ? -4.61514  13.35933  8.73322   1.000 300.23773 ? 210 DG C C5    1 
ATOM   606 C  C6    . DG C 3 2  ? -3.47722  13.62947  7.93995   1.000 298.19946 ? 210 DG C C6    1 
ATOM   607 O  O6    . DG C 3 2  ? -3.42757  13.99109  6.75422   1.000 285.84652 ? 210 DG C O6    1 
ATOM   608 N  N1    . DG C 3 2  ? -2.30130  13.42268  8.65389   1.000 310.39501 ? 210 DG C N1    1 
ATOM   609 C  C2    . DG C 3 2  ? -2.23811  13.02053  9.96773   1.000 321.94430 ? 210 DG C C2    1 
ATOM   610 N  N2    . DG C 3 2  ? -1.02144  12.87777  10.49578  1.000 333.77654 ? 210 DG C N2    1 
ATOM   611 N  N3    . DG C 3 2  ? -3.28967  12.76818  10.71246  1.000 321.25555 ? 210 DG C N3    1 
ATOM   612 C  C4    . DG C 3 2  ? -4.43663  12.95316  10.03538  1.000 309.72808 ? 210 DG C C4    1 
ATOM   613 P  P     . DC C 3 3  ? -6.88586  13.42643  15.80745  1.000 294.26455 ? 211 DC C P     1 
ATOM   614 O  OP1   . DC C 3 3  ? -6.89568  12.82845  17.16004  1.000 284.29759 ? 211 DC C OP1   1 
ATOM   615 O  OP2   . DC C 3 3  ? -7.96832  14.34891  15.39662  1.000 284.64934 ? 211 DC C OP2   1 
ATOM   616 O  "O5'" . DC C 3 3  ? -5.48931  14.17299  15.60875  1.000 300.83399 ? 211 DC C "O5'" 1 
ATOM   617 C  "C5'" . DC C 3 3  ? -4.31889  13.59208  16.14196  1.000 306.84074 ? 211 DC C "C5'" 1 
ATOM   618 C  "C4'" . DC C 3 3  ? -3.07620  14.27290  15.60817  1.000 321.57812 ? 211 DC C "C4'" 1 
ATOM   619 O  "O4'" . DC C 3 3  ? -3.02347  14.15863  14.17652  1.000 324.37617 ? 211 DC C "O4'" 1 
ATOM   620 C  "C3'" . DC C 3 3  ? -2.98909  15.76546  15.84707  1.000 324.34182 ? 211 DC C "C3'" 1 
ATOM   621 O  "O3'" . DC C 3 3  ? -2.57609  16.01924  17.20832  1.000 325.44343 ? 211 DC C "O3'" 1 
ATOM   622 C  "C2'" . DC C 3 3  ? -1.93038  16.17381  14.81627  1.000 336.06302 ? 211 DC C "C2'" 1 
ATOM   623 C  "C1'" . DC C 3 3  ? -2.09822  15.11680  13.70659  1.000 337.31969 ? 211 DC C "C1'" 1 
ATOM   624 N  N1    . DC C 3 3  ? -2.57568  15.67628  12.40824  1.000 333.72207 ? 211 DC C N1    1 
ATOM   625 C  C2    . DC C 3 3  ? -1.68530  16.40403  11.61719  1.000 334.88110 ? 211 DC C C2    1 
ATOM   626 O  O2    . DC C 3 3  ? -0.53028  16.56781  12.01923  1.000 341.85424 ? 211 DC C O2    1 
ATOM   627 N  N3    . DC C 3 3  ? -2.11611  16.91343  10.43822  1.000 324.20600 ? 211 DC C N3    1 
ATOM   628 C  C4    . DC C 3 3  ? -3.37420  16.71290  10.04658  1.000 316.65115 ? 211 DC C C4    1 
ATOM   629 N  N4    . DC C 3 3  ? -3.75432  17.23326  8.87504   1.000 306.55608 ? 211 DC C N4    1 
ATOM   630 C  C5    . DC C 3 3  ? -4.29949  15.97451  10.84077  1.000 316.55752 ? 211 DC C C5    1 
ATOM   631 C  C6    . DC C 3 3  ? -3.86134  15.47645  12.00457  1.000 321.75270 ? 211 DC C C6    1 
ATOM   632 P  P     . DT C 3 4  ? -1.65838  17.28147  17.61609  1.000 339.47301 ? 212 DT C P     1 
ATOM   633 O  OP1   . DT C 3 4  ? -0.25343  16.94541  17.28551  1.000 348.77810 ? 212 DT C OP1   1 
ATOM   634 O  OP2   . DT C 3 4  ? -1.99811  17.62101  19.01532  1.000 325.88252 ? 212 DT C OP2   1 
ATOM   635 O  "O5'" . DT C 3 4  ? -2.18865  18.50027  16.72165  1.000 334.85540 ? 212 DT C "O5'" 1 
ATOM   636 C  "C5'" . DT C 3 4  ? -1.70209  19.82636  16.95616  1.000 334.37667 ? 212 DT C "C5'" 1 
ATOM   637 C  "C4'" . DT C 3 4  ? -0.24486  19.95230  16.54416  1.000 344.72954 ? 212 DT C "C4'" 1 
ATOM   638 O  "O4'" . DT C 3 4  ? 0.02258   19.03781  15.44384  1.000 353.14866 ? 212 DT C "O4'" 1 
ATOM   639 C  "C3'" . DT C 3 4  ? 0.16538   21.33181  16.04326  1.000 348.49392 ? 212 DT C "C3'" 1 
ATOM   640 O  "O3'" . DT C 3 4  ? 0.68971   22.13174  17.13764  1.000 346.55836 ? 212 DT C "O3'" 1 
ATOM   641 C  "C2'" . DT C 3 4  ? 1.20420   21.00300  14.97792  1.000 359.35286 ? 212 DT C "C2'" 1 
ATOM   642 C  "C1'" . DT C 3 4  ? 0.62314   19.73649  14.37234  1.000 361.86371 ? 212 DT C "C1'" 1 
ATOM   643 N  N1    . DT C 3 4  ? -0.42768  19.96282  13.30988  1.000 354.87247 ? 212 DT C N1    1 
ATOM   644 C  C2    . DT C 3 4  ? -0.13723  20.72044  12.18819  1.000 347.43945 ? 212 DT C C2    1 
ATOM   645 O  O2    . DT C 3 4  ? 0.93468   21.27023  12.00019  1.000 346.83337 ? 212 DT C O2    1 
ATOM   646 N  N3    . DT C 3 4  ? -1.17416  20.83795  11.29761  1.000 339.48760 ? 212 DT C N3    1 
ATOM   647 C  C4    . DT C 3 4  ? -2.43334  20.27144  11.39945  1.000 336.49010 ? 212 DT C C4    1 
ATOM   648 O  O4    . DT C 3 4  ? -3.29820  20.42942  10.54705  1.000 329.53781 ? 212 DT C O4    1 
ATOM   649 C  C5    . DT C 3 4  ? -2.66161  19.48212  12.58171  1.000 339.81532 ? 212 DT C C5    1 
ATOM   650 C  C7    . DT C 3 4  ? -3.98908  18.82262  12.80199  1.000 332.40631 ? 212 DT C C7    1 
ATOM   651 C  C6    . DT C 3 4  ? -1.66145  19.36399  13.46240  1.000 347.93740 ? 212 DT C C6    1 
ATOM   652 P  P     . DG C 3 5  ? 2.25662   22.48804  17.28851  1.000 363.46251 ? 213 DG C P     1 
ATOM   653 O  OP1   . DG C 3 5  ? 3.07512   21.25567  17.24107  1.000 366.40590 ? 213 DG C OP1   1 
ATOM   654 O  OP2   . DG C 3 5  ? 2.36514   23.34582  18.48668  1.000 355.73799 ? 213 DG C OP2   1 
ATOM   655 O  "O5'" . DG C 3 5  ? 2.58196   23.44397  16.04742  1.000 364.59478 ? 213 DG C "O5'" 1 
ATOM   656 C  "C5'" . DG C 3 5  ? 3.90274   23.94631  15.87393  1.000 366.30290 ? 213 DG C "C5'" 1 
ATOM   657 C  "C4'" . DG C 3 5  ? 3.99602   24.81521  14.63289  1.000 366.41631 ? 213 DG C "C4'" 1 
ATOM   658 O  "O4'" . DG C 3 5  ? 3.14632   24.26621  13.58953  1.000 365.42582 ? 213 DG C "O4'" 1 
ATOM   659 C  "C3'" . DG C 3 5  ? 3.55173   26.26354  14.82487  1.000 363.30783 ? 213 DG C "C3'" 1 
ATOM   660 O  "O3'" . DG C 3 5  ? 4.40514   27.12854  14.09454  1.000 365.50506 ? 213 DG C "O3'" 1 
ATOM   661 C  "C2'" . DG C 3 5  ? 2.13808   26.26658  14.25839  1.000 359.33348 ? 213 DG C "C2'" 1 
ATOM   662 C  "C1'" . DG C 3 5  ? 2.25056   25.25331  13.13242  1.000 359.24049 ? 213 DG C "C1'" 1 
ATOM   663 N  N9    . DG C 3 5  ? 0.98123   24.61377  12.84549  1.000 356.22457 ? 213 DG C N9    1 
ATOM   664 C  C8    . DG C 3 5  ? 0.30245   23.75468  13.66405  1.000 358.44275 ? 213 DG C C8    1 
ATOM   665 N  N7    . DG C 3 5  ? -0.82351  23.34151  13.16906  1.000 353.78202 ? 213 DG C N7    1 
ATOM   666 C  C5    . DG C 3 5  ? -0.90532  23.97740  11.94193  1.000 347.32688 ? 213 DG C C5    1 
ATOM   667 C  C6    . DG C 3 5  ? -1.91268  23.91484  10.96012  1.000 338.18845 ? 213 DG C C6    1 
ATOM   668 O  O6    . DG C 3 5  ? -2.96001  23.25786  10.98389  1.000 335.33548 ? 213 DG C O6    1 
ATOM   669 N  N1    . DG C 3 5  ? -1.61416  24.72033  9.86507   1.000 331.40236 ? 213 DG C N1    1 
ATOM   670 C  C2    . DG C 3 5  ? -0.48078  25.49029  9.73726   1.000 333.16227 ? 213 DG C C2    1 
ATOM   671 N  N2    . DG C 3 5  ? -0.36713  26.20317  8.60584   1.000 325.12583 ? 213 DG C N2    1 
ATOM   672 N  N3    . DG C 3 5  ? 0.47590   25.55680  10.65729  1.000 341.33799 ? 213 DG C N3    1 
ATOM   673 C  C4    . DG C 3 5  ? 0.19785   24.77093  11.72670  1.000 348.68701 ? 213 DG C C4    1 
ATOM   674 P  P     . DC C 3 6  ? 4.35035   28.71702  14.32835  1.000 376.62948 ? 214 DC C P     1 
ATOM   675 O  OP1   . DC C 3 6  ? 5.66165   29.12594  14.87615  1.000 379.81463 ? 214 DC C OP1   1 
ATOM   676 O  OP2   . DC C 3 6  ? 3.10908   29.04970  15.06293  1.000 370.38143 ? 214 DC C OP2   1 
ATOM   677 O  "O5'" . DC C 3 6  ? 4.20503   29.30541  12.85277  1.000 365.10827 ? 214 DC C "O5'" 1 
ATOM   678 C  "C5'" . DC C 3 6  ? 3.36095   28.65777  11.92064  1.000 359.80196 ? 214 DC C "C5'" 1 
ATOM   679 C  "C4'" . DC C 3 6  ? 2.67538   29.67057  11.03200  1.000 352.92932 ? 214 DC C "C4'" 1 
ATOM   680 O  "O4'" . DC C 3 6  ? 1.44841   29.09622  10.52148  1.000 349.27322 ? 214 DC C "O4'" 1 
ATOM   681 C  "C3'" . DC C 3 6  ? 2.26404   30.95584  11.73553  1.000 353.47524 ? 214 DC C "C3'" 1 
ATOM   682 O  "O3'" . DC C 3 6  ? 2.27734   32.03792  10.81537  1.000 357.08723 ? 214 DC C "O3'" 1 
ATOM   683 C  "C2'" . DC C 3 6  ? 0.85177   30.63514  12.20075  1.000 352.76651 ? 214 DC C "C2'" 1 
ATOM   684 C  "C1'" . DC C 3 6  ? 0.33760   29.80264  11.03621  1.000 348.17421 ? 214 DC C "C1'" 1 
ATOM   685 N  N1    . DC C 3 6  ? -0.70670  28.81871  11.42134  1.000 349.16757 ? 214 DC C N1    1 
ATOM   686 C  C2    . DC C 3 6  ? -1.85856  28.71357  10.64428  1.000 341.41761 ? 214 DC C C2    1 
ATOM   687 O  O2    . DC C 3 6  ? -1.97570  29.44310  9.65296   1.000 333.95012 ? 214 DC C O2    1 
ATOM   688 N  N3    . DC C 3 6  ? -2.81546  27.80941  10.99582  1.000 340.69999 ? 214 DC C N3    1 
ATOM   689 C  C4    . DC C 3 6  ? -2.64228  27.03965  12.07915  1.000 346.72508 ? 214 DC C C4    1 
ATOM   690 N  N4    . DC C 3 6  ? -3.61000  26.16273  12.39572  1.000 343.06995 ? 214 DC C N4    1 
ATOM   691 C  C5    . DC C 3 6  ? -1.46859  27.14317  12.88929  1.000 355.02120 ? 214 DC C C5    1 
ATOM   692 C  C6    . DC C 3 6  ? -0.53409  28.03175  12.52343  1.000 354.59497 ? 214 DC C C6    1 
ATOM   693 O  "O5'" . DT D 4 1  ? 16.17579  -23.35037 -19.19912 1.000 311.02946 ? 101 DT D "O5'" 1 
ATOM   694 C  "C5'" . DT D 4 1  ? 16.70182  -22.79324 -20.39848 1.000 322.67953 ? 101 DT D "C5'" 1 
ATOM   695 C  "C4'" . DT D 4 1  ? 15.72614  -22.96247 -21.55013 1.000 342.02023 ? 101 DT D "C4'" 1 
ATOM   696 O  "O4'" . DT D 4 1  ? 15.57750  -24.37454 -21.85657 1.000 348.06653 ? 101 DT D "O4'" 1 
ATOM   697 C  "C3'" . DT D 4 1  ? 14.31343  -22.47368 -21.27274 1.000 345.04867 ? 101 DT D "C3'" 1 
ATOM   698 O  "O3'" . DT D 4 1  ? 14.21108  -21.03528 -21.49894 1.000 354.40646 ? 101 DT D "O3'" 1 
ATOM   699 C  "C2'" . DT D 4 1  ? 13.49339  -23.30951 -22.25009 1.000 365.39912 ? 101 DT D "C2'" 1 
ATOM   700 C  "C1'" . DT D 4 1  ? 14.22804  -24.65306 -22.20393 1.000 357.72585 ? 101 DT D "C1'" 1 
ATOM   701 N  N1    . DT D 4 1  ? 13.65932  -25.60926 -21.20119 1.000 348.95535 ? 101 DT D N1    1 
ATOM   702 C  C2    . DT D 4 1  ? 12.59630  -26.40608 -21.55906 1.000 361.73018 ? 101 DT D C2    1 
ATOM   703 O  O2    . DT D 4 1  ? 12.08298  -26.38188 -22.66441 1.000 384.41106 ? 101 DT D O2    1 
ATOM   704 N  N3    . DT D 4 1  ? 12.14924  -27.24146 -20.56927 1.000 351.66555 ? 101 DT D N3    1 
ATOM   705 C  C4    . DT D 4 1  ? 12.65007  -27.35793 -19.28268 1.000 332.91145 ? 101 DT D C4    1 
ATOM   706 O  O4    . DT D 4 1  ? 12.17809  -28.14022 -18.46321 1.000 326.24405 ? 101 DT D O4    1 
ATOM   707 C  C5    . DT D 4 1  ? 13.76330  -26.49407 -18.97335 1.000 323.20206 ? 101 DT D C5    1 
ATOM   708 C  C7    . DT D 4 1  ? 14.39158  -26.52877 -17.61006 1.000 304.23987 ? 101 DT D C7    1 
ATOM   709 C  C6    . DT D 4 1  ? 14.20963  -25.67326 -19.93505 1.000 331.24825 ? 101 DT D C6    1 
ATOM   710 P  P     . DC D 4 2  ? 13.69111  -20.40213 -22.88958 1.000 334.63505 ? 102 DC D P     1 
ATOM   711 O  OP1   . DC D 4 2  ? 14.33591  -21.06860 -24.04530 1.000 339.64753 ? 102 DC D OP1   1 
ATOM   712 O  OP2   . DC D 4 2  ? 13.84720  -18.93962 -22.74392 1.000 331.44973 ? 102 DC D OP2   1 
ATOM   713 O  "O5'" . DC D 4 2  ? 12.11652  -20.67736 -22.89527 1.000 347.38751 ? 102 DC D "O5'" 1 
ATOM   714 C  "C5'" . DC D 4 2  ? 11.37613  -20.54317 -24.10352 1.000 370.00950 ? 102 DC D "C5'" 1 
ATOM   715 C  "C4'" . DC D 4 2  ? 9.93840   -20.98413 -23.90419 1.000 382.74837 ? 102 DC D "C4'" 1 
ATOM   716 O  "O4'" . DC D 4 2  ? 9.91698   -22.23900 -23.15759 1.000 371.59111 ? 102 DC D "O4'" 1 
ATOM   717 C  "C3'" . DC D 4 2  ? 9.07416   -20.00828 -23.09938 1.000 383.59530 ? 102 DC D "C3'" 1 
ATOM   718 O  "O3'" . DC D 4 2  ? 7.73019   -19.98426 -23.62020 1.000 404.81760 ? 102 DC D "O3'" 1 
ATOM   719 C  "C2'" . DC D 4 2  ? 9.12666   -20.61987 -21.70492 1.000 364.68776 ? 102 DC D "C2'" 1 
ATOM   720 C  "C1'" . DC D 4 2  ? 9.04386   -22.09082 -22.06482 1.000 368.36735 ? 102 DC D "C1'" 1 
ATOM   721 N  N1    . DC D 4 2  ? 9.43042   -23.02075 -20.96030 1.000 346.45986 ? 102 DC D N1    1 
ATOM   722 C  C2    . DC D 4 2  ? 8.62281   -24.13252 -20.67916 1.000 350.48201 ? 102 DC D C2    1 
ATOM   723 O  O2    . DC D 4 2  ? 7.61279   -24.33498 -21.36628 1.000 371.75962 ? 102 DC D O2    1 
ATOM   724 N  N3    . DC D 4 2  ? 8.97583   -24.96190 -19.66931 1.000 329.46430 ? 102 DC D N3    1 
ATOM   725 C  C4    . DC D 4 2  ? 10.07119  -24.71180 -18.95277 1.000 305.50057 ? 102 DC D C4    1 
ATOM   726 N  N4    . DC D 4 2  ? 10.37841  -25.55876 -17.96512 1.000 287.96698 ? 102 DC D N4    1 
ATOM   727 C  C5    . DC D 4 2  ? 10.90071  -23.58051 -19.21556 1.000 301.23129 ? 102 DC D C5    1 
ATOM   728 C  C6    . DC D 4 2  ? 10.54424  -22.76690 -20.21535 1.000 321.93063 ? 102 DC D C6    1 
ATOM   729 P  P     . DT D 4 3  ? 6.47911   -19.81185 -22.62153 1.000 366.12751 ? 103 DT D P     1 
ATOM   730 O  OP1   . DT D 4 3  ? 6.72176   -18.61309 -21.78955 1.000 355.22667 ? 103 DT D OP1   1 
ATOM   731 O  OP2   . DT D 4 3  ? 6.18956   -21.13134 -22.01951 1.000 359.58938 ? 103 DT D OP2   1 
ATOM   732 O  "O5'" . DT D 4 3  ? 5.22355   -19.52247 -23.56230 1.000 384.81997 ? 103 DT D "O5'" 1 
ATOM   733 C  "C5'" . DT D 4 3  ? 4.25052   -18.56024 -23.15599 1.000 386.50110 ? 103 DT D "C5'" 1 
ATOM   734 C  "C4'" . DT D 4 3  ? 3.28082   -19.10938 -22.10451 1.000 383.87723 ? 103 DT D "C4'" 1 
ATOM   735 O  "O4'" . DT D 4 3  ? 3.84161   -20.26127 -21.39705 1.000 372.12679 ? 103 DT D "O4'" 1 
ATOM   736 C  "C3'" . DT D 4 3  ? 2.89881   -18.11014 -21.00889 1.000 374.20559 ? 103 DT D "C3'" 1 
ATOM   737 O  "O3'" . DT D 4 3  ? 1.51746   -18.25753 -20.62020 1.000 376.06332 ? 103 DT D "O3'" 1 
ATOM   738 C  "C2'" . DT D 4 3  ? 3.82926   -18.51780 -19.87206 1.000 355.02220 ? 103 DT D "C2'" 1 
ATOM   739 C  "C1'" . DT D 4 3  ? 3.75050   -20.02709 -20.00313 1.000 354.60164 ? 103 DT D "C1'" 1 
ATOM   740 N  N1    . DT D 4 3  ? 4.84443   -20.77768 -19.26841 1.000 336.32733 ? 103 DT D N1    1 
ATOM   741 C  C2    . DT D 4 3  ? 4.57854   -22.03186 -18.74930 1.000 328.97936 ? 103 DT D C2    1 
ATOM   742 O  O2    . DT D 4 3  ? 3.50349   -22.59090 -18.87060 1.000 338.31110 ? 103 DT D O2    1 
ATOM   743 N  N3    . DT D 4 3  ? 5.63687   -22.61795 -18.09664 1.000 310.24142 ? 103 DT D N3    1 
ATOM   744 C  C4    . DT D 4 3  ? 6.89595   -22.08666 -17.89869 1.000 299.42487 ? 103 DT D C4    1 
ATOM   745 O  O4    . DT D 4 3  ? 7.77916   -22.68927 -17.29710 1.000 288.06267 ? 103 DT D O4    1 
ATOM   746 C  C5    . DT D 4 3  ? 7.10411   -20.77139 -18.45194 1.000 302.80906 ? 103 DT D C5    1 
ATOM   747 C  C7    . DT D 4 3  ? 8.43283   -20.09486 -18.29528 1.000 291.95460 ? 103 DT D C7    1 
ATOM   748 C  C6    . DT D 4 3  ? 6.07935   -20.18395 -19.09584 1.000 324.80705 ? 103 DT D C6    1 
ATOM   749 P  P     . DG D 4 4  ? 0.49004   -19.18800 -21.44094 1.000 386.99156 ? 104 DG D P     1 
ATOM   750 O  OP1   . DG D 4 4  ? 0.84388   -20.61325 -21.25132 1.000 383.68347 ? 104 DG D OP1   1 
ATOM   751 O  OP2   . DG D 4 4  ? 0.31236   -18.61716 -22.79500 1.000 404.52768 ? 104 DG D OP2   1 
ATOM   752 O  "O5'" . DG D 4 4  ? -0.88795  -18.99018 -20.66164 1.000 387.42549 ? 104 DG D "O5'" 1 
ATOM   753 C  "C5'" . DG D 4 4  ? -1.67761  -20.12495 -20.33986 1.000 390.71653 ? 104 DG D "C5'" 1 
ATOM   754 C  "C4'" . DG D 4 4  ? -1.72630  -20.34935 -18.83931 1.000 373.50922 ? 104 DG D "C4'" 1 
ATOM   755 O  "O4'" . DG D 4 4  ? -0.39209  -20.63854 -18.32923 1.000 357.78372 ? 104 DG D "O4'" 1 
ATOM   756 C  "C3'" . DG D 4 4  ? -2.22873  -19.15072 -18.01245 1.000 366.42765 ? 104 DG D "C3'" 1 
ATOM   757 O  "O3'" . DG D 4 4  ? -3.01368  -19.61278 -16.92615 1.000 360.67320 ? 104 DG D "O3'" 1 
ATOM   758 C  "C2'" . DG D 4 4  ? -0.92711  -18.57809 -17.48012 1.000 349.48738 ? 104 DG D "C2'" 1 
ATOM   759 C  "C1'" . DG D 4 4  ? -0.23718  -19.88217 -17.15917 1.000 342.16163 ? 104 DG D "C1'" 1 
ATOM   760 N  N9    . DG D 4 4  ? 1.16615   -19.75985 -16.80122 1.000 327.57276 ? 104 DG D N9    1 
ATOM   761 C  C8    . DG D 4 4  ? 2.03630   -18.76675 -17.16609 1.000 324.22060 ? 104 DG D C8    1 
ATOM   762 N  N7    . DG D 4 4  ? 3.23242   -18.91545 -16.66555 1.000 310.25856 ? 104 DG D N7    1 
ATOM   763 C  C5    . DG D 4 4  ? 3.13780   -20.06902 -15.90198 1.000 303.81654 ? 104 DG D C5    1 
ATOM   764 C  C6    . DG D 4 4  ? 4.11242   -20.72647 -15.11718 1.000 289.31025 ? 104 DG D C6    1 
ATOM   765 O  O6    . DG D 4 4  ? 5.29546   -20.41008 -14.93271 1.000 278.95075 ? 104 DG D O6    1 
ATOM   766 N  N1    . DG D 4 4  ? 3.59530   -21.86358 -14.50620 1.000 287.69340 ? 104 DG D N1    1 
ATOM   767 C  C2    . DG D 4 4  ? 2.30256   -22.30876 -14.63862 1.000 298.67664 ? 104 DG D C2    1 
ATOM   768 N  N2    . DG D 4 4  ? 1.99129   -23.42287 -13.96521 1.000 295.08220 ? 104 DG D N2    1 
ATOM   769 N  N3    . DG D 4 4  ? 1.38148   -21.70353 -15.36965 1.000 312.43411 ? 104 DG D N3    1 
ATOM   770 C  C4    . DG D 4 4  ? 1.86992   -20.59465 -15.96943 1.000 314.17640 ? 104 DG D C4    1 
ATOM   771 P  P     . DA D 4 5  ? -4.53468  -20.08492 -17.12584 1.000 391.39352 ? 105 DA D P     1 
ATOM   772 O  OP1   . DA D 4 5  ? -4.81287  -20.26367 -18.56783 1.000 409.39807 ? 105 DA D OP1   1 
ATOM   773 O  OP2   . DA D 4 5  ? -5.36825  -19.15943 -16.32755 1.000 379.01245 ? 105 DA D OP2   1 
ATOM   774 O  "O5'" . DA D 4 5  ? -4.57013  -21.50952 -16.39654 1.000 380.90276 ? 105 DA D "O5'" 1 
ATOM   775 C  "C5'" . DA D 4 5  ? -3.34991  -22.20929 -16.14815 1.000 374.20083 ? 105 DA D "C5'" 1 
ATOM   776 C  "C4'" . DA D 4 5  ? -3.07256  -22.31220 -14.65691 1.000 353.67601 ? 105 DA D "C4'" 1 
ATOM   777 O  "O4'" . DA D 4 5  ? -1.72186  -21.87302 -14.38132 1.000 345.91127 ? 105 DA D "O4'" 1 
ATOM   778 C  "C3'" . DA D 4 5  ? -3.99637  -21.47768 -13.76374 1.000 342.73371 ? 105 DA D "C3'" 1 
ATOM   779 O  "O3'" . DA D 4 5  ? -4.68319  -22.33609 -12.85045 1.000 339.05842 ? 105 DA D "O3'" 1 
ATOM   780 C  "C2'" . DA D 4 5  ? -3.05861  -20.49389 -13.04301 1.000 330.71162 ? 105 DA D "C2'" 1 
ATOM   781 C  "C1'" . DA D 4 5  ? -1.69272  -21.15410 -13.17416 1.000 329.83047 ? 105 DA D "C1'" 1 
ATOM   782 N  N9    . DA D 4 5  ? -0.59227  -20.19717 -13.25367 1.000 327.33026 ? 105 DA D N9    1 
ATOM   783 C  C8    . DA D 4 5  ? -0.56842  -19.03064 -13.96412 1.000 335.81512 ? 105 DA D C8    1 
ATOM   784 N  N7    . DA D 4 5  ? 0.56240   -18.37105 -13.86888 1.000 330.46603 ? 105 DA D N7    1 
ATOM   785 C  C5    . DA D 4 5  ? 1.33750   -19.16176 -13.03971 1.000 318.05002 ? 105 DA D C5    1 
ATOM   786 C  C6    . DA D 4 5  ? 2.64970   -19.01884 -12.54423 1.000 302.90562 ? 105 DA D C6    1 
ATOM   787 N  N6    . DA D 4 5  ? 3.44065   -17.97944 -12.83304 1.000 303.09515 ? 105 DA D N6    1 
ATOM   788 N  N1    . DA D 4 5  ? 3.12082   -19.99156 -11.73913 1.000 282.63633 ? 105 DA D N1    1 
ATOM   789 C  C2    . DA D 4 5  ? 2.32740   -21.02880 -11.45076 1.000 283.95394 ? 105 DA D C2    1 
ATOM   790 N  N3    . DA D 4 5  ? 1.08242   -21.27560 -11.85509 1.000 299.97011 ? 105 DA D N3    1 
ATOM   791 C  C4    . DA D 4 5  ? 0.64112   -20.29320 -12.65307 1.000 315.64924 ? 105 DA D C4    1 
ATOM   792 P  P     . DT D 4 6  ? -5.74796  -21.74796 -11.79787 1.000 365.73293 ? 106 DT D P     1 
ATOM   793 O  OP1   . DT D 4 6  ? -6.87919  -22.70203 -11.73587 1.000 367.04297 ? 106 DT D OP1   1 
ATOM   794 O  OP2   . DT D 4 6  ? -6.01444  -20.32765 -12.11995 1.000 365.89202 ? 106 DT D OP2   1 
ATOM   795 O  "O5'" . DT D 4 6  ? -4.95382  -21.80009 -10.41001 1.000 346.35299 ? 106 DT D "O5'" 1 
ATOM   796 C  "C5'" . DT D 4 6  ? -4.20283  -22.96845 -10.06941 1.000 337.17290 ? 106 DT D "C5'" 1 
ATOM   797 C  "C4'" . DT D 4 6  ? -3.07546  -22.63255 -9.10706  1.000 315.48789 ? 106 DT D "C4'" 1 
ATOM   798 O  "O4'" . DT D 4 6  ? -2.11619  -21.77537 -9.76403  1.000 321.20076 ? 106 DT D "O4'" 1 
ATOM   799 C  "C3'" . DT D 4 6  ? -3.51173  -21.87326 -7.84668  1.000 297.48577 ? 106 DT D "C3'" 1 
ATOM   800 O  "O3'" . DT D 4 6  ? -3.43989  -22.70884 -6.69149  1.000 287.12712 ? 106 DT D "O3'" 1 
ATOM   801 C  "C2'" . DT D 4 6  ? -2.53444  -20.69918 -7.74369  1.000 289.56406 ? 106 DT D "C2'" 1 
ATOM   802 C  "C1'" . DT D 4 6  ? -1.46559  -21.03122 -8.77536  1.000 300.37312 ? 106 DT D "C1'" 1 
ATOM   803 N  N1    . DT D 4 6  ? -0.86665  -19.81312 -9.38009  1.000 311.75005 ? 106 DT D N1    1 
ATOM   804 C  C2    . DT D 4 6  ? 0.43587   -19.49582 -9.08741  1.000 295.81794 ? 106 DT D C2    1 
ATOM   805 O  O2    . DT D 4 6  ? 1.14562   -20.18405 -8.38058  1.000 274.69351 ? 106 DT D O2    1 
ATOM   806 N  N3    . DT D 4 6  ? 0.88946   -18.34076 -9.66618  1.000 303.63383 ? 106 DT D N3    1 
ATOM   807 C  C4    . DT D 4 6  ? 0.18135   -17.48249 -10.48074 1.000 322.89728 ? 106 DT D C4    1 
ATOM   808 O  O4    . DT D 4 6  ? 0.68369   -16.46810 -10.95446 1.000 322.64569 ? 106 DT D O4    1 
ATOM   809 C  C5    . DT D 4 6  ? -1.18662  -17.86678 -10.73671 1.000 331.37009 ? 106 DT D C5    1 
ATOM   810 C  C7    . DT D 4 6  ? -2.05856  -17.01583 -11.60700 1.000 343.83150 ? 106 DT D C7    1 
ATOM   811 C  C6    . DT D 4 6  ? -1.64138  -18.99678 -10.17370 1.000 328.84994 ? 106 DT D C6    1 
ATOM   812 P  P     . DG D 4 7  ? -4.02348  -22.18247 -5.28568  1.000 316.44512 ? 107 DG D P     1 
ATOM   813 O  OP1   . DG D 4 7  ? -4.29856  -23.37568 -4.45383  1.000 311.20201 ? 107 DG D OP1   1 
ATOM   814 O  OP2   . DG D 4 7  ? -5.12162  -21.23040 -5.57340  1.000 328.09916 ? 107 DG D OP2   1 
ATOM   815 O  "O5'" . DG D 4 7  ? -2.80543  -21.36098 -4.63579  1.000 295.86612 ? 107 DG D "O5'" 1 
ATOM   816 C  "C5'" . DG D 4 7  ? -1.85713  -22.03287 -3.79636  1.000 279.07638 ? 107 DG D "C5'" 1 
ATOM   817 C  "C4'" . DG D 4 7  ? -0.46203  -21.42791 -3.92609  1.000 266.56504 ? 107 DG D "C4'" 1 
ATOM   818 O  "O4'" . DG D 4 7  ? -0.37307  -20.67977 -5.14576  1.000 277.58670 ? 107 DG D "O4'" 1 
ATOM   819 C  "C3'" . DG D 4 7  ? -0.08690  -20.42689 -2.84436  1.000 251.16644 ? 107 DG D "C3'" 1 
ATOM   820 O  "O3'" . DG D 4 7  ? 0.49755   -21.10039 -1.73713  1.000 237.92643 ? 107 DG D "O3'" 1 
ATOM   821 C  "C2'" . DG D 4 7  ? 0.92729   -19.50562 -3.53847  1.000 249.38012 ? 107 DG D "C2'" 1 
ATOM   822 C  "C1'" . DG D 4 7  ? 0.67591   -19.74262 -5.02941  1.000 268.84470 ? 107 DG D "C1'" 1 
ATOM   823 N  N9    . DG D 4 7  ? 0.31945   -18.54710 -5.79022  1.000 287.25323 ? 107 DG D N9    1 
ATOM   824 C  C8    . DG D 4 7  ? -0.87752  -18.29235 -6.41064  1.000 312.57554 ? 107 DG D C8    1 
ATOM   825 N  N7    . DG D 4 7  ? -0.90584  -17.16058 -7.05273  1.000 325.74710 ? 107 DG D N7    1 
ATOM   826 C  C5    . DG D 4 7  ? 0.35384   -16.62747 -6.84456  1.000 308.85290 ? 107 DG D C5    1 
ATOM   827 C  C6    . DG D 4 7  ? 0.90501   -15.40789 -7.29267  1.000 313.45386 ? 107 DG D C6    1 
ATOM   828 O  O6    . DG D 4 7  ? 0.37849   -14.53663 -7.99129  1.000 330.44272 ? 107 DG D O6    1 
ATOM   829 N  N1    . DG D 4 7  ? 2.21371   -15.24883 -6.86213  1.000 292.91944 ? 107 DG D N1    1 
ATOM   830 C  C2    . DG D 4 7  ? 2.89919   -16.14559 -6.08717  1.000 271.01097 ? 107 DG D C2    1 
ATOM   831 N  N2    . DG D 4 7  ? 4.15549   -15.81779 -5.77370  1.000 254.54661 ? 107 DG D N2    1 
ATOM   832 N  N3    . DG D 4 7  ? 2.39690   -17.29640 -5.65768  1.000 265.47977 ? 107 DG D N3    1 
ATOM   833 C  C4    . DG D 4 7  ? 1.12335   -17.46587 -6.07569  1.000 285.40562 ? 107 DG D C4    1 
ATOM   834 P  P     . DT D 4 8  ? -0.20352  -21.02726 -0.29034  1.000 269.34488 ? 108 DT D P     1 
ATOM   835 O  OP1   . DT D 4 8  ? 0.06219   -22.31703 0.38270   1.000 270.73070 ? 108 DT D OP1   1 
ATOM   836 O  OP2   . DT D 4 8  ? -1.60031  -20.55846 -0.45146  1.000 271.65610 ? 108 DT D OP2   1 
ATOM   837 O  "O5'" . DT D 4 8  ? 0.60902   -19.87753 0.46705   1.000 260.19044 ? 108 DT D "O5'" 1 
ATOM   838 C  "C5'" . DT D 4 8  ? 0.31748   -18.50199 0.21158   1.000 257.29094 ? 108 DT D "C5'" 1 
ATOM   839 C  "C4'" . DT D 4 8  ? 1.59903   -17.72338 -0.02372  1.000 248.91353 ? 108 DT D "C4'" 1 
ATOM   840 O  "O4'" . DT D 4 8  ? 1.83297   -17.59230 -1.44286  1.000 251.45181 ? 108 DT D "O4'" 1 
ATOM   841 C  "C3'" . DT D 4 8  ? 1.61374   -16.30389 0.51731   1.000 247.04622 ? 108 DT D "C3'" 1 
ATOM   842 O  "O3'" . DT D 4 8  ? 2.07445   -16.30900 1.86179   1.000 240.48989 ? 108 DT D "O3'" 1 
ATOM   843 C  "C2'" . DT D 4 8  ? 2.61525   -15.61439 -0.40145  1.000 240.11348 ? 108 DT D "C2'" 1 
ATOM   844 C  "C1'" . DT D 4 8  ? 2.38290   -16.32177 -1.73237  1.000 247.22238 ? 108 DT D "C1'" 1 
ATOM   845 N  N1    . DT D 4 8  ? 1.45061   -15.58556 -2.61394  1.000 260.81829 ? 108 DT D N1    1 
ATOM   846 C  C2    . DT D 4 8  ? 1.88712   -14.43998 -3.22527  1.000 261.97719 ? 108 DT D C2    1 
ATOM   847 O  O2    . DT D 4 8  ? 3.01735   -14.00180 -3.09505  1.000 254.50546 ? 108 DT D O2    1 
ATOM   848 N  N3    . DT D 4 8  ? 0.96154   -13.82292 -4.01415  1.000 276.07751 ? 108 DT D N3    1 
ATOM   849 C  C4    . DT D 4 8  ? -0.34663  -14.22295 -4.23144  1.000 293.20622 ? 108 DT D C4    1 
ATOM   850 O  O4    . DT D 4 8  ? -1.10732  -13.59848 -4.95861  1.000 315.46233 ? 108 DT D O4    1 
ATOM   851 C  C5    . DT D 4 8  ? -0.74521  -15.43256 -3.55473  1.000 290.68326 ? 108 DT D C5    1 
ATOM   852 C  C7    . DT D 4 8  ? -2.13568  -15.96910 -3.72099  1.000 307.39491 ? 108 DT D C7    1 
ATOM   853 C  C6    . DT D 4 8  ? 0.16158   -16.04753 -2.78412  1.000 275.59036 ? 108 DT D C6    1 
HETATM 854 HG HG    . HG E 5 .  ? 0.78070   -1.60024  3.92548   1.000 265.19184 ? 201 HG B HG    1 
# 
loop_
_atom_site_anisotrop.id 
_atom_site_anisotrop.type_symbol 
_atom_site_anisotrop.pdbx_label_atom_id 
_atom_site_anisotrop.pdbx_label_alt_id 
_atom_site_anisotrop.pdbx_label_comp_id 
_atom_site_anisotrop.pdbx_label_asym_id 
_atom_site_anisotrop.pdbx_label_seq_id 
_atom_site_anisotrop.pdbx_PDB_ins_code 
_atom_site_anisotrop.U[1][1] 
_atom_site_anisotrop.U[2][2] 
_atom_site_anisotrop.U[3][3] 
_atom_site_anisotrop.U[1][2] 
_atom_site_anisotrop.U[1][3] 
_atom_site_anisotrop.U[2][3] 
_atom_site_anisotrop.pdbx_auth_seq_id 
_atom_site_anisotrop.pdbx_auth_comp_id 
_atom_site_anisotrop.pdbx_auth_asym_id 
_atom_site_anisotrop.pdbx_auth_atom_id 
1   O "O5'" . DG A 1  ? 3.90880 3.04468 3.24960 0.55724  0.21864  0.33842  101 DG A "O5'" 
2   C "C5'" . DG A 1  ? 4.01593 3.18051 3.37908 0.58781  0.23827  0.26850  101 DG A "C5'" 
3   C "C4'" . DG A 1  ? 3.98920 3.06132 3.38807 0.56746  0.32447  0.31185  101 DG A "C4'" 
4   O "O4'" . DG A 1  ? 4.16859 3.27530 3.60904 0.57394  0.36208  0.19909  101 DG A "O4'" 
5   C "C3'" . DG A 1  ? 4.02421 3.02683 3.46688 0.49690  0.39601  0.31814  101 DG A "C3'" 
6   O "O3'" . DG A 1  ? 3.84157 2.77760 3.24617 0.48386  0.38322  0.45094  101 DG A "O3'" 
7   C "C2'" . DG A 1  ? 4.06390 3.00669 3.55696 0.48755  0.48162  0.30722  101 DG A "C2'" 
8   C "C1'" . DG A 1  ? 4.19665 3.22734 3.69835 0.52483  0.45950  0.19006  101 DG A "C1'" 
9   N N9    . DG A 1  ? 4.31879 3.40414 3.88488 0.48551  0.49745  0.03004  101 DG A N9    
10  C C8    . DG A 1  ? 4.32362 3.51079 3.89884 0.51024  0.46302  -0.09771 101 DG A C8    
11  N N7    . DG A 1  ? 4.32911 3.55070 3.97413 0.46493  0.50808  -0.22904 101 DG A N7    
12  C C5    . DG A 1  ? 4.34250 3.47422 4.02510 0.40567  0.58213  -0.18613 101 DG A C5    
13  C C6    . DG A 1  ? 4.33158 3.44872 4.09263 0.33915  0.65911  -0.28118 101 DG A C6    
14  O O6    . DG A 1  ? 4.28942 3.47727 4.11059 0.31830  0.67567  -0.42918 101 DG A O6    
15  N N1    . DG A 1  ? 4.36337 3.37149 4.13062 0.29501  0.72059  -0.18874 101 DG A N1    
16  C C2    . DG A 1  ? 4.35900 3.28838 4.06695 0.31285  0.70465  -0.02643 101 DG A C2    
17  N N2    . DG A 1  ? 4.32276 3.15269 4.04218 0.26503  0.76818  0.04387  101 DG A N2    
18  N N3    . DG A 1  ? 4.32210 3.26863 3.96436 0.37362  0.63184  0.06097  101 DG A N3    
19  C C4    . DG A 1  ? 4.34793 3.39447 3.98000 0.41759  0.57557  -0.02545 101 DG A C4    
20  P P     . DA A 2  ? 4.21982 3.11254 3.64245 0.41122  0.42497  0.44340  102 DA A P     
21  O OP1   . DA A 2  ? 4.27686 3.24625 3.67805 0.40183  0.36457  0.38304  102 DA A OP1   
22  O OP2   . DA A 2  ? 4.33690 3.19374 3.82937 0.37511  0.51796  0.36874  102 DA A OP2   
23  O "O5'" . DA A 2  ? 4.02851 2.81831 3.41582 0.39971  0.43680  0.60738  102 DA A "O5'" 
24  C "C5'" . DA A 2  ? 3.98810 2.74562 3.34616 0.35247  0.43211  0.64801  102 DA A "C5'" 
25  C "C4'" . DA A 2  ? 4.12427 2.84026 3.52752 0.28345  0.51515  0.57596  102 DA A "C4'" 
26  O "O4'" . DA A 2  ? 4.30319 3.05894 3.77624 0.27930  0.56360  0.44117  102 DA A "O4'" 
27  C "C3'" . DA A 2  ? 4.19547 2.94112 3.57904 0.23815  0.49598  0.52357  102 DA A "C3'" 
28  O "O3'" . DA A 2  ? 4.20192 2.85725 3.58886 0.17413  0.56825  0.55014  102 DA A "O3'" 
29  C "C2'" . DA A 2  ? 4.39509 3.23763 3.83371 0.23902  0.49488  0.35780  102 DA A "C2'" 
30  C "C1'" . DA A 2  ? 4.44388 3.24908 3.94462 0.23543  0.57387  0.31948  102 DA A "C1'" 
31  N N9    . DA A 2  ? 4.60619 3.50125 4.16431 0.24895  0.57553  0.17012  102 DA A N9    
32  C C8    . DA A 2  ? 4.62240 3.60615 4.17037 0.30779  0.50982  0.12874  102 DA A C8    
33  N N7    . DA A 2  ? 4.70158 3.75688 4.30709 0.30497  0.52473  -0.01394 102 DA A N7    
34  C C5    . DA A 2  ? 4.75738 3.76991 4.42124 0.23784  0.60778  -0.07479 102 DA A C5    
35  C C6    . DA A 2  ? 4.75402 3.80674 4.50076 0.20042  0.66217  -0.22607 102 DA A C6    
36  N N6    . DA A 2  ? 4.70422 3.85856 4.48751 0.22800  0.63320  -0.34763 102 DA A N6    
37  N N1    . DA A 2  ? 4.77034 3.75474 4.56046 0.13328  0.74782  -0.24856 102 DA A N1    
38  C C2    . DA A 2  ? 4.77668 3.65907 4.52162 0.10742  0.77351  -0.12443 102 DA A C2    
39  N N3    . DA A 2  ? 4.72052 3.56076 4.38596 0.13793  0.72329  0.02260  102 DA A N3    
40  C C4    . DA A 2  ? 4.72341 3.63416 4.35547 0.20297  0.64148  0.03843  102 DA A C4    
41  P P     . DG A 3  ? 4.36166 3.03259 3.78790 0.10929  0.61910  0.41993  103 DG A P     
42  O OP1   . DG A 3  ? 4.40325 3.16402 3.80597 0.11309  0.54634  0.36158  103 DG A OP1   
43  O OP2   . DG A 3  ? 4.43212 3.10293 3.94113 0.09828  0.69444  0.31965  103 DG A OP2   
44  O "O5'" . DG A 3  ? 4.31212 2.86850 3.70315 0.05004  0.67734  0.50271  103 DG A "O5'" 
45  C "C5'" . DG A 3  ? 4.39918 2.90420 3.83881 -0.01190 0.77492  0.42664  103 DG A "C5'" 
46  C "C4'" . DG A 3  ? 4.50804 3.09365 3.98981 -0.04443 0.77636  0.27072  103 DG A "C4'" 
47  O "O4'" . DG A 3  ? 4.58670 3.26855 4.13898 -0.01023 0.76190  0.15282  103 DG A "O4'" 
48  C "C3'" . DG A 3  ? 4.49259 3.13764 3.91980 -0.04466 0.69653  0.27021  103 DG A "C3'" 
49  O "O3'" . DG A 3  ? 4.50085 3.07948 3.88915 -0.10920 0.73533  0.28823  103 DG A "O3'" 
50  C "C2'" . DG A 3  ? 4.56410 3.33560 4.05609 -0.02798 0.66278  0.11585  103 DG A "C2'" 
51  C "C1'" . DG A 3  ? 4.61980 3.39837 4.19462 -0.02079 0.72311  0.03595  103 DG A "C1'" 
52  N N9    . DG A 3  ? 4.66734 3.55939 4.27665 0.03602  0.66257  -0.04244 103 DG A N9    
53  C C8    . DG A 3  ? 4.64825 3.58544 4.21022 0.10362  0.57787  0.02355  103 DG A C8    
54  N N7    . DG A 3  ? 4.68548 3.72266 4.28516 0.14386  0.53871  -0.07242 103 DG A N7    
55  C C5    . DG A 3  ? 4.69550 3.76196 4.37833 0.09954  0.59780  -0.21426 103 DG A C5    
56  C C6    . DG A 3  ? 4.64742 3.81794 4.40149 0.11368  0.58719  -0.36328 103 DG A C6    
57  O O6    . DG A 3  ? 4.59975 3.85649 4.34904 0.17148  0.52082  -0.39683 103 DG A O6    
58  N N1    . DG A 3  ? 4.62318 3.79168 4.45927 0.05235  0.66385  -0.48059 103 DG A N1    
59  C C2    . DG A 3  ? 4.65258 3.72353 4.49518 -0.01388 0.74497  -0.45430 103 DG A C2    
60  N N2    . DG A 3  ? 4.62202 3.70302 4.55248 -0.06814 0.81743  -0.58294 103 DG A N2    
61  N N3    . DG A 3  ? 4.69025 3.66025 4.45737 -0.02626 0.75464  -0.31199 103 DG A N3    
62  C C4    . DG A 3  ? 4.70357 3.68057 4.39598 0.03230  0.67680  -0.19911 103 DG A C4    
63  P P     . DC A 4  ? 4.59697 3.14456 4.04543 -0.18109 0.83438  0.17038  104 DC A P     
64  O OP1   . DC A 4  ? 4.61968 3.21222 4.17201 -0.17569 0.88206  0.04652  104 DC A OP1   
65  O OP2   . DC A 4  ? 4.52740 2.94237 3.91867 -0.22580 0.89765  0.27427  104 DC A OP2   
66  O "O5'" . DC A 4  ? 4.58257 3.19946 4.02139 -0.20820 0.79394  0.08991  104 DC A "O5'" 
67  C "C5'" . DC A 4  ? 4.58504 3.33350 4.06902 -0.17082 0.72396  -0.01017 104 DC A "C5'" 
68  C "C4'" . DC A 4  ? 4.61468 3.42130 4.21125 -0.18994 0.77627  -0.17501 104 DC A "C4'" 
69  O "O4'" . DC A 4  ? 4.62035 3.51017 4.26207 -0.12786 0.73315  -0.21682 104 DC A "O4'" 
70  C "C3'" . DC A 4  ? 4.60713 3.49176 4.24959 -0.22145 0.76532  -0.30274 104 DC A "C3'" 
71  O "O3'" . DC A 4  ? 4.59015 3.43501 4.29996 -0.28688 0.86551  -0.39781 104 DC A "O3'" 
72  C "C2'" . DC A 4  ? 4.59829 3.62088 4.30027 -0.16261 0.69241  -0.39606 104 DC A "C2'" 
73  C "C1'" . DC A 4  ? 4.62499 3.62961 4.34609 -0.12573 0.71223  -0.37056 104 DC A "C1'" 
74  N N1    . DC A 4  ? 4.58018 3.68350 4.29973 -0.04891 0.62269  -0.37758 104 DC A N1    
75  C C2    . DC A 4  ? 4.50485 3.71835 4.30900 -0.02866 0.60652  -0.52077 104 DC A C2    
76  O O2    . DC A 4  ? 4.49432 3.72542 4.38300 -0.07636 0.66773  -0.64377 104 DC A O2    
77  N N3    . DC A 4  ? 4.44806 3.74542 4.23770 0.04309  0.52410  -0.52017 104 DC A N3    
78  C C4    . DC A 4  ? 4.50696 3.77931 4.20894 0.09152  0.46467  -0.38685 104 DC A C4    
79  N N4    . DC A 4  ? 4.49370 3.84457 4.18035 0.16154  0.38921  -0.38997 104 DC A N4    
80  C C5    . DC A 4  ? 4.57725 3.74288 4.20251 0.07040  0.47989  -0.24460 104 DC A C5    
81  C C6    . DC A 4  ? 4.59029 3.67608 4.22449 0.00116  0.55647  -0.24461 104 DC A C6    
82  P P     . DA A 5  ? 4.68032 3.55648 4.42619 -0.34385 0.88654  -0.50481 105 DA A P     
83  O OP1   . DA A 5  ? 4.77865 3.57673 4.57785 -0.41296 1.00660  -0.56737 105 DA A OP1   
84  O OP2   . DA A 5  ? 4.69068 3.54780 4.33719 -0.34509 0.82905  -0.41140 105 DA A OP2   
85  O "O5'" . DA A 5  ? 4.60055 3.63368 4.44364 -0.30648 0.82656  -0.64988 105 DA A "O5'" 
86  C "C5'" . DA A 5  ? 4.57946 3.68895 4.45437 -0.32263 0.79294  -0.73516 105 DA A "C5'" 
87  C "C4'" . DA A 5  ? 4.50773 3.74132 4.51201 -0.31237 0.78603  -0.90581 105 DA A "C4'" 
88  O "O4'" . DA A 5  ? 4.44845 3.75165 4.46301 -0.24087 0.72577  -0.90279 105 DA A "O4'" 
89  C "C3'" . DA A 5  ? 4.47471 3.81444 4.52222 -0.30895 0.72745  -0.99398 105 DA A "C3'" 
90  O "O3'" . DA A 5  ? 4.41681 3.83214 4.59808 -0.33721 0.76690  -1.16385 105 DA A "O3'" 
91  C "C2'" . DA A 5  ? 4.41777 3.84835 4.42964 -0.22255 0.61079  -0.95082 105 DA A "C2'" 
92  C "C1'" . DA A 5  ? 4.41192 3.83857 4.43684 -0.18696 0.62288  -0.94169 105 DA A "C1'" 
93  N N9    . DA A 5  ? 4.44033 3.86659 4.37618 -0.11685 0.54674  -0.81917 105 DA A N9    
94  C C8    . DA A 5  ? 4.50801 3.83253 4.33703 -0.11117 0.54534  -0.66028 105 DA A C8    
95  N N7    . DA A 5  ? 4.52851 3.87972 4.30247 -0.04215 0.47132  -0.58027 105 DA A N7    
96  C C5    . DA A 5  ? 4.45293 3.92906 4.29359 0.00150  0.42008  -0.69180 105 DA A C5    
97  C C6    . DA A 5  ? 4.42871 3.98344 4.24990 0.08007  0.33647  -0.67975 105 DA A C6    
98  N N6    . DA A 5  ? 4.50460 4.01991 4.23648 0.12817  0.29273  -0.54582 105 DA A N6    
99  N N1    . DA A 5  ? 4.32713 4.00230 4.22422 0.10755  0.29990  -0.81109 105 DA A N1    
100 C C2    . DA A 5  ? 4.25953 3.97721 4.25548 0.05812  0.34427  -0.94793 105 DA A C2    
101 N N3    . DA A 5  ? 4.28917 3.94040 4.31911 -0.01856 0.42756  -0.97605 105 DA A N3    
102 C C4    . DA A 5  ? 4.39065 3.91819 4.33339 -0.04308 0.46250  -0.84021 105 DA A C4    
103 P P     . DG A 6  ? 4.52142 4.03988 4.77907 -0.35060 0.73240  -1.28089 106 DG A P     
104 O OP1   . DG A 6  ? 4.46936 4.01067 4.85810 -0.40738 0.81590  -1.43546 106 DG A OP1   
105 O OP2   . DG A 6  ? 4.52889 3.99055 4.69321 -0.36907 0.71346  -1.18672 106 DG A OP2   
106 O "O5'" . DG A 6  ? 4.38351 4.04725 4.66789 -0.26424 0.61487  -1.31669 106 DG A "O5'" 
107 C "C5'" . DG A 6  ? 4.28411 4.04504 4.59477 -0.24087 0.54054  -1.36137 106 DG A "C5'" 
108 C "C4'" . DG A 6  ? 4.23339 4.11820 4.55818 -0.15369 0.43525  -1.38289 106 DG A "C4'" 
109 O "O4'" . DG A 6  ? 4.31012 4.14160 4.52750 -0.10426 0.40383  -1.24926 106 DG A "O4'" 
110 C "C3'" . DG A 6  ? 4.17769 4.15240 4.50129 -0.11259 0.34271  -1.38851 106 DG A "C3'" 
111 O "O3'" . DG A 6  ? 4.12261 4.24253 4.54483 -0.06632 0.28294  -1.51152 106 DG A "O3'" 
112 C "C2'" . DG A 6  ? 4.22337 4.15355 4.41150 -0.05639 0.27818  -1.22657 106 DG A "C2'" 
113 C "C1'" . DG A 6  ? 4.26141 4.15837 4.42551 -0.03305 0.29826  -1.19359 106 DG A "C1'" 
114 N N9    . DG A 6  ? 4.33778 4.14566 4.37473 -0.00432 0.27933  -1.02821 106 DG A N9    
115 C C8    . DG A 6  ? 4.43535 4.11331 4.38978 -0.04772 0.33072  -0.91244 106 DG A C8    
116 N N7    . DG A 6  ? 4.49076 4.12050 4.34725 -0.00489 0.29335  -0.77731 106 DG A N7    
117 C C5    . DG A 6  ? 4.45127 4.18026 4.32213 0.07083  0.21627  -0.80494 106 DG A C5    
118 C C6    . DG A 6  ? 4.48540 4.21526 4.28010 0.14140  0.15349  -0.70350 106 DG A C6    
119 O O6    . DG A 6  ? 4.55544 4.20015 4.26049 0.15116  0.15197  -0.56615 106 DG A O6    
120 N N1    . DG A 6  ? 4.41453 4.25906 4.24696 0.20534  0.08745  -0.77681 106 DG A N1    
121 C C2    . DG A 6  ? 4.31955 4.27069 4.25447 0.20249  0.07794  -0.92919 106 DG A C2    
122 N N2    . DG A 6  ? 4.25813 4.31301 4.20931 0.27158  0.00620  -0.97886 106 DG A N2    
123 N N3    . DG A 6  ? 4.27042 4.22647 4.28727 0.13644  0.13518  -1.02731 106 DG A N3    
124 C C4    . DG A 6  ? 4.34614 4.18551 4.32350 0.07276  0.20473  -0.95742 106 DG A C4    
125 P P     . DC A 7  ? 4.12876 4.36369 4.58051 -0.01809 0.18666  -1.54586 107 DC A P     
126 O OP1   . DC A 7  ? 4.00177 4.37649 4.58729 0.00266  0.15751  -1.70542 107 DC A OP1   
127 O OP2   . DC A 7  ? 4.10071 4.27556 4.52753 -0.06764 0.21411  -1.50728 107 DC A OP2   
128 O "O5'" . DC A 7  ? 4.12779 4.36965 4.46391 0.06824  0.09445  -1.41896 107 DC A "O5'" 
129 C "C5'" . DC A 7  ? 4.09823 4.40206 4.43271 0.13135  0.04780  -1.43605 107 DC A "C5'" 
130 C "C4'" . DC A 7  ? 4.08365 4.41662 4.32627 0.21501  -0.05053 -1.33592 107 DC A "C4'" 
131 O "O4'" . DC A 7  ? 4.16341 4.37586 4.28163 0.21736  -0.03260 -1.17958 107 DC A "O4'" 
132 C "C3'" . DC A 7  ? 4.01369 4.38990 4.25950 0.23006  -0.10543 -1.32549 107 DC A "C3'" 
133 O "O3'" . DC A 7  ? 3.97028 4.45322 4.21437 0.31653  -0.20551 -1.33716 107 DC A "O3'" 
134 C "C2'" . DC A 7  ? 4.08202 4.33506 4.20729 0.21242  -0.08885 -1.16875 107 DC A "C2'" 
135 C "C1'" . DC A 7  ? 4.13931 4.33734 4.18423 0.24540  -0.08719 -1.08166 107 DC A "C1'" 
136 N N1    . DC A 7  ? 4.23411 4.29619 4.17228 0.21622  -0.04766 -0.93527 107 DC A N1    
137 C C2    . DC A 7  ? 4.28871 4.31303 4.13026 0.27125  -0.08621 -0.81412 107 DC A C2    
138 O O2    . DC A 7  ? 4.25422 4.35220 4.09457 0.34107  -0.14711 -0.83108 107 DC A O2    
139 N N3    . DC A 7  ? 4.38087 4.28913 4.13318 0.24674  -0.05545 -0.68249 107 DC A N3    
140 C C4    . DC A 7  ? 4.42076 4.25058 4.16838 0.17153  0.00898  -0.66747 107 DC A C4    
141 N N4    . DC A 7  ? 4.50797 4.22799 4.16356 0.15189  0.03197  -0.53431 107 DC A N4    
142 C C5    . DC A 7  ? 4.36797 4.22844 4.20497 0.11344  0.05275  -0.78858 107 DC A C5    
143 C C6    . DC A 7  ? 4.27985 4.25768 4.21475 0.13791  0.02310  -0.92041 107 DC A C6    
144 P P     . DC A 8  ? 3.93402 4.50438 4.22560 0.34403  -0.27059 -1.37447 108 DC A P     
145 O OP1   . DC A 8  ? 3.87498 4.51279 4.30846 0.29392  -0.23504 -1.52628 108 DC A OP1   
146 O OP2   . DC A 8  ? 3.95313 4.43866 4.15028 0.33708  -0.27494 -1.24439 108 DC A OP2   
147 O "O5'" . DC A 8  ? 3.84505 4.52270 4.12209 0.44640  -0.37398 -1.38206 108 DC A "O5'" 
148 C "C5'" . DC A 8  ? 3.81976 4.50978 4.02781 0.50933  -0.44805 -1.29254 108 DC A "C5'" 
149 C "C4'" . DC A 8  ? 3.88891 4.55932 3.98754 0.58083  -0.49432 -1.19573 108 DC A "C4'" 
150 O "O4'" . DC A 8  ? 3.96417 4.53521 4.01057 0.54212  -0.42664 -1.14441 108 DC A "O4'" 
151 C "C3'" . DC A 8  ? 3.93013 4.55335 3.92519 0.62513  -0.53976 -1.05735 108 DC A "C3'" 
152 O "O3'" . DC A 8  ? 3.92008 4.64378 3.93423 0.69929  -0.62600 -1.08222 108 DC A "O3'" 
153 C "C2'" . DC A 8  ? 4.01221 4.56574 3.90272 0.65482  -0.53512 -0.95795 108 DC A "C2'" 
154 C "C1'" . DC A 8  ? 4.04597 4.53587 3.96775 0.57746  -0.44449 -0.99397 108 DC A "C1'" 
155 N N1    . DC A 8  ? 4.10192 4.46903 3.97932 0.50782  -0.37830 -0.90494 108 DC A N1    
156 C C2    . DC A 8  ? 4.16512 4.43469 3.93057 0.52149  -0.37569 -0.75713 108 DC A C2    
157 O O2    . DC A 8  ? 4.16215 4.44379 3.86759 0.59027  -0.42371 -0.70091 108 DC A O2    
158 N N3    . DC A 8  ? 4.20544 4.36921 3.93119 0.45797  -0.31975 -0.68012 108 DC A N3    
159 C C4    . DC A 8  ? 4.16162 4.31057 3.94747 0.38395  -0.26534 -0.74477 108 DC A C4    
160 N N4    . DC A 8  ? 4.18842 4.23131 3.92487 0.32231  -0.21191 -0.66730 108 DC A N4    
161 C C5    . DC A 8  ? 4.07815 4.32121 3.97946 0.36852  -0.26242 -0.89474 108 DC A C5    
162 C C6    . DC A 8  ? 4.04882 4.40031 3.99574 0.43110  -0.32034 -0.97035 108 DC A C6    
163 P P     . DT A 9  ? 3.80622 4.55191 3.85553 0.69514  -0.65007 -1.07729 109 DT A P     
164 O OP1   . DT A 9  ? 3.71719 4.49363 3.70176 0.78458  -0.73169 -1.00246 109 DT A OP1   
165 O OP2   . DT A 9  ? 3.78525 4.61781 3.97420 0.65976  -0.63739 -1.22480 109 DT A OP2   
166 O "O5'" . DT A 9  ? 3.77033 4.38421 3.76256 0.61903  -0.57985 -0.98290 109 DT A "O5'" 
167 C "C5'" . DT A 9  ? 3.75549 4.29480 3.63794 0.64373  -0.59938 -0.84054 109 DT A "C5'" 
168 C "C4'" . DT A 9  ? 3.81696 4.32222 3.60796 0.69505  -0.61825 -0.75954 109 DT A "C4'" 
169 O "O4'" . DT A 9  ? 3.87403 4.29424 3.64272 0.63500  -0.54502 -0.73917 109 DT A "O4'" 
170 C "C3'" . DT A 9  ? 3.79918 4.25136 3.48473 0.74302  -0.65644 -0.61915 109 DT A "C3'" 
171 O "O3'" . DT A 9  ? 3.71746 4.24289 3.38343 0.83662  -0.73196 -0.61802 109 DT A "O3'" 
172 C "C2'" . DT A 9  ? 3.83767 4.18115 3.44022 0.71740  -0.60977 -0.52034 109 DT A "C2'" 
173 C "C1'" . DT A 9  ? 3.92451 4.24365 3.58656 0.63818  -0.53453 -0.59783 109 DT A "C1'" 
174 N N1    . DT A 9  ? 3.94654 4.17327 3.59700 0.55222  -0.46921 -0.55737 109 DT A N1    
175 C C2    . DT A 9  ? 3.98088 4.10839 3.53682 0.54094  -0.45728 -0.42151 109 DT A C2    
176 O O2    . DT A 9  ? 3.94633 4.05421 3.43096 0.59686  -0.49503 -0.32830 109 DT A O2    
177 N N3    . DT A 9  ? 4.00506 4.05627 3.55293 0.46034  -0.39861 -0.39925 109 DT A N3    
178 C C4    . DT A 9  ? 3.97710 4.03423 3.59732 0.39046  -0.34619 -0.49549 109 DT A C4    
179 O O4    . DT A 9  ? 4.01603 3.99513 3.61201 0.32088  -0.29376 -0.46334 109 DT A O4    
180 C C5    . DT A 9  ? 3.89856 4.06007 3.62397 0.40506  -0.35739 -0.63698 109 DT A C5    
181 C C7    . DT A 9  ? 3.87768 4.05481 3.69667 0.33257  -0.29981 -0.75342 109 DT A C7    
182 C C6    . DT A 9  ? 3.89054 4.13315 3.62642 0.48440  -0.41984 -0.66086 109 DT A C6    
183 P P     . DG A 10 ? 3.83392 4.44543 3.54227 0.88842  -0.79806 -0.64970 110 DG A P     
184 O OP1   . DG A 10 ? 3.74779 4.45188 3.46075 0.97308  -0.86352 -0.69684 110 DG A OP1   
185 O OP2   . DG A 10 ? 3.85040 4.48692 3.65649 0.82325  -0.76626 -0.73432 110 DG A OP2   
186 O "O5'" . DG A 10 ? 3.57589 4.11509 3.19101 0.91394  -0.81650 -0.50765 110 DG A "O5'" 
187 C "C5'" . DG A 10 ? 3.35197 3.85645 2.86940 0.97788  -0.84639 -0.40862 110 DG A "C5'" 
188 C "C4'" . DG A 10 ? 3.35115 3.73599 2.79046 0.93466  -0.79999 -0.29021 110 DG A "C4'" 
189 O "O4'" . DG A 10 ? 3.60010 3.94301 3.07795 0.84459  -0.73156 -0.33057 110 DG A "O4'" 
190 C "C3'" . DG A 10 ? 3.21087 3.54808 2.61427 0.92766  -0.80741 -0.20126 110 DG A "C3'" 
191 O "O3'" . DG A 10 ? 3.08635 3.41442 2.41844 1.00494  -0.85389 -0.11255 110 DG A "O3'" 
192 C "C2'" . DG A 10 ? 3.29654 3.52925 2.66244 0.84802  -0.74372 -0.13520 110 DG A "C2'" 
193 C "C1'" . DG A 10 ? 3.56394 3.80839 2.98752 0.79465  -0.69573 -0.23065 110 DG A "C1'" 
194 N N9    . DG A 10 ? 3.73842 3.96669 3.21855 0.70827  -0.64467 -0.28868 110 DG A N9    
195 C C8    . DG A 10 ? 3.83641 4.13437 3.41522 0.68043  -0.63221 -0.41894 110 DG A C8    
196 N N7    . DG A 10 ? 3.91038 4.16627 3.51783 0.59788  -0.57565 -0.44539 110 DG A N7    
197 C C5    . DG A 10 ? 3.91554 4.06887 3.43324 0.56945  -0.55272 -0.32346 110 DG A C5    
198 C C6    . DG A 10 ? 3.97119 4.04106 3.46391 0.48669  -0.49646 -0.28866 110 DG A C6    
199 O O6    . DG A 10 ? 4.00190 4.06559 3.54554 0.41866  -0.44878 -0.36044 110 DG A O6    
200 N N1    . DG A 10 ? 3.93848 3.92364 3.33452 0.48626  -0.49683 -0.15555 110 DG A N1    
201 C C2    . DG A 10 ? 3.79954 3.77969 3.13696 0.55620  -0.54183 -0.06834 110 DG A C2    
202 N N2    . DG A 10 ? 3.73255 3.62861 2.98880 0.54290  -0.53472 0.05377  110 DG A N2    
203 N N3    . DG A 10 ? 3.70644 3.75856 3.06247 0.63370  -0.59021 -0.09895 110 DG A N3    
204 C C4    . DG A 10 ? 3.79654 3.93357 3.24061 0.63616  -0.59473 -0.22695 110 DG A C4    
205 P P     . DT A 11 ? 3.34917 3.74921 2.69944 1.07730  -0.91832 -0.12538 111 DT A P     
206 O OP1   . DT A 11 ? 3.32258 3.79310 2.66606 1.15744  -0.96624 -0.16720 111 DT A OP1   
207 O OP2   . DT A 11 ? 3.36156 3.80065 2.79822 1.02956  -0.90779 -0.20185 111 DT A OP2   
208 O "O5'" . DT A 11 ? 3.21368 3.53900 2.48090 1.10223  -0.92805 0.01297  111 DT A "O5'" 
209 C "C5'" . DT A 11 ? 3.11317 3.39134 2.38459 1.04852  -0.90514 0.05545  111 DT A "C5'" 
210 C "C4'" . DT A 11 ? 3.05263 3.23258 2.27431 0.98076  -0.85326 0.13081  111 DT A "C4'" 
211 O "O4'" . DT A 11 ? 3.24080 3.41944 2.51007 0.90735  -0.80571 0.05319  111 DT A "O4'" 
212 C "C3'" . DT A 11 ? 2.99479 3.11421 2.19148 0.93732  -0.83811 0.20516  111 DT A "C3'" 
213 O "O3'" . DT A 11 ? 3.04867 3.08129 2.16872 0.92599  -0.82010 0.31981  111 DT A "O3'" 
214 C "C2'" . DT A 11 ? 3.13216 3.25384 2.38775 0.84987  -0.79521 0.12662  111 DT A "C2'" 
215 C "C1'" . DT A 11 ? 3.28631 3.40907 2.55691 0.82668  -0.76489 0.07445  111 DT A "C1'" 
216 N N1    . DT A 11 ? 3.47455 3.63207 2.82698 0.76260  -0.72879 -0.04375 111 DT A N1    
217 C C2    . DT A 11 ? 3.60691 3.69745 2.95227 0.67311  -0.67073 -0.03602 111 DT A C2    
218 O O2    . DT A 11 ? 3.56552 3.57377 2.84182 0.64318  -0.65116 0.06183  111 DT A O2    
219 N N3    . DT A 11 ? 3.77982 3.90332 3.20268 0.61984  -0.63597 -0.14796 111 DT A N3    
220 C C4    . DT A 11 ? 3.81302 4.03365 3.32654 0.64609  -0.65560 -0.26705 111 DT A C4    
221 O O4    . DT A 11 ? 3.94373 4.18772 3.53056 0.59197  -0.61832 -0.36515 111 DT A O4    
222 C C5    . DT A 11 ? 3.66099 3.95331 3.17716 0.74193  -0.72256 -0.26815 111 DT A C5    
223 C C7    . DT A 11 ? 3.68896 4.09435 3.29988 0.78035  -0.75527 -0.39138 111 DT A C7    
224 C C6    . DT A 11 ? 3.51900 3.77399 2.95181 0.79490  -0.75432 -0.15666 111 DT A C6    
225 P P     . DC A 12 ? 3.16744 3.11449 2.25528 0.84108  -0.77788 0.38765  112 DC A P     
226 O OP1   . DC A 12 ? 3.19901 3.12854 2.31482 0.76389  -0.72829 0.32828  112 DC A OP1   
227 O OP2   . DC A 12 ? 3.21094 3.09615 2.22841 0.86915  -0.78304 0.50501  112 DC A OP2   
228 O "O5'" . DC A 12 ? 3.04801 3.00135 2.14575 0.83241  -0.79406 0.40227  112 DC A "O5'" 
229 C "C5'" . DC A 12 ? 3.07679 3.05720 2.23209 0.77640  -0.77566 0.32061  112 DC A "C5'" 
230 C "C4'" . DC A 12 ? 3.20541 3.12655 2.34959 0.67842  -0.72089 0.31649  112 DC A "C4'" 
231 O "O4'" . DC A 12 ? 3.25738 3.20635 2.44828 0.65570  -0.69394 0.22478  112 DC A "O4'" 
232 C "C3'" . DC A 12 ? 3.30955 3.22218 2.47600 0.61354  -0.69964 0.28565  112 DC A "C3'" 
233 O "O3'" . DC A 12 ? 3.23468 3.08391 2.33776 0.58911  -0.69992 0.38563  112 DC A "O3'" 
234 C "C2'" . DC A 12 ? 3.46514 3.35867 2.65568 0.53392  -0.64566 0.21690  112 DC A "C2'" 
235 C "C1'" . DC A 12 ? 3.43931 3.38474 2.67170 0.57734  -0.65278 0.15292  112 DC A "C1'" 
236 N N1    . DC A 12 ? 3.51091 3.55098 2.83973 0.60001  -0.66683 0.02734  112 DC A N1    
237 C C2    . DC A 12 ? 3.72213 3.77821 3.11405 0.53893  -0.62254 -0.07535 112 DC A C2    
238 O O2    . DC A 12 ? 3.84981 3.83731 3.21096 0.46739  -0.57038 -0.05945 112 DC A O2    
239 N N3    . DC A 12 ? 3.73400 3.88080 3.22186 0.56126  -0.63791 -0.18947 112 DC A N3    
240 C C4    . DC A 12 ? 3.56347 3.78106 3.07835 0.64211  -0.69666 -0.19843 112 DC A C4    
241 N N4    . DC A 12 ? 3.54226 3.85182 3.15592 0.66355  -0.71388 -0.31068 112 DC A N4    
242 C C5    . DC A 12 ? 3.41476 3.61128 2.85852 0.70566  -0.73963 -0.09197 112 DC A C5    
243 C C6    . DC A 12 ? 3.39617 3.50471 2.75180 0.68106  -0.72173 0.01554  112 DC A C6    
244 P P     . DT A 13 ? 3.02660 2.78770 2.04794 0.55214  -0.68029 0.49291  113 DT A P     
245 O OP1   . DT A 13 ? 3.04954 2.79537 2.06664 0.54779  -0.65792 0.48265  113 DT A OP1   
246 O OP2   . DT A 13 ? 2.87857 2.62201 1.85777 0.60057  -0.71600 0.59142  113 DT A OP2   
247 O "O5'" . DT A 13 ? 3.14557 2.85508 2.14481 0.45276  -0.63967 0.48991  113 DT A "O5'" 
248 C "C5'" . DT A 13 ? 3.34260 3.03632 2.35935 0.38478  -0.59102 0.42139  113 DT A "C5'" 
249 C "C4'" . DT A 13 ? 3.49386 3.18077 2.52473 0.31504  -0.56338 0.36938  113 DT A "C4'" 
250 O "O4'" . DT A 13 ? 3.63029 3.38283 2.74982 0.31601  -0.55055 0.24437  113 DT A "O4'" 
251 C "C3'" . DT A 13 ? 3.38909 3.08235 2.40842 0.32807  -0.59200 0.40745  113 DT A "C3'" 
252 O "O3'" . DT A 13 ? 3.49441 3.14507 2.48733 0.24437  -0.55790 0.39869  113 DT A "O3'" 
253 C "C2'" . DT A 13 ? 3.38009 3.16013 2.48720 0.38493  -0.61582 0.32003  113 DT A "C2'" 
254 C "C1'" . DT A 13 ? 3.57212 3.37081 2.73389 0.33693  -0.57351 0.21203  113 DT A "C1'" 
255 N N1    . DT A 13 ? 3.57735 3.46613 2.83180 0.39379  -0.59476 0.11656  113 DT A N1    
256 C C2    . DT A 13 ? 3.78242 3.70402 3.10974 0.35328  -0.55988 0.00314  113 DT A C2    
257 O O2    . DT A 13 ? 3.97204 3.84565 3.28691 0.27078  -0.50706 -0.02215 113 DT A O2    
258 N N3    . DT A 13 ? 3.72757 3.74074 3.14293 0.41436  -0.58944 -0.07994 113 DT A N3    
259 C C4    . DT A 13 ? 3.53943 3.60859 2.96637 0.51012  -0.64892 -0.05758 113 DT A C4    
260 O O4    . DT A 13 ? 3.53068 3.68336 3.03479 0.56114  -0.67600 -0.13626 113 DT A O4    
261 C C5    . DT A 13 ? 3.35241 3.37549 2.69482 0.54666  -0.67742 0.06451  113 DT A C5    
262 C C7    . DT A 13 ? 3.16967 3.23940 2.51078 0.64928  -0.73653 0.10029  113 DT A C7    
263 C C6    . DT A 13 ? 3.36515 3.30363 2.63153 0.48689  -0.64942 0.14283  113 DT A C6    
264 P P     . DG A 14 ? 3.27967 2.83929 2.17452 0.17499  -0.53526 0.48841  114 DG A P     
265 O OP1   . DG A 14 ? 3.10537 2.64100 1.96036 0.21848  -0.55740 0.57746  114 DG A OP1   
266 O OP2   . DG A 14 ? 3.30142 2.84023 2.16401 0.13824  -0.53946 0.51703  114 DG A OP2   
267 O "O5'" . DG A 14 ? 3.49554 3.02374 2.39261 0.09575  -0.47480 0.41774  114 DG A "O5'" 
268 C "C5'" . DG A 14 ? 3.59211 3.06371 2.43746 0.00737  -0.43755 0.41862  114 DG A "C5'" 
269 C "C4'" . DG A 14 ? 3.86550 3.34948 2.76459 -0.04594 -0.38569 0.30032  114 DG A "C4'" 
270 O "O4'" . DG A 14 ? 3.88958 3.46188 2.89683 0.01386  -0.40232 0.20942  114 DG A "O4'" 
271 C "C3'" . DG A 14 ? 3.97745 3.44231 2.86202 -0.11131 -0.36099 0.26837  114 DG A "C3'" 
272 O "O3'" . DG A 14 ? 4.21581 3.67258 3.13605 -0.17113 -0.30230 0.17055  114 DG A "O3'" 
273 C "C2'" . DG A 14 ? 3.92551 3.46866 2.88748 -0.04514 -0.40236 0.23475  114 DG A "C2'" 
274 C "C1'" . DG A 14 ? 3.95947 3.56688 3.01292 0.00368  -0.40314 0.15340  114 DG A "C1'" 
275 N N9    . DG A 14 ? 3.82770 3.51671 2.95222 0.09568  -0.45535 0.13643  114 DG A N9    
276 C C8    . DG A 14 ? 3.63555 3.33464 2.73179 0.16426  -0.50800 0.22186  114 DG A C8    
277 N N7    . DG A 14 ? 3.58954 3.36298 2.75591 0.24209  -0.54598 0.18690  114 DG A N7    
278 C C5    . DG A 14 ? 3.72296 3.54511 2.97600 0.22546  -0.52083 0.06874  114 DG A C5    
279 C C6    . DG A 14 ? 3.67454 3.58711 3.02906 0.28730  -0.54681 -0.01394 114 DG A C6    
280 O O6    . DG A 14 ? 3.52510 3.48934 2.90456 0.37235  -0.59789 0.00496  114 DG A O6    
281 N N1    . DG A 14 ? 3.79479 3.73609 3.22590 0.24238  -0.50703 -0.12791 114 DG A N1    
282 C C2    . DG A 14 ? 3.90324 3.78629 3.31039 0.14836  -0.44468 -0.15742 114 DG A C2    
283 N N2    . DG A 14 ? 3.89686 3.81814 3.39419 0.11624  -0.40876 -0.27485 114 DG A N2    
284 N N3    . DG A 14 ? 3.95837 3.75153 3.26083 0.09040  -0.41909 -0.07714 114 DG A N3    
285 C C4    . DG A 14 ? 3.87151 3.64211 3.10362 0.13426  -0.46228 0.03372  114 DG A C4    
286 P P     . DG A 15 ? 4.14915 3.51730 2.98469 -0.27859 -0.24312 0.17509  115 DG A P     
287 O OP1   . DG A 15 ? 4.04002 3.33715 2.77710 -0.29438 -0.24310 0.27621  115 DG A OP1   
288 O OP2   . DG A 15 ? 4.07300 3.44067 2.89470 -0.30887 -0.24647 0.16888  115 DG A OP2   
289 O "O5'" . DG A 15 ? 4.18363 3.56077 3.09059 -0.32045 -0.17956 0.05241  115 DG A "O5'" 
290 C "C5'" . DG A 15 ? 4.12953 3.48830 3.04796 -0.39289 -0.12843 -0.02329 115 DG A "C5'" 
291 C "C4'" . DG A 15 ? 4.08309 3.53227 3.13893 -0.35946 -0.13048 -0.13865 115 DG A "C4'" 
292 O "O4'" . DG A 15 ? 4.06946 3.59634 3.17951 -0.26046 -0.20146 -0.11344 115 DG A "O4'" 
293 C "C3'" . DG A 15 ? 4.04498 3.49430 3.11882 -0.40648 -0.10678 -0.18974 115 DG A "C3'" 
294 O "O3'" . DG A 15 ? 4.02791 3.45533 3.14094 -0.48003 -0.03121 -0.29288 115 DG A "O3'" 
295 C "C2'" . DG A 15 ? 3.98393 3.53085 3.16261 -0.32500 -0.16047 -0.22246 115 DG A "C2'" 
296 C "C1'" . DG A 15 ? 3.99705 3.59223 3.19843 -0.23451 -0.21631 -0.18150 115 DG A "C1'" 
297 N N9    . DG A 15 ? 3.95711 3.58389 3.14461 -0.16100 -0.28408 -0.10399 115 DG A N9    
298 C C8    . DG A 15 ? 3.96465 3.53832 3.04690 -0.16237 -0.31019 0.01220  115 DG A C8    
299 N N7    . DG A 15 ? 3.88615 3.50080 2.98338 -0.08940 -0.36645 0.06028  115 DG A N7    
300 C C5    . DG A 15 ? 3.85616 3.55607 3.07002 -0.03281 -0.38176 -0.02534 115 DG A C5    
301 C C6    . DG A 15 ? 3.76233 3.53128 3.03476 0.05746  -0.43644 -0.01810 115 DG A C6    
302 O O6    . DG A 15 ? 3.64163 3.40606 2.87424 0.10422  -0.47843 0.06665  115 DG A O6    
303 N N1    . DG A 15 ? 3.74863 3.59734 3.13809 0.09374  -0.43913 -0.12209 115 DG A N1    
304 C C2    . DG A 15 ? 3.80485 3.66777 3.25619 0.04651  -0.39277 -0.22530 115 DG A C2    
305 N N2    . DG A 15 ? 3.74471 3.69632 3.31743 0.09393  -0.40751 -0.31952 115 DG A N2    
306 N N3    . DG A 15 ? 3.87105 3.66514 3.26960 -0.04091 -0.33524 -0.23502 115 DG A N3    
307 C C4    . DG A 15 ? 3.89728 3.61054 3.17296 -0.07517 -0.33402 -0.12936 115 DG A C4    
308 P P     . DA A 16 ? 3.98380 3.47304 3.22945 -0.46251 -0.00329 -0.41213 116 DA A P     
309 O OP1   . DA A 16 ? 4.00359 3.49354 3.24018 -0.42512 -0.01681 -0.38068 116 DA A OP1   
310 O OP2   . DA A 16 ? 3.96951 3.41325 3.22699 -0.55469 0.07958  -0.49696 116 DA A OP2   
311 O "O5'" . DA A 16 ? 3.90161 3.50562 3.28109 -0.38408 -0.05411 -0.47389 116 DA A "O5'" 
312 C "C5'" . DA A 16 ? 3.86166 3.55245 3.36462 -0.32796 -0.06933 -0.55554 116 DA A "C5'" 
313 C "C4'" . DA A 16 ? 3.80447 3.59132 3.43779 -0.28217 -0.09613 -0.63623 116 DA A "C4'" 
314 O "O4'" . DA A 16 ? 3.81230 3.63780 3.42886 -0.20151 -0.17180 -0.55958 116 DA A "O4'" 
315 C "C3'" . DA A 16 ? 3.73821 3.50389 3.40196 -0.35183 -0.04322 -0.69954 116 DA A "C3'" 
316 O "O3'" . DA A 16 ? 3.64836 3.48794 3.46351 -0.34879 -0.01984 -0.83072 116 DA A "O3'" 
317 C "C2'" . DA A 16 ? 3.74889 3.52868 3.39003 -0.31367 -0.09177 -0.63758 116 DA A "C2'" 
318 C "C1'" . DA A 16 ? 3.75407 3.60003 3.41208 -0.20540 -0.17386 -0.58320 116 DA A "C1'" 
319 N N9    . DA A 16 ? 3.77685 3.59457 3.34417 -0.17431 -0.21986 -0.46847 116 DA A N9    
320 C C8    . DA A 16 ? 3.81964 3.54802 3.24950 -0.21972 -0.21072 -0.36993 116 DA A C8    
321 N N7    . DA A 16 ? 3.84757 3.57232 3.22769 -0.17868 -0.25842 -0.28197 116 DA A N7    
322 C C5    . DA A 16 ? 3.81201 3.62528 3.29975 -0.09961 -0.29965 -0.32285 116 DA A C5    
323 C C6    . DA A 16 ? 3.79643 3.64534 3.29544 -0.02635 -0.35491 -0.26950 116 DA A C6    
324 N N6    . DA A 16 ? 3.84387 3.64326 3.24605 -0.02468 -0.37725 -0.16335 116 DA A N6    
325 N N1    . DA A 16 ? 3.74184 3.67892 3.35727 0.04546  -0.38574 -0.32929 116 DA A N1    
326 C C2    . DA A 16 ? 3.70080 3.69304 3.42018 0.04310  -0.36585 -0.43865 116 DA A C2    
327 N N3    . DA A 16 ? 3.69674 3.66547 3.42405 -0.02454 -0.31272 -0.50241 116 DA A N3    
328 C C4    . DA A 16 ? 3.76190 3.63619 3.36595 -0.09425 -0.27978 -0.43721 116 DA A C4    
329 P P     . DC A 17 ? 3.54751 3.38316 3.43254 -0.41267 0.03787  -0.92004 117 DC A P     
330 O OP1   . DC A 17 ? 3.47907 3.35826 3.49254 -0.43678 0.08561  -1.05022 117 DC A OP1   
331 O OP2   . DC A 17 ? 3.61014 3.33440 3.35773 -0.49647 0.08282  -0.85705 117 DC A OP2   
332 O "O5'" . DC A 17 ? 3.51172 3.43293 3.47992 -0.33300 -0.02614 -0.92091 117 DC A "O5'" 
333 C "C5'" . DC A 17 ? 3.46558 3.49632 3.54337 -0.23556 -0.08976 -0.95477 117 DC A "C5'" 
334 C "C4'" . DC A 17 ? 3.45231 3.53943 3.57164 -0.16247 -0.14934 -0.92521 117 DC A "C4'" 
335 O "O4'" . DC A 17 ? 3.49931 3.52980 3.48202 -0.14334 -0.18582 -0.79300 117 DC A "O4'" 
336 C "C3'" . DC A 17 ? 3.42556 3.51560 3.61778 -0.20255 -0.11016 -0.98642 117 DC A "C3'" 
337 O "O3'" . DC A 17 ? 3.40248 3.59512 3.72211 -0.11584 -0.16335 -1.02440 117 DC A "O3'" 
338 C "C2'" . DC A 17 ? 3.47643 3.47724 3.52918 -0.23877 -0.10465 -0.88153 117 DC A "C2'" 
339 C "C1'" . DC A 17 ? 3.51725 3.53573 3.50317 -0.15275 -0.18264 -0.77722 117 DC A "C1'" 
340 N N1    . DC A 17 ? 3.56909 3.50362 3.40362 -0.17569 -0.19114 -0.65672 117 DC A N1    
341 C C2    . DC A 17 ? 3.59357 3.54528 3.41251 -0.11343 -0.24364 -0.58504 117 DC A C2    
342 O O2    . DC A 17 ? 3.57861 3.61139 3.50566 -0.03969 -0.28044 -0.62160 117 DC A O2    
343 N N3    . DC A 17 ? 3.63653 3.51642 3.32575 -0.13487 -0.25237 -0.47847 117 DC A N3    
344 C C4    . DC A 17 ? 3.67472 3.47032 3.24961 -0.21270 -0.21514 -0.44043 117 DC A C4    
345 N N4    . DC A 17 ? 3.74482 3.47785 3.19875 -0.22945 -0.23037 -0.33541 117 DC A N4    
346 C C5    . DC A 17 ? 3.64771 3.41986 3.22970 -0.27515 -0.16067 -0.50801 117 DC A C5    
347 C C6    . DC A 17 ? 3.59053 3.43294 3.30531 -0.25528 -0.14839 -0.61638 117 DC A C6    
348 P P     . DA A 18 ? 3.30743 3.53534 3.75389 -0.13277 -0.13244 -1.10835 118 DA A P     
349 O OP1   . DA A 18 ? 3.20313 3.48598 3.78874 -0.15830 -0.09348 -1.24084 118 DA A OP1   
350 O OP2   . DA A 18 ? 3.34858 3.48244 3.70263 -0.20805 -0.08436 -1.06333 118 DA A OP2   
351 O "O5'" . DA A 18 ? 3.33464 3.65104 3.85012 -0.01408 -0.21643 -1.07787 118 DA A "O5'" 
352 C "C5'" . DA A 18 ? 3.36472 3.67431 3.77903 0.05655  -0.28362 -0.96353 118 DA A "C5'" 
353 C "C4'" . DA A 18 ? 3.43913 3.78497 3.88518 0.13394  -0.33311 -0.91764 118 DA A "C4'" 
354 O "O4'" . DA A 18 ? 3.50417 3.76764 3.80745 0.12115  -0.33923 -0.79891 118 DA A "O4'" 
355 C "C3'" . DA A 18 ? 3.45374 3.82106 4.01411 0.11278  -0.29781 -0.98803 118 DA A "C3'" 
356 O "O3'" . DA A 18 ? 3.46699 3.89103 4.08130 0.20975  -0.35634 -0.95405 118 DA A "O3'" 
357 C "C2'" . DA A 18 ? 3.47281 3.72848 3.91870 0.01568  -0.23759 -0.94070 118 DA A "C2'" 
358 C "C1'" . DA A 18 ? 3.52216 3.73304 3.82210 0.05317  -0.28627 -0.80817 118 DA A "C1'" 
359 N N9    . DA A 18 ? 3.54082 3.64625 3.69234 -0.03594 -0.24499 -0.74869 118 DA A N9    
360 C C8    . DA A 18 ? 3.50624 3.55856 3.61458 -0.12715 -0.18592 -0.78843 118 DA A C8    
361 N N7    . DA A 18 ? 3.53427 3.49297 3.49607 -0.19005 -0.16417 -0.71118 118 DA A N7    
362 C C5    . DA A 18 ? 3.58413 3.53792 3.49576 -0.13719 -0.21274 -0.61744 118 DA A C5    
363 C C6    . DA A 18 ? 3.62354 3.50362 3.39742 -0.16206 -0.22153 -0.51007 118 DA A C6    
364 N N6    . DA A 18 ? 3.63778 3.43250 3.28896 -0.24816 -0.18416 -0.47473 118 DA A N6    
365 N N1    . DA A 18 ? 3.66200 3.55994 3.43075 -0.09392 -0.27048 -0.44011 118 DA A N1    
366 C C2    . DA A 18 ? 3.65862 3.63820 3.54439 -0.00552 -0.30769 -0.47161 118 DA A C2    
367 N N3    . DA A 18 ? 3.61159 3.66738 3.62804 0.02872  -0.30886 -0.56686 118 DA A N3    
368 C C4    . DA A 18 ? 3.58187 3.62208 3.60748 -0.04235 -0.26001 -0.63873 118 DA A C4    
369 P P     . DT A 19 ? 3.36964 3.84199 4.13267 0.22464  -0.33973 -1.02319 119 DT A P     
370 O OP1   . DT A 19 ? 3.28343 3.87265 4.19695 0.29882  -0.38190 -1.10652 119 DT A OP1   
371 O OP2   . DT A 19 ? 3.36772 3.77174 4.13131 0.11128  -0.25213 -1.07133 119 DT A OP2   
372 O "O5'" . DT A 19 ? 3.29330 3.75012 4.00617 0.29379  -0.38333 -0.91845 119 DT A "O5'" 
373 C "C5'" . DT A 19 ? 3.29874 3.69193 3.85334 0.30393  -0.41008 -0.79916 119 DT A "C5'" 
374 C "C4'" . DT A 19 ? 3.38650 3.70209 3.87235 0.26408  -0.37981 -0.73378 119 DT A "C4'" 
375 O "O4'" . DT A 19 ? 3.46629 3.68745 3.81197 0.16952  -0.33953 -0.68989 119 DT A "O4'" 
376 C "C3'" . DT A 19 ? 3.41796 3.73669 4.01224 0.22272  -0.32601 -0.80748 119 DT A "C3'" 
377 O "O3'" . DT A 19 ? 3.35250 3.69870 4.00230 0.30117  -0.35679 -0.77006 119 DT A "O3'" 
378 C "C2'" . DT A 19 ? 3.50180 3.71716 3.99351 0.09869  -0.25392 -0.79674 119 DT A "C2'" 
379 C "C1'" . DT A 19 ? 3.53167 3.69031 3.85833 0.09212  -0.28195 -0.69399 119 DT A "C1'" 
380 N N1    . DT A 19 ? 3.52091 3.59909 3.74255 -0.02128 -0.22611 -0.69923 119 DT A N1    
381 C C2    . DT A 19 ? 3.55294 3.54803 3.62726 -0.06653 -0.22062 -0.60686 119 DT A C2    
382 O O2    . DT A 19 ? 3.61334 3.59723 3.64376 -0.02126 -0.25622 -0.52368 119 DT A O2    
383 N N3    . DT A 19 ? 3.51790 3.44267 3.49841 -0.16681 -0.17134 -0.61495 119 DT A N3    
384 C C4    . DT A 19 ? 3.46897 3.39295 3.48663 -0.22628 -0.12262 -0.70453 119 DT A C4    
385 O O4    . DT A 19 ? 3.45582 3.30724 3.37507 -0.31442 -0.07782 -0.70021 119 DT A O4    
386 C C5    . DT A 19 ? 3.43339 3.44775 3.61454 -0.17652 -0.12821 -0.80291 119 DT A C5    
387 C C7    . DT A 19 ? 3.37106 3.39377 3.61519 -0.23560 -0.07430 -0.90957 119 DT A C7    
388 C C6    . DT A 19 ? 3.45915 3.54814 3.73369 -0.07669 -0.18192 -0.79544 119 DT A C6    
389 P P     . DC A 20 ? 3.37373 3.64977 3.91166 0.31050  -0.36555 -0.65277 120 DC A P     
390 O OP1   . DC A 20 ? 3.36625 3.59614 3.75201 0.30970  -0.39608 -0.55987 120 DC A OP1   
391 O OP2   . DC A 20 ? 3.21212 3.54165 3.84433 0.41161  -0.40283 -0.63758 120 DC A OP2   
392 O "O5'" . DC A 20 ? 3.45872 3.65884 3.97678 0.19487  -0.28373 -0.68095 120 DC A "O5'" 
393 C "C5'" . DC A 20 ? 3.50943 3.66143 3.99475 0.19041  -0.26991 -0.62175 120 DC A "C5'" 
394 C "C4'" . DC A 20 ? 3.53090 3.62394 3.85906 0.19393  -0.30053 -0.50304 120 DC A "C4'" 
395 O "O4'" . DC A 20 ? 3.57984 3.62854 3.79797 0.11927  -0.28635 -0.49630 120 DC A "O4'" 
396 C "C3'" . DC A 20 ? 3.59831 3.62084 3.86609 0.14632  -0.26785 -0.45108 120 DC A "C3'" 
397 O "O3'" . DC A 20 ? 3.56630 3.55821 3.72457 0.18567  -0.31232 -0.33798 120 DC A "O3'" 
398 C "C2'" . DC A 20 ? 3.71394 3.67278 3.91195 0.01532  -0.20413 -0.49342 120 DC A "C2'" 
399 C "C1'" . DC A 20 ? 3.70006 3.66451 3.82741 0.01403  -0.23262 -0.48033 120 DC A "C1'" 
400 N N1    . DC A 20 ? 3.69822 3.63818 3.81468 -0.08306 -0.17763 -0.55930 120 DC A N1    
401 C C2    . DC A 20 ? 3.70262 3.56089 3.67651 -0.17755 -0.14789 -0.52366 120 DC A C2    
402 O O2    . DC A 20 ? 3.74108 3.55321 3.60694 -0.18132 -0.16919 -0.43018 120 DC A O2    
403 N N3    . DC A 20 ? 3.65406 3.48486 3.61350 -0.26326 -0.09490 -0.59328 120 DC A N3    
404 C C4    . DC A 20 ? 3.60557 3.48952 3.69286 -0.25803 -0.07079 -0.69731 120 DC A C4    
405 N N4    . DC A 20 ? 3.55878 3.40853 3.62773 -0.34550 -0.01318 -0.76381 120 DC A N4    
406 C C5    . DC A 20 ? 3.59731 3.57151 3.83781 -0.16215 -0.10455 -0.73724 120 DC A C5    
407 C C6    . DC A 20 ? 3.64310 3.64121 3.88859 -0.07632 -0.15824 -0.66412 120 DC A C6    
408 P P     . DA A 21 ? 3.64306 3.59893 3.78476 0.20742  -0.31048 -0.26714 121 DA A P     
409 O OP1   . DA A 21 ? 3.56354 3.49925 3.60126 0.25717  -0.36245 -0.15696 121 DA A OP1   
410 O OP2   . DA A 21 ? 3.54016 3.54634 3.82707 0.27140  -0.30521 -0.31306 121 DA A OP2   
411 O "O5'" . DA A 21 ? 3.76382 3.64350 3.84047 0.07793  -0.24333 -0.28537 121 DA A "O5'" 
412 C "C5'" . DA A 21 ? 3.86816 3.69076 3.80687 -0.00419 -0.23530 -0.25242 121 DA A "C5'" 
413 C "C4'" . DA A 21 ? 3.92541 3.68314 3.81887 -0.12151 -0.16944 -0.28284 121 DA A "C4'" 
414 O "O4'" . DA A 21 ? 3.85249 3.59586 3.73344 -0.20553 -0.12589 -0.36108 121 DA A "O4'" 
415 C "C3'" . DA A 21 ? 3.93973 3.70336 3.93993 -0.12279 -0.12745 -0.33113 121 DA A "C3'" 
416 O "O3'" . DA A 21 ? 3.98531 3.68157 3.90702 -0.20349 -0.09084 -0.30444 121 DA A "O3'" 
417 C "C2'" . DA A 21 ? 3.87408 3.66145 3.96571 -0.16661 -0.07916 -0.44768 121 DA A "C2'" 
418 C "C1'" . DA A 21 ? 3.82483 3.56354 3.79118 -0.25832 -0.06199 -0.44975 121 DA A "C1'" 
419 N N9    . DA A 21 ? 3.76130 3.52333 3.78648 -0.29122 -0.03037 -0.54505 121 DA A N9    
420 C C8    . DA A 21 ? 3.74689 3.58112 3.92496 -0.23527 -0.03070 -0.62259 121 DA A C8    
421 N N7    . DA A 21 ? 3.70454 3.54411 3.90891 -0.28693 0.00475  -0.70335 121 DA A N7    
422 C C5    . DA A 21 ? 3.70801 3.46920 3.75889 -0.38147 0.03063  -0.67252 121 DA A C5    
423 C C6    . DA A 21 ? 3.67224 3.39302 3.66412 -0.46994 0.07591  -0.72040 121 DA A C6    
424 N N6    . DA A 21 ? 3.63881 3.39628 3.73112 -0.47945 0.10650  -0.81788 121 DA A N6    
425 N N1    . DA A 21 ? 3.66576 3.30623 3.49229 -0.54803 0.08914  -0.66368 121 DA A N1    
426 C C2    . DA A 21 ? 3.70384 3.31315 3.43946 -0.53860 0.05703  -0.56968 121 DA A C2    
427 N N3    . DA A 21 ? 3.73489 3.37667 3.51778 -0.46159 0.01646  -0.52036 121 DA A N3    
428 C C4    . DA A 21 ? 3.73559 3.45115 3.67547 -0.38455 0.00652  -0.57496 121 DA A C4    
429 P P     . DC B 1  ? 3.86132 2.86486 2.67908 -0.57374 0.43334  -1.25143 119 DC B P     
430 O OP1   . DC B 1  ? 3.86198 2.83864 2.89170 -0.54542 0.40023  -1.31380 119 DC B OP1   
431 O OP2   . DC B 1  ? 3.95893 2.81770 2.69144 -0.48404 0.37129  -1.13531 119 DC B OP2   
432 O "O5'" . DC B 1  ? 3.84908 3.04441 2.65953 -0.65165 0.50167  -1.24251 119 DC B "O5'" 
433 C "C5'" . DC B 1  ? 3.92528 3.09279 2.81528 -0.64363 0.50480  -1.24225 119 DC B "C5'" 
434 C "C4'" . DC B 1  ? 3.92682 3.17659 2.96385 -0.71572 0.56654  -1.37146 119 DC B "C4'" 
435 O "O4'" . DC B 1  ? 3.87094 3.30467 2.84835 -0.80569 0.63621  -1.40963 119 DC B "O4'" 
436 C "C3'" . DC B 1  ? 4.02035 3.30647 3.12380 -0.73697 0.60087  -1.36588 119 DC B "C3'" 
437 O "O3'" . DC B 1  ? 4.03483 3.31928 3.32906 -0.76818 0.63302  -1.49244 119 DC B "O3'" 
438 C "C2'" . DC B 1  ? 4.03232 3.51220 2.99824 -0.81495 0.66970  -1.31447 119 DC B "C2'" 
439 C "C1'" . DC B 1  ? 3.93869 3.51143 2.87857 -0.87037 0.70155  -1.38825 119 DC B "C1'" 
440 N N1    . DC B 1  ? 3.88497 3.59316 2.64521 -0.91130 0.72131  -1.31271 119 DC B N1    
441 C C2    . DC B 1  ? 3.92380 3.79374 2.61083 -0.99628 0.79244  -1.31009 119 DC B C2    
442 O O2    . DC B 1  ? 3.98013 3.88198 2.74540 -1.03770 0.84738  -1.36374 119 DC B O2    
443 N N3    . DC B 1  ? 3.89993 3.88079 2.42502 -1.02930 0.79728  -1.24162 119 DC B N3    
444 C C4    . DC B 1  ? 3.89580 3.84187 2.35067 -0.98363 0.74190  -1.18240 119 DC B C4    
445 N N4    . DC B 1  ? 3.93191 3.99272 2.24473 -1.01882 0.74533  -1.11997 119 DC B N4    
446 C C5    . DC B 1  ? 3.85691 3.64207 2.38324 -0.90018 0.68041  -1.18544 119 DC B C5    
447 C C6    . DC B 1  ? 3.83864 3.50626 2.50792 -0.86677 0.66975  -1.25039 119 DC B C6    
448 P P     . DC B 2  ? 3.86745 3.00632 3.34823 -0.69556 0.57566  -1.49968 120 DC B P     
449 O OP1   . DC B 2  ? 3.83030 3.07359 3.48146 -0.75361 0.64448  -1.57776 120 DC B OP1   
450 O OP2   . DC B 2  ? 3.76686 2.76256 3.30236 -0.59090 0.46484  -1.46028 120 DC B OP2   
451 O "O5'" . DC B 2  ? 3.90072 2.98018 3.27004 -0.65930 0.55257  -1.38973 120 DC B "O5'" 
452 C "C5'" . DC B 2  ? 3.95278 2.98636 3.44326 -0.64449 0.55246  -1.38986 120 DC B "C5'" 
453 C "C4'" . DC B 2  ? 4.07458 3.27746 3.51005 -0.72106 0.64137  -1.35233 120 DC B "C4'" 
454 O "O4'" . DC B 2  ? 4.06247 3.41797 3.33082 -0.78417 0.69178  -1.32735 120 DC B "O4'" 
455 C "C3'" . DC B 2  ? 4.16299 3.33047 3.52563 -0.67897 0.61165  -1.22540 120 DC B "C3'" 
456 O "O3'" . DC B 2  ? 4.19256 3.32973 3.72646 -0.68414 0.63303  -1.26700 120 DC B "O3'" 
457 C "C2'" . DC B 2  ? 4.18617 3.52621 3.36055 -0.74583 0.67444  -1.14701 120 DC B "C2'" 
458 C "C1'" . DC B 2  ? 4.11193 3.54150 3.21734 -0.79384 0.70296  -1.20298 120 DC B "C1'" 
459 N N1    . DC B 2  ? 4.08748 3.50104 3.02372 -0.75227 0.64713  -1.11218 120 DC B N1    
460 C C2    . DC B 2  ? 4.05528 3.61648 2.82101 -0.80691 0.68398  -1.05070 120 DC B C2    
461 O O2    . DC B 2  ? 4.08281 3.77637 2.82097 -0.88771 0.75952  -1.06838 120 DC B O2    
462 N N3    . DC B 2  ? 3.99646 3.54601 2.63132 -0.77007 0.63596  -0.97373 120 DC B N3    
463 C C4    . DC B 2  ? 3.98530 3.37961 2.64285 -0.68424 0.56220  -0.95695 120 DC B C4    
464 N N4    . DC B 2  ? 3.95921 3.34665 2.49165 -0.65254 0.52636  -0.88256 120 DC B N4    
465 C C5    . DC B 2  ? 4.01888 3.25187 2.82848 -0.62771 0.52168  -1.01749 120 DC B C5    
466 C C6    . DC B 2  ? 4.05472 3.30551 3.00572 -0.66337 0.56215  -1.09419 120 DC B C6    
467 P P     . DA B 3  ? 4.26144 3.30431 3.79750 -0.62009 0.58057  -1.16237 121 DA B P     
468 O OP1   . DA B 3  ? 4.26493 3.23047 4.03968 -0.60937 0.57993  -1.24522 121 DA B OP1   
469 O OP2   . DA B 3  ? 4.24396 3.16132 3.64986 -0.52888 0.48059  -1.06538 121 DA B OP2   
470 O "O5'" . DA B 3  ? 4.30287 3.51108 3.70153 -0.69115 0.66087  -1.08078 121 DA B "O5'" 
471 C "C5'" . DA B 3  ? 4.24595 3.60503 3.68310 -0.79512 0.77560  -1.15327 121 DA B "C5'" 
472 C "C4'" . DA B 3  ? 4.25948 3.76094 3.49146 -0.85520 0.83171  -1.05789 121 DA B "C4'" 
473 O "O4'" . DA B 3  ? 4.22109 3.75653 3.26417 -0.84230 0.79277  -0.99473 121 DA B "O4'" 
474 C "C3'" . DA B 3  ? 4.33862 3.81157 3.51891 -0.82488 0.80988  -0.93825 121 DA B "C3'" 
475 O "O3'" . DA B 3  ? 4.36300 3.98004 3.41596 -0.91045 0.89601  -0.89803 121 DA B "O3'" 
476 C "C2'" . DA B 3  ? 4.36739 3.76060 3.40783 -0.74027 0.70712  -0.82808 121 DA B "C2'" 
477 C "C1'" . DA B 3  ? 4.26543 3.74436 3.18800 -0.77693 0.72247  -0.85604 121 DA B "C1'" 
478 N N9    . DA B 3  ? 4.23886 3.60950 3.12829 -0.69791 0.63476  -0.83590 121 DA B N9    
479 C C8    . DA B 3  ? 4.27449 3.47069 3.27702 -0.61194 0.55752  -0.85959 121 DA B C8    
480 N N7    . DA B 3  ? 4.20779 3.33030 3.13276 -0.55774 0.49655  -0.83463 121 DA B N7    
481 C C5    . DA B 3  ? 4.15002 3.41623 2.91570 -0.61133 0.53540  -0.79251 121 DA B C5    
482 C C6    . DA B 3  ? 4.06810 3.34688 2.70470 -0.59429 0.50768  -0.75183 121 DA B C6    
483 N N6    . DA B 3  ? 4.05730 3.19081 2.69440 -0.51609 0.43854  -0.74529 121 DA B N6    
484 N N1    . DA B 3  ? 4.00083 3.44103 2.50640 -0.66124 0.55380  -0.71816 121 DA B N1    
485 C C2    . DA B 3  ? 4.02446 3.59469 2.51156 -0.73991 0.62304  -0.72380 121 DA B C2    
486 N N3    . DA B 3  ? 4.08790 3.65797 2.67771 -0.76542 0.66312  -0.75902 121 DA B N3    
487 C C4    . DA B 3  ? 4.15444 3.57188 2.89171 -0.69730 0.61593  -0.79321 121 DA B C4    
488 P P     . DT B 4  ? 4.39965 4.02101 3.36258 -0.90160 0.89121  -0.76789 122 DT B P     
489 O OP1   . DT B 4  ? 4.37818 4.12699 3.29539 -1.00615 1.00723  -0.78718 122 DT B OP1   
490 O OP2   . DT B 4  ? 4.44712 3.91874 3.56416 -0.81572 0.82093  -0.74916 122 DT B OP2   
491 O "O5'" . DT B 4  ? 4.27942 3.92346 3.01317 -0.86850 0.82542  -0.64337 122 DT B "O5'" 
492 C "C5'" . DT B 4  ? 4.21942 3.96677 2.81589 -0.91681 0.84724  -0.66006 122 DT B "C5'" 
493 C "C4'" . DT B 4  ? 4.21564 3.94633 2.65114 -0.85991 0.76486  -0.54590 122 DT B "C4'" 
494 O "O4'" . DT B 4  ? 4.16542 3.77927 2.67032 -0.77986 0.69068  -0.57342 122 DT B "O4'" 
495 C "C3'" . DT B 4  ? 4.28422 3.97021 2.64849 -0.81089 0.71629  -0.41051 122 DT B "C3'" 
496 O "O3'" . DT B 4  ? 4.28306 4.07677 2.44680 -0.85000 0.72253  -0.31736 122 DT B "O3'" 
497 C "C2'" . DT B 4  ? 4.29156 3.82545 2.69778 -0.69776 0.61385  -0.37243 122 DT B "C2'" 
498 C "C1'" . DT B 4  ? 4.17097 3.70524 2.59061 -0.69830 0.60763  -0.45467 122 DT B "C1'" 
499 N N1    . DT B 4  ? 4.15864 3.52291 2.68219 -0.60487 0.53239  -0.48304 122 DT B N1    
500 C C2    . DT B 4  ? 4.04840 3.37114 2.50115 -0.56208 0.48477  -0.46838 122 DT B C2    
501 O O2    . DT B 4  ? 3.96035 3.38637 2.28566 -0.59682 0.50006  -0.43608 122 DT B O2    
502 N N3    . DT B 4  ? 4.06495 3.21336 2.60257 -0.47720 0.41744  -0.49447 122 DT B N3    
503 C C4    . DT B 4  ? 4.17239 3.18679 2.85884 -0.42999 0.38493  -0.53308 122 DT B C4    
504 O O4    . DT B 4  ? 4.12771 2.97637 2.86822 -0.35301 0.31686  -0.55393 122 DT B O4    
505 C C5    . DT B 4  ? 4.31562 3.39118 3.08912 -0.47818 0.43604  -0.54812 122 DT B C5    
506 C C7    . DT B 4  ? 4.43303 3.37707 3.38964 -0.43381 0.40444  -0.59260 122 DT B C7    
507 C C6    . DT B 4  ? 4.30053 3.54572 2.98605 -0.56316 0.51064  -0.52160 122 DT B C6    
508 P P     . DA B 5  ? 4.77857 4.64555 2.85366 -0.90917 0.77327  -0.24729 123 DA B P     
509 O OP1   . DA B 5  ? 4.76078 4.76846 2.71234 -1.01257 0.84842  -0.28200 123 DA B OP1   
510 O OP2   . DA B 5  ? 4.83296 4.62347 3.07270 -0.89457 0.79619  -0.27776 123 DA B OP2   
511 O "O5'" . DA B 5  ? 4.66977 4.51299 2.60753 -0.84896 0.69114  -0.09389 123 DA B "O5'" 
512 C "C5'" . DA B 5  ? 4.61218 4.56152 2.35752 -0.89074 0.68775  -0.02146 123 DA B "C5'" 
513 C "C4'" . DA B 5  ? 4.50978 4.45686 2.20553 -0.84713 0.62749  -0.00924 123 DA B "C4'" 
514 O "O4'" . DA B 5  ? 4.50243 4.33659 2.34748 -0.78099 0.59821  -0.08002 123 DA B "O4'" 
515 C "C3'" . DA B 5  ? 4.38545 4.31188 1.97194 -0.78531 0.54755  0.12666  123 DA B "C3'" 
516 O "O3'" . DA B 5  ? 4.28612 4.30298 1.75918 -0.80964 0.53193  0.14509  123 DA B "O3'" 
517 C "C2'" . DA B 5  ? 4.35869 4.13399 2.05589 -0.67861 0.48340  0.13172  123 DA B "C2'" 
518 C "C1'" . DA B 5  ? 4.40088 4.15271 2.21432 -0.69122 0.51465  -0.00235 123 DA B "C1'" 
519 N N9    . DA B 5  ? 4.45823 4.05322 2.41347 -0.61071 0.47508  -0.03586 123 DA B N9    
520 C C8    . DA B 5  ? 4.57449 4.09456 2.65374 -0.59595 0.48409  -0.06246 123 DA B C8    
521 N N7    . DA B 5  ? 4.60521 3.97340 2.79225 -0.51430 0.42967  -0.08841 123 DA B N7    
522 C C5    . DA B 5  ? 4.52298 3.86190 2.64224 -0.47353 0.38796  -0.07500 123 DA B C5    
523 C C6    . DA B 5  ? 4.52413 3.71216 2.68226 -0.38754 0.32516  -0.08827 123 DA B C6    
524 N N6    . DA B 5  ? 4.59236 3.62156 2.86939 -0.32266 0.28271  -0.11967 123 DA B N6    
525 N N1    . DA B 5  ? 4.45913 3.65807 2.52666 -0.37058 0.30622  -0.06747 123 DA B N1    
526 C C2    . DA B 5  ? 4.38249 3.73776 2.34058 -0.43435 0.34113  -0.03771 123 DA B C2    
527 N N3    . DA B 5  ? 4.37232 3.87371 2.27803 -0.51607 0.39229  -0.02349 123 DA B N3    
528 C C4    . DA B 5  ? 4.43912 3.92145 2.42507 -0.53216 0.41651  -0.04287 123 DA B C4    
529 P P     . DC B 6  ? 4.41988 4.40578 1.89335 -0.70877 0.43748  0.24031  124 DC B P     
530 O OP1   . DC B 6  ? 4.38467 4.48914 1.85795 -0.71633 0.41902  0.25608  124 DC B OP1   
531 O OP2   . DC B 6  ? 4.43358 4.33249 1.90274 -0.63941 0.38853  0.34162  124 DC B OP2   
532 O "O5'" . DC B 6  ? 4.40786 4.30837 1.91536 -0.67950 0.43022  0.17022  124 DC B "O5'" 
533 C "C5'" . DC B 6  ? 4.33409 4.29647 1.83156 -0.68386 0.41967  0.14379  124 DC B "C5'" 
534 C "C4'" . DC B 6  ? 4.26056 4.13409 1.75856 -0.59230 0.35605  0.20443  124 DC B "C4'" 
535 O "O4'" . DC B 6  ? 4.34742 4.05624 1.91548 -0.52417 0.33588  0.19039  124 DC B "O4'" 
536 C "C3'" . DC B 6  ? 4.11637 4.01224 1.62922 -0.51703 0.29565  0.32617  124 DC B "C3'" 
537 O "O3'" . DC B 6  ? 4.04505 3.90448 1.57546 -0.45028 0.25683  0.35422  124 DC B "O3'" 
538 C "C2'" . DC B 6  ? 4.19115 3.97202 1.69271 -0.47968 0.27951  0.37516  124 DC B "C2'" 
539 C "C1'" . DC B 6  ? 4.29220 3.92819 1.82181 -0.45419 0.28277  0.30354  124 DC B "C1'" 
540 N N1    . DC B 6  ? 4.39842 3.91182 2.01972 -0.41143 0.27333  0.28821  124 DC B N1    
541 C C2    . DC B 6  ? 4.42203 3.76550 2.10095 -0.31792 0.22603  0.28724  124 DC B C2    
542 O O2    . DC B 6  ? 4.38398 3.68315 2.02906 -0.27461 0.20065  0.30175  124 DC B O2    
543 N N3    . DC B 6  ? 4.48157 3.70658 2.25110 -0.27738 0.20903  0.26910  124 DC B N3    
544 C C4    . DC B 6  ? 4.52153 3.79915 2.33585 -0.32771 0.24357  0.25337  124 DC B C4    
545 N N4    . DC B 6  ? 4.61796 3.77343 2.53893 -0.28372 0.22243  0.23302  124 DC B N4    
546 C C5    . DC B 6  ? 4.49544 3.94512 2.24650 -0.42582 0.30160  0.25466  124 DC B C5    
547 C C6    . DC B 6  ? 4.43874 3.99816 2.08812 -0.46392 0.31122  0.27219  124 DC B C6    
548 P P     . DA B 7  ? 4.36836 4.25304 1.93150 -0.36568 0.20421  0.45783  125 DA B P     
549 O OP1   . DA B 7  ? 4.41936 4.42552 1.97772 -0.40770 0.20857  0.44978  125 DA B OP1   
550 O OP2   . DA B 7  ? 4.36205 4.20191 1.93841 -0.31703 0.18064  0.52894  125 DA B OP2   
551 O "O5'" . DA B 7  ? 4.32319 4.11791 1.90567 -0.29519 0.17989  0.46840  125 DA B "O5'" 
552 C "C5'" . DA B 7  ? 4.35205 3.99153 1.91446 -0.27359 0.17762  0.44005  125 DA B "C5'" 
553 C "C4'" . DA B 7  ? 4.31504 3.86661 1.92593 -0.17708 0.12896  0.52204  125 DA B "C4'" 
554 O "O4'" . DA B 7  ? 4.41314 3.81129 1.98874 -0.17103 0.12359  0.50663  125 DA B "O4'" 
555 C "C3'" . DA B 7  ? 4.22999 3.89896 1.90196 -0.13657 0.10693  0.60746  125 DA B "C3'" 
556 O "O3'" . DA B 7  ? 4.13846 3.87144 1.85672 -0.08607 0.09379  0.64716  125 DA B "O3'" 
557 C "C2'" . DA B 7  ? 4.19603 3.78072 1.92064 -0.08732 0.07039  0.65611  125 DA B "C2'" 
558 C "C1'" . DA B 7  ? 4.27358 3.65753 1.92354 -0.10302 0.07877  0.58748  125 DA B "C1'" 
559 N N9    . DA B 7  ? 4.37185 3.68847 1.98250 -0.12632 0.08487  0.58486  125 DA B N9    
560 C C8    . DA B 7  ? 4.39044 3.82692 1.98579 -0.18796 0.11209  0.59738  125 DA B C8    
561 N N7    . DA B 7  ? 4.50490 3.83734 2.06156 -0.20590 0.11826  0.59334  125 DA B N7    
562 C C5    . DA B 7  ? 4.54613 3.67857 2.12144 -0.13265 0.08580  0.57064  125 DA B C5    
563 C C6    . DA B 7  ? 4.61141 3.61007 2.28416 -0.09033 0.06660  0.53611  125 DA B C6    
564 N N6    . DA B 7  ? 4.69266 3.72224 2.42187 -0.12750 0.08675  0.52779  125 DA B N6    
565 N N1    . DA B 7  ? 4.61589 3.44031 2.32535 -0.00773 0.02447  0.51141  125 DA B N1    
566 C C2    . DA B 7  ? 4.55934 3.34754 2.20828 0.02729  0.01217  0.52129  125 DA B C2    
567 N N3    . DA B 7  ? 4.49030 3.40794 2.07384 -0.00748 0.03381  0.54961  125 DA B N3    
568 C C4    . DA B 7  ? 4.47493 3.57898 2.05295 -0.08542 0.06606  0.56884  125 DA B C4    
569 P P     . DG C 1  ? 4.53325 1.80303 2.54002 0.67299  -0.56091 -0.28484 209 DG C P     
570 O OP1   . DG C 1  ? 4.74142 1.55897 2.59405 0.70946  -0.50382 -0.20012 209 DG C OP1   
571 O OP2   . DG C 1  ? 4.42667 1.94795 2.58672 0.62538  -0.69374 -0.45274 209 DG C OP2   
572 O "O5'" . DG C 1  ? 4.56112 2.11486 2.84577 0.66756  -0.48172 -0.29313 209 DG C "O5'" 
573 C "C5'" . DG C 1  ? 4.52061 2.53096 3.04487 0.62157  -0.53685 -0.40324 209 DG C "C5'" 
574 C "C4'" . DG C 1  ? 4.58478 2.73956 2.96874 0.62025  -0.51989 -0.32058 209 DG C "C4'" 
575 O "O4'" . DG C 1  ? 4.63629 2.52906 2.85709 0.67398  -0.40058 -0.15691 209 DG C "O4'" 
576 C "C3'" . DG C 1  ? 4.53013 3.13328 3.17297 0.57789  -0.53583 -0.39230 209 DG C "C3'" 
577 O "O3'" . DG C 1  ? 4.39793 3.28052 3.09651 0.51701  -0.65119 -0.52209 209 DG C "O3'" 
578 C "C2'" . DG C 1  ? 4.65265 3.23477 3.12915 0.60464  -0.47023 -0.24690 209 DG C "C2'" 
579 C "C1'" . DG C 1  ? 4.70633 2.84256 2.98164 0.67047  -0.36650 -0.10827 209 DG C "C1'" 
580 N N9    . DG C 1  ? 4.73835 2.83464 3.17060 0.70178  -0.25124 -0.05239 209 DG C N9    
581 C C8    . DG C 1  ? 4.78138 2.54004 3.17069 0.74041  -0.15816 0.00819  209 DG C C8    
582 N N7    . DG C 1  ? 4.77175 2.57517 3.32955 0.75888  -0.05995 0.04470  209 DG C N7    
583 C C5    . DG C 1  ? 4.74922 2.94138 3.47578 0.73457  -0.09489 0.01015  209 DG C C5    
584 C C6    . DG C 1  ? 4.73592 3.13553 3.68850 0.74121  -0.03044 0.02687  209 DG C C6    
585 O O6    . DG C 1  ? 4.73256 3.01168 3.78937 0.77135  0.07850  0.07075  209 DG C O6    
586 N N1    . DG C 1  ? 4.73865 3.51379 3.79643 0.70412  -0.10622 -0.01673 209 DG C N1    
587 C C2    . DG C 1  ? 4.74130 3.67059 3.68939 0.66123  -0.22260 -0.07164 209 DG C C2    
588 N N2    . DG C 1  ? 4.74805 4.03436 3.80740 0.61952  -0.28270 -0.10719 209 DG C N2    
589 N N3    . DG C 1  ? 4.72945 3.47218 3.47125 0.65568  -0.27785 -0.09207 209 DG C N3    
590 C C4    . DG C 1  ? 4.74061 3.11557 3.38422 0.69616  -0.21185 -0.04741 209 DG C C4    
591 P P     . DG C 2  ? 3.83624 3.21051 2.84843 0.45074  -0.69638 -0.65168 210 DG C P     
592 O OP1   . DG C 2  ? 3.63471 3.22437 2.58739 0.38753  -0.80395 -0.74985 210 DG C OP1   
593 O OP2   . DG C 2  ? 3.78747 3.22942 3.10757 0.44879  -0.67796 -0.74507 210 DG C OP2   
594 O "O5'" . DG C 2  ? 3.91868 3.39148 2.90848 0.46689  -0.62479 -0.52957 210 DG C "O5'" 
595 C "C5'" . DG C 2  ? 3.76319 3.58513 2.79523 0.41003  -0.67758 -0.56193 210 DG C "C5'" 
596 C "C4'" . DG C 2  ? 3.76498 3.84541 3.07984 0.39883  -0.63658 -0.57639 210 DG C "C4'" 
597 O "O4'" . DG C 2  ? 3.95946 3.78052 3.28831 0.47241  -0.52156 -0.46402 210 DG C "O4'" 
598 C "C3'" . DG C 2  ? 3.64371 4.00484 3.29437 0.34745  -0.67887 -0.74829 210 DG C "C3'" 
599 O "O3'" . DG C 2  ? 3.55628 4.27108 3.41581 0.30362  -0.68678 -0.78099 210 DG C "O3'" 
600 C "C2'" . DG C 2  ? 3.77251 3.87995 3.52988 0.40629  -0.59953 -0.72821 210 DG C "C2'" 
601 C "C1'" . DG C 2  ? 3.96523 3.86100 3.58793 0.47020  -0.49522 -0.55293 210 DG C "C1'" 
602 N N9    . DG C 2  ? 4.14372 3.65396 3.69245 0.53455  -0.40716 -0.47793 210 DG C N9    
603 C C8    . DG C 2  ? 4.18229 3.37579 3.55849 0.55586  -0.41950 -0.47566 210 DG C C8    
604 N N7    . DG C 2  ? 4.28584 3.16403 3.62366 0.60622  -0.32598 -0.39870 210 DG C N7    
605 C C5    . DG C 2  ? 4.29870 3.30309 3.80588 0.62112  -0.24257 -0.35244 210 DG C C5    
606 C C6    . DG C 2  ? 4.32407 3.12394 3.88222 0.66589  -0.11884 -0.27249 210 DG C C6    
607 O O6    . DG C 2  ? 4.32397 2.76919 3.76769 0.69821  -0.05417 -0.22047 210 DG C O6    
608 N N1    . DG C 2  ? 4.32979 3.37393 4.08987 0.66665  -0.07071 -0.25520 210 DG C N1    
609 C C2    . DG C 2  ? 4.30587 3.73399 4.19256 0.62648  -0.14017 -0.30459 210 DG C C2    
610 N N2    . DG C 2  ? 4.32968 3.94241 4.40990 0.63355  -0.08769 -0.27745 210 DG C N2    
611 N N3    . DG C 2  ? 4.25542 3.86996 4.08088 0.57849  -0.25379 -0.37685 210 DG C N3    
612 C C4    . DG C 2  ? 4.24598 3.63656 3.88572 0.57983  -0.29590 -0.39880 210 DG C C4    
613 P P     . DC C 3  ? 3.29581 4.38119 3.50371 0.23245  -0.74110 -0.96610 211 DC C P     
614 O OP1   . DC C 3  ? 3.03939 4.48447 3.27814 0.15340  -0.80656 -1.00851 211 DC C OP1   
615 O OP2   . DC C 3  ? 3.19169 4.18900 3.43468 0.22267  -0.78653 -1.08434 211 DC C OP2   
616 O "O5'" . DC C 3  ? 3.29374 4.37983 3.75675 0.27447  -0.65159 -0.93762 211 DC C "O5'" 
617 C "C5'" . DC C 3  ? 3.29865 4.52803 3.83187 0.27909  -0.61266 -0.85792 211 DC C "C5'" 
618 C "C4'" . DC C 3  ? 3.45177 4.58348 4.18327 0.33504  -0.51148 -0.81572 211 DC C "C4'" 
619 O "O4'" . DC C 3  ? 3.68966 4.39964 4.23551 0.41171  -0.43041 -0.70845 211 DC C "O4'" 
620 C "C3'" . DC C 3  ? 3.33413 4.61181 4.37757 0.31085  -0.51690 -0.95677 211 DC C "C3'" 
621 O "O3'" . DC C 3  ? 3.12719 4.81992 4.41824 0.24395  -0.56441 -1.04857 211 DC C "O3'" 
622 C "C2'" . DC C 3  ? 3.54894 4.56473 4.65520 0.38548  -0.39785 -0.86878 211 DC C "C2'" 
623 C "C1'" . DC C 3  ? 3.80663 4.44282 4.56715 0.44614  -0.34714 -0.71398 211 DC C "C1'" 
624 N N1    . DC C 3  ? 3.92570 4.18956 4.56466 0.48789  -0.30863 -0.69747 211 DC C N1    
625 C C2    . DC C 3  ? 3.96414 4.04099 4.71883 0.53046  -0.20856 -0.66440 211 DC C C2    
626 O O2    . DC C 3  ? 3.92945 4.16345 4.89600 0.53588  -0.15214 -0.65376 211 DC C O2    
627 N N3    . DC C 3  ? 3.98758 3.71364 4.61713 0.56049  -0.17899 -0.64636 211 DC C N3    
628 C C4    . DC C 3  ? 4.01905 3.58484 4.42741 0.55411  -0.24852 -0.65983 211 DC C C4    
629 N N4    . DC C 3  ? 4.05065 3.25968 4.33741 0.58182  -0.22443 -0.63811 211 DC C N4    
630 C C5    . DC C 3  ? 3.98909 3.74962 4.28903 0.51483  -0.34801 -0.69757 211 DC C C5    
631 C C6    . DC C 3  ? 3.90170 4.00661 4.31682 0.48045  -0.37278 -0.71503 211 DC C C6    
632 P P     . DT C 4  ? 3.11258 5.00394 4.78191 0.23387  -0.53076 -1.13735 212 DT C P     
633 O OP1   . DT C 4  ? 3.24080 5.04546 4.96572 0.29127  -0.43386 -1.01350 212 DT C OP1   
634 O OP2   . DT C 4  ? 2.74140 5.04734 4.59330 0.14045  -0.62203 -1.28042 212 DT C OP2   
635 O "O5'" . DT C 4  ? 3.10140 4.78355 4.83804 0.25908  -0.51409 -1.21173 212 DT C "O5'" 
636 C "C5'" . DT C 4  ? 2.94041 4.76375 5.00064 0.24631  -0.49789 -1.31714 212 DT C "C5'" 
637 C "C4'" . DT C 4  ? 3.06036 4.79584 5.24196 0.30035  -0.38778 -1.22314 212 DT C "C4'" 
638 O "O4'" . DT C 4  ? 3.37837 4.75265 5.28702 0.36967  -0.31139 -1.05843 212 DT C "O4'" 
639 C "C3'" . DT C 4  ? 3.05791 4.71519 5.46809 0.31961  -0.33836 -1.28633 212 DT C "C3'" 
640 O "O3'" . DT C 4  ? 2.79682 4.82644 5.54438 0.26986  -0.36327 -1.40264 212 DT C "O3'" 
641 C "C2'" . DT C 4  ? 3.32770 4.67576 5.65032 0.39390  -0.21322 -1.13685 212 DT C "C2'" 
642 C "C1'" . DT C 4  ? 3.56379 4.66347 5.52191 0.42310  -0.21519 -1.01800 212 DT C "C1'" 
643 N N1    . DT C 4  ? 3.65966 4.42281 5.40106 0.44359  -0.23045 -1.01434 212 DT C N1    
644 C C2    . DT C 4  ? 3.66676 4.12285 5.41150 0.48333  -0.15684 -0.98730 212 DT C C2    
645 O O2    . DT C 4  ? 3.60255 4.04909 5.52645 0.50202  -0.07329 -0.97233 212 DT C O2    
646 N N3    . DT C 4  ? 3.73727 3.89459 5.26712 0.49564  -0.18902 -0.98264 212 DT C N3    
647 C C4    . DT C 4  ? 3.77444 3.91209 5.09856 0.47706  -0.28108 -1.00249 212 DT C C4    
648 O O4    . DT C 4  ? 3.84045 3.69486 4.98563 0.49137  -0.30817 -0.99640 212 DT C O4    
649 C C5    . DT C 4  ? 3.70351 4.17293 5.03500 0.43551  -0.34610 -1.03167 212 DT C C5    
650 C C7    . DT C 4  ? 3.67646 4.15894 4.79453 0.40719  -0.44317 -1.05967 212 DT C C7    
651 C C6    . DT C 4  ? 3.64443 4.40103 5.17456 0.41944  -0.31935 -1.03378 212 DT C C6    
652 P P     . DG C 5  ? 2.89655 5.02035 5.89301 0.29389  -0.27344 -1.36509 213 DG C P     
653 O OP1   . DG C 5  ? 2.99437 5.06671 5.86068 0.32876  -0.22087 -1.21911 213 DG C OP1   
654 O OP2   . DG C 5  ? 2.56297 5.08098 5.87246 0.22789  -0.33146 -1.51269 213 DG C OP2   
655 O "O5'" . DG C 5  ? 3.00342 4.80657 6.04295 0.34666  -0.18686 -1.34772 213 DG C "O5'" 
656 C "C5'" . DG C 5  ? 2.95500 4.75964 6.20320 0.37467  -0.09039 -1.31816 213 DG C "C5'" 
657 C "C4'" . DG C 5  ? 3.07413 4.53968 6.30834 0.41359  -0.01849 -1.30402 213 DG C "C4'" 
658 O "O4'" . DG C 5  ? 3.29416 4.39706 6.19330 0.44374  -0.01929 -1.22652 213 DG C "O4'" 
659 C "C3'" . DG C 5  ? 2.92645 4.49106 6.38654 0.37873  -0.06984 -1.45437 213 DG C "C3'" 
660 O "O3'" . DG C 5  ? 2.96879 4.36107 6.55766 0.40726  0.02392  -1.43803 213 DG C "O3'" 
661 C "C2'" . DG C 5  ? 3.02167 4.37388 6.25748 0.37505  -0.14408 -1.48025 213 DG C "C2'" 
662 C "C1'" . DG C 5  ? 3.25787 4.22825 6.16338 0.43067  -0.06990 -1.31439 213 DG C "C1'" 
663 N N9    . DG C 5  ? 3.36095 4.18625 5.98772 0.42814  -0.14400 -1.29976 213 DG C N9    
664 C C8    . DG C 5  ? 3.35173 4.38474 5.88273 0.39702  -0.22491 -1.31844 213 DG C C8    
665 N N7    . DG C 5  ? 3.44187 4.27899 5.72125 0.40112  -0.27892 -1.30398 213 DG C N7    
666 C C5    . DG C 5  ? 3.50785 3.97921 5.70979 0.43717  -0.23631 -1.27239 213 DG C C5    
667 C C6    . DG C 5  ? 3.58935 3.72076 5.53951 0.45569  -0.26978 -1.24462 213 DG C C6    
668 O O6    . DG C 5  ? 3.63361 3.72636 5.38123 0.44698  -0.34210 -1.24448 213 DG C O6    
669 N N1    . DG C 5  ? 3.61317 3.42289 5.55573 0.48355  -0.21243 -1.21499 213 DG C N1    
670 C C2    . DG C 5  ? 3.56163 3.38208 5.71493 0.49145  -0.12762 -1.21501 213 DG C C2    
671 N N2    . DG C 5  ? 3.59581 3.06736 5.69013 0.51097  -0.08223 -1.18360 213 DG C N2    
672 N N3    . DG C 5  ? 3.47381 3.62049 5.87498 0.47756  -0.09213 -1.24391 213 DG C N3    
673 C C4    . DG C 5  ? 3.46076 3.91788 5.86987 0.45148  -0.15226 -1.26963 213 DG C C4    
674 P P     . DC C 6  ? 2.96962 4.48462 6.85596 0.37586  -0.00747 -1.58453 214 DC C P     
675 O OP1   . DC C 6  ? 2.84071 4.57736 7.01316 0.37268  0.05912  -1.59837 214 DC C OP1   
676 O OP2   . DC C 6  ? 2.80585 4.52790 6.73907 0.32560  -0.13987 -1.71993 214 DC C OP2   
677 O "O5'" . DC C 6  ? 3.02261 4.08522 6.76461 0.41112  0.04744  -1.53571 214 DC C "O5'" 
678 C "C5'" . DC C 6  ? 3.18242 3.90410 6.58433 0.43566  0.03414  -1.45487 214 DC C "C5'" 
679 C "C4'" . DC C 6  ? 3.20296 3.64234 6.56440 0.43491  0.00228  -1.50096 214 DC C "C4'" 
680 O "O4'" . DC C 6  ? 3.32638 3.54827 6.39615 0.44191  -0.06780 -1.47225 214 DC C "O4'" 
681 C "C3'" . DC C 6  ? 3.02701 3.71434 6.68911 0.39254  -0.08698 -1.67265 214 DC C "C3'" 
682 O "O3'" . DC C 6  ? 3.15578 3.56460 6.84730 0.39953  -0.06981 -1.68935 214 DC C "O3'" 
683 C "C2'" . DC C 6  ? 3.01468 3.80647 6.58237 0.36665  -0.21714 -1.74884 214 DC C "C2'" 
684 C "C1'" . DC C 6  ? 3.22237 3.59773 6.40893 0.40504  -0.19698 -1.61846 214 DC C "C1'" 
685 N N1    . DC C 6  ? 3.27428 3.72337 6.26911 0.39442  -0.27898 -1.61944 214 DC C N1    
686 C C2    . DC C 6  ? 3.35041 3.51118 6.11074 0.40450  -0.34326 -1.60939 214 DC C C2    
687 O O2    . DC C 6  ? 3.37688 3.22133 6.09038 0.42084  -0.33489 -1.59683 214 DC C O2    
688 N N3    . DC C 6  ? 3.37638 3.60631 5.96236 0.39320  -0.41568 -1.61282 214 DC C N3    
689 C C4    . DC C 6  ? 3.32505 3.89188 5.95705 0.36850  -0.42556 -1.62425 214 DC C C4    
690 N N4    . DC C 6  ? 3.32182 3.94321 5.77007 0.35240  -0.49665 -1.62853 214 DC C N4    
691 C C5    . DC C 6  ? 3.25434 4.11316 6.12169 0.35585  -0.36669 -1.63239 214 DC C C5    
692 C C6    . DC C 6  ? 3.21245 4.00265 6.25789 0.37170  -0.29403 -1.62988 214 DC C C6    
693 O "O5'" . DT D 1  ? 5.16050 4.28612 2.37108 0.00756  1.18823  -0.28669 101 DT D "O5'" 
694 C "C5'" . DT D 1  ? 5.43024 4.47192 2.35819 -0.02669 1.14769  -0.24417 101 DT D "C5'" 
695 C "C4'" . DT D 1  ? 5.90290 4.68480 2.40751 -0.09724 1.09017  -0.31520 101 DT D "C4'" 
696 O "O4'" . DT D 1  ? 6.01089 4.72839 2.48566 -0.11681 1.15114  -0.40403 101 DT D "O4'" 
697 C "C3'" . DT D 1  ? 6.03060 4.68038 2.39930 -0.12511 1.00623  -0.36879 101 DT D "C3'" 
698 O "O3'" . DT D 1  ? 6.21361 4.82491 2.42731 -0.13648 0.88394  -0.28756 101 DT D "O3'" 
699 C "C2'" . DT D 1  ? 6.47390 4.89120 2.51840 -0.20314 0.95399  -0.48320 101 DT D "C2'" 
700 C "C1'" . DT D 1  ? 6.28105 4.79745 2.51347 -0.17491 1.09004  -0.50747 101 DT D "C1'" 
701 N N1    . DT D 1  ? 6.05190 4.64566 2.56115 -0.14564 1.16407  -0.58719 101 DT D N1    
702 C C2    . DT D 1  ? 6.31768 4.75342 2.67300 -0.19937 1.13784  -0.71534 101 DT D C2    
703 O O2    . DT D 1  ? 6.79781 5.02146 2.78659 -0.27477 1.03728  -0.76832 101 DT D O2    
704 N N3    . DT D 1  ? 6.05344 4.59049 2.71776 -0.16594 1.21002  -0.77964 101 DT D N3    
705 C C4    . DT D 1  ? 5.60119 4.36330 2.68463 -0.08999 1.28297  -0.71837 101 DT D C4    
706 O O4    . DT D 1  ? 5.40850 4.24119 2.74611 -0.06955 1.32234  -0.77191 101 DT D O4    
707 C C5    . DT D 1  ? 5.39119 4.29468 2.59433 -0.04399 1.28245  -0.58704 101 DT D C5    
708 C C7    . DT D 1  ? 4.93663 4.06309 2.56001 0.02241  1.30774  -0.51742 101 DT D C7    
709 C C6    . DT D 1  ? 5.61274 4.43453 2.53866 -0.07135 1.23370  -0.53299 101 DT D C6    
710 P P     . DC D 2  ? 6.20085 4.56579 1.94797 -0.22500 0.68964  -0.28763 102 DC D P     
711 O OP1   . DC D 2  ? 6.34912 4.63682 1.91913 -0.26144 0.72613  -0.29958 102 DC D OP1   
712 O OP2   . DC D 2  ? 6.13740 4.56260 1.89358 -0.20683 0.58116  -0.17540 102 DC D OP2   
713 O "O5'" . DC D 2  ? 6.49762 4.65435 2.04718 -0.29155 0.54395  -0.41706 102 DC D "O5'" 
714 C "C5'" . DC D 2  ? 6.98783 4.90357 2.16726 -0.38880 0.31612  -0.46398 102 DC D "C5'" 
715 C "C4'" . DC D 2  ? 7.06668 4.98451 2.49150 -0.41600 0.15033  -0.58452 102 DC D "C4'" 
716 O "O4'" . DC D 2  ? 6.82936 4.82332 2.46610 -0.38081 0.36380  -0.68102 102 DC D "O4'" 
717 C "C3'" . DC D 2  ? 6.85808 4.96998 2.74683 -0.37836 -0.03185 -0.55364 102 DC D "C3'" 
718 O "O3'" . DC D 2  ? 7.11764 5.15921 3.10438 -0.43772 -0.31011 -0.63571 102 DC D "O3'" 
719 C "C2'" . DC D 2  ? 6.40995 4.72632 2.72021 -0.30083 0.18533  -0.59170 102 DC D "C2'" 
720 C "C1'" . DC D 2  ? 6.54746 4.74149 2.70734 -0.33532 0.30914  -0.71473 102 DC D "C1'" 
721 N N1    . DC D 2  ? 6.14876 4.46627 2.54887 -0.27311 0.58205  -0.76023 102 DC D N1    
722 C C2    . DC D 2  ? 6.13197 4.45436 2.73039 -0.28659 0.61069  -0.89545 102 DC D C2    
723 O O2    . DC D 2  ? 6.44044 4.66774 3.01699 -0.34779 0.41097  -0.97512 102 DC D O2    
724 N N3    . DC D 2  ? 5.76479 4.18568 2.56768 -0.23368 0.85277  -0.93601 102 DC D N3    
725 C C4    . DC D 2  ? 5.42588 3.93408 2.24768 -0.16828 1.05264  -0.84759 102 DC D C4    
726 N N4    . DC D 2  ? 5.01686 3.70580 2.21877 -0.10635 1.19606  -0.84164 102 DC D N4    
727 C C5    . DC D 2  ? 5.42442 3.94374 2.07727 -0.14921 1.02246  -0.70688 102 DC D C5    
728 C C6    . DC D 2  ? 5.79351 4.21237 2.22602 -0.20425 0.79305  -0.67055 102 DC D C6    
729 P P     . DT D 3  ? 6.36088 4.60325 2.94705 -0.40524 -0.43257 -0.69792 103 DT D P     
730 O OP1   . DT D 3  ? 6.07127 4.50438 2.92135 -0.34336 -0.44944 -0.58647 103 DT D OP1   
731 O OP2   . DT D 3  ? 6.19348 4.48380 2.98548 -0.38845 -0.25565 -0.81724 103 DT D OP2   
732 O "O5'" . DT D 3  ? 6.65063 4.75782 3.21296 -0.48379 -0.77897 -0.76006 103 DT D "O5'" 
733 C "C5'" . DT D 3  ? 6.49703 4.73262 3.45562 -0.47448 -1.01443 -0.75165 103 DT D "C5'" 
734 C "C4'" . DT D 3  ? 6.22115 4.63318 3.73124 -0.44199 -0.98096 -0.86022 103 DT D "C4'" 
735 O "O4'" . DT D 3  ? 6.03839 4.50893 3.59181 -0.40113 -0.66538 -0.90790 103 DT D "O4'" 
736 C "C3'" . DT D 3  ? 5.85622 4.50613 3.85576 -0.38491 -1.03463 -0.81181 103 DT D "C3'" 
737 O "O3'" . DT D 3  ? 5.69963 4.43037 4.15869 -0.39881 -1.18653 -0.92587 103 DT D "O3'" 
738 C "C2'" . DT D 3  ? 5.52585 4.32372 3.63965 -0.30812 -0.70168 -0.77459 103 DT D "C2'" 
739 C "C1'" . DT D 3  ? 5.58206 4.28804 3.60314 -0.33022 -0.54512 -0.89575 103 DT D "C1'" 
740 N N1    . DT D 3  ? 5.35357 4.11357 3.31175 -0.27425 -0.20411 -0.87548 103 DT D N1    
741 C C2    . DT D 3  ? 5.20295 3.98056 3.31620 -0.26796 -0.03737 -0.99035 103 DT D C2    
742 O O2    . DT D 3  ? 5.26849 4.02194 3.56385 -0.30581 -0.14433 -1.10933 103 DT D O2    
743 N N3    . DT D 3  ? 4.97626 3.79279 3.01870 -0.21652 0.25742  -0.96177 103 DT D N3    
744 C C4    . DT D 3  ? 4.89181 3.73582 2.74915 -0.16951 0.39963  -0.83461 103 DT D C4    
745 O O4    . DT D 3  ? 4.75075 3.62202 2.57230 -0.12457 0.65595  -0.82194 103 DT D O4    
746 C C5    . DT D 3  ? 4.98724 3.81946 2.69866 -0.17757 0.22069  -0.71891 103 DT D C5    
747 C C7    . DT D 3  ? 4.90576 3.76671 2.42048 -0.12906 0.35445  -0.57730 103 DT D C7    
748 C C6    . DT D 3  ? 5.26211 4.05297 3.02609 -0.22950 -0.06955 -0.74388 103 DT D C6    
749 P P     . DG D 4  ? 5.90723 4.47364 4.32304 -0.47139 -1.33758 -1.07202 104 DG D P     
750 O OP1   . DG D 4  ? 5.91238 4.43976 4.22609 -0.46530 -1.07870 -1.15171 104 DG D OP1   
751 O OP2   . DG D 4  ? 6.32154 4.67689 4.37178 -0.54046 -1.61536 -1.04032 104 DG D OP2   
752 O "O5'" . DG D 4  ? 5.65114 4.38076 4.68850 -0.46377 -1.47787 -1.16663 104 DG D "O5'" 
753 C "C5'" . DG D 4  ? 5.60444 4.34668 4.89433 -0.47693 -1.41393 -1.31418 104 DG D "C5'" 
754 C "C4'" . DG D 4  ? 5.15867 4.12726 4.90572 -0.41356 -1.18821 -1.34098 104 DG D "C4'" 
755 O "O4'" . DG D 4  ? 5.02192 4.02652 4.54571 -0.36072 -0.88616 -1.25686 104 DG D "O4'" 
756 C "C3'" . DG D 4  ? 4.85235 4.01526 5.05497 -0.37991 -1.29847 -1.29804 104 DG D "C3'" 
757 O "O3'" . DG D 4  ? 4.56098 3.87163 5.27133 -0.36124 -1.20185 -1.40374 104 DG D "O3'" 
758 C "C2'" . DG D 4  ? 4.66634 3.91081 4.70177 -0.31796 -1.10602 -1.14969 104 DG D "C2'" 
759 C "C1'" . DG D 4  ? 4.64214 3.84887 4.50957 -0.29964 -0.80222 -1.19162 104 DG D "C1'" 
760 N N9    . DG D 4  ? 4.53315 3.76559 4.14753 -0.24600 -0.56998 -1.07136 104 DG D N9    
761 C C8    . DG D 4  ? 4.58502 3.80255 3.93134 -0.22807 -0.61129 -0.92763 104 DG D C8    
762 N N7    . DG D 4  ? 4.44908 3.70047 3.63886 -0.17556 -0.36021 -0.84738 104 DG D N7    
763 C C5    . DG D 4  ? 4.29671 3.58513 3.66181 -0.15795 -0.14477 -0.94318 104 DG D C5    
764 C C6    . DG D 4  ? 4.11769 3.44124 3.43354 -0.10573 0.15811  -0.92034 104 DG D C6    
765 O O6    . DG D 4  ? 4.04986 3.38429 3.16471 -0.06090 0.30274  -0.80808 104 DG D O6    
766 N N1    . DG D 4  ? 4.01829 3.35879 3.55395 -0.10946 0.29047  -1.04719 104 DG D N1    
767 C C2    . DG D 4  ? 4.07877 3.41036 3.85924 -0.15675 0.15456  -1.18011 104 DG D C2    
768 N N2    . DG D 4  ? 3.96629 3.31456 3.93092 -0.15431 0.32241  -1.29072 104 DG D N2    
769 N N3    . DG D 4  ? 4.24090 3.54365 4.08652 -0.20363 -0.12883 -1.20443 104 DG D N3    
770 C C4    . DG D 4  ? 4.34433 3.62393 3.96901 -0.20148 -0.26690 -1.08088 104 DG D C4    
771 P P     . DA D 5  ? 4.84037 4.12869 5.90211 -0.41413 -1.38951 -1.56897 105 DA D P     
772 O OP1   . DA D 5  ? 5.25761 4.32895 5.96871 -0.47908 -1.62006 -1.59634 105 DA D OP1   
773 O OP2   . DA D 5  ? 4.44457 3.91181 6.04436 -0.39748 -1.50616 -1.58207 105 DA D OP2   
774 O "O5'" . DA D 5  ? 4.65866 3.97239 5.84153 -0.40292 -1.11032 -1.68018 105 DA D "O5'" 
775 C "C5'" . DA D 5  ? 4.69338 3.97621 5.54833 -0.36841 -0.81960 -1.62706 105 DA D "C5'" 
776 C "C4'" . DA D 5  ? 4.26944 3.72520 5.44344 -0.31015 -0.56040 -1.61974 105 DA D "C4'" 
777 O "O4'" . DA D 5  ? 4.25220 3.73354 5.15732 -0.25712 -0.39611 -1.47332 105 DA D "O4'" 
778 C "C3'" . DA D 5  ? 3.88802 3.51710 5.61720 -0.29785 -0.65548 -1.64494 105 DA D "C3'" 
779 O "O3'" . DA D 5  ? 3.69595 3.39139 5.79535 -0.30101 -0.50827 -1.77580 105 DA D "O3'" 
780 C "C2'" . DA D 5  ? 3.70102 3.44539 5.41913 -0.23527 -0.55011 -1.49341 105 DA D "C2'" 
781 C "C1'" . DA D 5  ? 3.87177 3.52848 5.13180 -0.20702 -0.31405 -1.42265 105 DA D "C1'" 
782 N N9    . DA D 5  ? 3.91705 3.59454 4.92546 -0.16498 -0.29654 -1.25673 105 DA D N9    
783 C C8    . DA D 5  ? 4.06711 3.73342 4.95891 -0.17495 -0.52777 -1.16460 105 DA D C8    
784 N N7    . DA D 5  ? 4.06904 3.75730 4.72986 -0.13028 -0.44432 -1.02021 105 DA D N7    
785 C C5    . DA D 5  ? 3.91369 3.62698 4.54378 -0.08668 -0.14171 -1.01786 105 DA D C5    
786 C C6    . DA D 5  ? 3.77658 3.51566 4.21679 -0.02718 0.07195  -0.90073 105 DA D C6    
787 N N6    . DA D 5  ? 3.84251 3.59431 4.07942 -0.00036 0.01702  -0.75700 105 DA D N6    
788 N N1    . DA D 5  ? 3.50836 3.25290 3.97763 0.00300  0.34112  -0.93864 105 DA D N1    
789 C C2    . DA D 5  ? 3.46498 3.19305 4.13092 -0.02609 0.39665  -1.08294 105 DA D C2    
790 N N3    . DA D 5  ? 3.60988 3.31950 4.46812 -0.08139 0.22199  -1.20279 105 DA D N3    
791 C C4    . DA D 5  ? 3.81848 3.52176 4.65299 -0.10861 -0.04865 -1.16242 105 DA D C4    
792 P P     . DT D 6  ? 3.76947 3.63637 6.49035 -0.29664 -0.55583 -1.83901 106 DT D P     
793 O OP1   . DT D 6  ? 3.70156 3.55000 6.69440 -0.33853 -0.56689 -2.00520 106 DT D OP1   
794 O OP2   . DT D 6  ? 3.71416 3.64222 6.54586 -0.29523 -0.80972 -1.75830 106 DT D OP2   
795 O "O5'" . DT D 6  ? 3.45716 3.43045 6.27222 -0.23670 -0.24805 -1.77932 106 DT D "O5'" 
796 C "C5'" . DT D 6  ? 3.43996 3.34644 6.02464 -0.22057 0.02586  -1.79841 106 DT D "C5'" 
797 C "C4'" . DT D 6  ? 3.16781 3.13987 5.67943 -0.15589 0.25175  -1.67667 106 DT D "C4'" 
798 O "O4'" . DT D 6  ? 3.36417 3.31339 5.52660 -0.12826 0.17179  -1.52236 106 DT D "O4'" 
799 C "C3'" . DT D 6  ? 2.73467 2.86069 5.70774 -0.13060 0.29373  -1.66763 106 DT D "C3'" 
800 O "O3'" . DT D 6  ? 2.55042 2.77115 5.58796 -0.13482 0.52967  -1.62514 106 DT D "O3'" 
801 C "C2'" . DT D 6  ? 2.66813 2.85126 5.48272 -0.07663 0.27963  -1.48933 106 DT D "C2'" 
802 C "C1'" . DT D 6  ? 3.03018 3.08545 5.29719 -0.07037 0.29479  -1.41256 106 DT D "C1'" 
803 N N1    . DT D 6  ? 3.23829 3.31045 5.29634 -0.04834 0.14117  -1.26443 106 DT D N1    
804 C C2    . DT D 6  ? 3.11911 3.19637 4.92426 0.00777  0.29334  -1.12681 106 DT D C2    
805 O O2    . DT D 6  ? 2.88050 2.94126 4.61534 0.04082  0.54292  -1.12009 106 DT D O2    
806 N N3    . DT D 6  ? 3.26946 3.36388 4.90336 0.02290  0.13752  -0.99759 106 DT D N3    
807 C C4    . DT D 6  ? 3.49518 3.59566 5.17778 -0.01310 -0.15483 -0.99163 106 DT D C4    
808 O O4    . DT D 6  ? 3.54979 3.65722 5.05206 0.00183  -0.27666 -0.86957 106 DT D O4    
809 C C5    . DT D 6  ? 3.51280 3.60350 5.47425 -0.07048 -0.31031 -1.14067 106 DT D C5    
810 C C7    . DT D 6  ? 3.64454 3.72772 5.69177 -0.11384 -0.64244 -1.15166 106 DT D C7    
811 C C6    . DT D 6  ? 3.42395 3.50565 5.56520 -0.08426 -0.15340 -1.26868 106 DT D C6    
812 P P     . DG D 7  ? 2.73671 3.15942 6.12735 -0.17422 0.55943  -1.53662 107 DG D P     
813 O OP1   . DG D 7  ? 2.67530 3.11459 6.03437 -0.25456 0.69606  -1.51279 107 DG D OP1   
814 O OP2   . DG D 7  ? 2.71156 3.24726 6.50746 -0.13970 0.35542  -1.61406 107 DG D OP2   
815 O "O5'" . DG D 7  ? 2.57903 2.94667 5.71586 -0.15814 0.62743  -1.35385 107 DG D "O5'" 
816 C "C5'" . DG D 7  ? 2.52845 2.78510 5.29008 -0.18733 0.77761  -1.20421 107 DG D "C5'" 
817 C "C4'" . DG D 7  ? 2.50421 2.69713 4.92691 -0.11206 0.81281  -1.06077 107 DG D "C4'" 
818 O "O4'" . DG D 7  ? 2.59789 2.84255 5.10659 -0.03233 0.73479  -1.14387 107 DG D "O4'" 
819 C "C3'" . DG D 7  ? 2.34207 2.50629 4.69481 -0.11311 0.78288  -0.90515 107 DG D "C3'" 
820 O "O3'" . DG D 7  ? 2.30340 2.34933 4.38739 -0.14910 0.84684  -0.78751 107 DG D "O3'" 
821 C "C2'" . DG D 7  ? 2.36073 2.55774 4.55684 -0.01805 0.76616  -0.82695 107 DG D "C2'" 
822 C "C1'" . DG D 7  ? 2.55021 2.79827 4.86640 0.02732  0.74492  -0.99265 107 DG D "C1'" 
823 N N9    . DG D 7  ? 2.65620 3.00926 5.24886 0.09298  0.58966  -1.05553 107 DG D N9    
824 C C8    . DG D 7  ? 2.88608 3.26913 5.72123 0.05065  0.36382  -1.15901 107 DG D C8    
825 N N7    . DG D 7  ? 3.05399 3.47779 5.84512 0.05250  0.14190  -1.07297 107 DG D N7    
826 C C5    . DG D 7  ? 2.92085 3.35510 5.45905 0.11089  0.24549  -0.91739 107 DG D C5    
827 C C6    . DG D 7  ? 3.01812 3.49072 5.40098 0.13790  0.10439  -0.77266 107 DG D C6    
828 O O6    . DG D 7  ? 3.20985 3.70908 5.63638 0.11335  -0.15179 -0.75207 107 DG D O6    
829 N N1    . DG D 7  ? 2.83584 3.30591 4.98786 0.19882  0.28698  -0.64393 107 DG D N1    
830 C C2    . DG D 7  ? 2.59394 3.02378 4.67946 0.22999  0.56217  -0.65408 107 DG D C2    
831 N N2    . DG D 7  ? 2.46888 2.88887 4.31387 0.28377  0.68696  -0.51224 107 DG D N2    
832 N N3    . DG D 7  ? 2.52187 2.88974 4.67541 0.18657  0.66906  -0.76511 107 DG D N3    
833 C C4    . DG D 7  ? 2.66954 3.06466 5.10993 0.14411  0.52551  -0.91437 107 DG D C4    
834 P P     . DT D 8  ? 2.65942 2.61860 4.95586 -0.26599 0.86123  -0.79773 108 DT D P     
835 O OP1   . DT D 8  ? 2.75312 2.62840 4.90502 -0.30329 0.94726  -0.77652 108 DT D OP1   
836 O OP2   . DT D 8  ? 2.57545 2.64333 5.10291 -0.25072 0.75516  -0.87907 108 DT D OP2   
837 O "O5'" . DT D 8  ? 2.61138 2.49773 4.77695 -0.23210 0.84322  -0.66484 108 DT D "O5'" 
838 C "C5'" . DT D 8  ? 2.51357 2.46193 4.80038 -0.19440 0.74942  -0.65473 108 DT D "C5'" 
839 C "C4'" . DT D 8  ? 2.48286 2.43964 4.53508 -0.11364 0.74587  -0.52445 108 DT D "C4'" 
840 O "O4'" . DT D 8  ? 2.49295 2.60577 4.45531 -0.01259 0.69808  -0.53358 108 DT D "O4'" 
841 C "C3'" . DT D 8  ? 2.44666 2.38749 4.55250 -0.10166 0.68215  -0.45340 108 DT D "C3'" 
842 O "O3'" . DT D 8  ? 2.45244 2.26224 4.42284 -0.13015 0.72596  -0.37125 108 DT D "O3'" 
843 C "C2'" . DT D 8  ? 2.38405 2.43946 4.29971 0.00132  0.64729  -0.36332 108 DT D "C2'" 
844 C "C1'" . DT D 8  ? 2.43625 2.62373 4.33334 0.05755  0.63320  -0.44181 108 DT D "C1'" 
845 N N1    . DT D 8  ? 2.44943 2.76245 4.69803 0.07573  0.52939  -0.53637 108 DT D N1    
846 C C2    . DT D 8  ? 2.42203 2.83895 4.69297 0.14177  0.44746  -0.46725 108 DT D C2    
847 O O2    . DT D 8  ? 2.41996 2.83082 4.41927 0.18590  0.48556  -0.33768 108 DT D O2    
848 N N3    . DT D 8  ? 2.44521 2.97605 5.06843 0.15074  0.28100  -0.55430 108 DT D N3    
849 C C4    . DT D 8  ? 2.55328 3.09092 5.49631 0.10456  0.19051  -0.71441 108 DT D C4    
850 O O4    . DT D 8  ? 2.72003 3.34467 5.92143 0.11128  -0.01852 -0.77106 108 DT D O4    
851 C C5    . DT D 8  ? 2.56928 2.99404 5.48132 0.03764  0.32450  -0.79464 108 DT D C5    
852 C C7    . DT D 8  ? 2.67382 3.08765 5.91814 -0.01403 0.25049  -0.97640 108 DT D C7    
853 C C6    . DT D 8  ? 2.52622 2.85141 5.09354 0.02240  0.48240  -0.69317 108 DT D C6    
# 
